data_2YBT
#
_entry.id   2YBT
#
_cell.length_a   145.207
_cell.length_b   149.066
_cell.length_c   152.082
_cell.angle_alpha   90.00
_cell.angle_beta   90.00
_cell.angle_gamma   90.00
#
_symmetry.space_group_name_H-M   'P 21 21 21'
#
loop_
_entity.id
_entity.type
_entity.pdbx_description
1 polymer 'ACIDIC MAMMALIAN CHITINASE'
2 non-polymer GLYCEROL
3 non-polymer "1,1'-PROPANE-1,3-DIYLBIS(3,7-DIMETHYL-3,7-DIHYDRO-1H-PURINE-2,6-DIONE)"
4 water water
#
_entity_poly.entity_id   1
_entity_poly.type   'polypeptide(L)'
_entity_poly.pdbx_seq_one_letter_code
;EAEAYQLTCYFTNWAQYRPGLGRFMPDDINPCLCTHLIYAFAGMQNNEITTIEWNDVTLYQAFNGLKNKNSQLKTLLAIG
GWNFGTAPFTAMVSTPENRQTFITSVIKFLRQYEFDGLDFDWEYPGSRGSPPQDKHLFTVLVQEMREAFEQEAKQINKPR
LMVTAAVAAGISNIQSGYEIPQLSQYLDYIHVMTYDLHGSWEGYTGENSPLYKYPTDTGSNAYLNVDYVMNYWKDNGAPA
EKLIVGFPTYGHNFILSNPSNTGIGAPTSGAGPAGPYAKESGIWAYYEICTFLKNGATQGWDAPQEVPYAYQGNVWVGYD
NIKSFDIKAQWLKHNKFGGAMVWAIDLDDFTGTFCNQGKFPLISTLKKALGLQSASCTAPA
;
_entity_poly.pdbx_strand_id   A,B,C,D,E,F
#
loop_
_chem_comp.id
_chem_comp.type
_chem_comp.name
_chem_comp.formula
DW0 non-polymer 1,1'-PROPANE-1,3-DIYLBIS(3,7-DIMETHYL-3,7-DIHYDRO-1H-PURINE-2,6-DIONE) 'C17 H20 N8 O4'
GOL non-polymer GLYCEROL 'C3 H8 O3'
#
# COMPACT_ATOMS: atom_id res chain seq x y z
N ALA A 4 27.62 36.45 38.94
CA ALA A 4 27.30 35.00 39.16
C ALA A 4 25.91 34.60 38.58
N TYR A 5 24.82 35.32 38.92
CA TYR A 5 23.50 35.13 38.26
C TYR A 5 23.06 36.32 37.42
N GLN A 6 22.45 36.03 36.28
CA GLN A 6 21.80 37.07 35.50
C GLN A 6 20.33 37.16 35.92
N LEU A 7 19.74 38.35 35.72
CA LEU A 7 18.30 38.57 35.91
C LEU A 7 17.89 39.39 34.71
N THR A 8 17.31 38.73 33.73
CA THR A 8 16.98 39.35 32.47
C THR A 8 15.50 39.69 32.43
N CYS A 9 15.11 40.92 32.04
CA CYS A 9 13.68 41.28 32.13
C CYS A 9 13.16 41.74 30.79
N TYR A 10 12.03 41.19 30.35
CA TYR A 10 11.42 41.68 29.06
C TYR A 10 10.50 42.87 29.35
N PHE A 11 10.61 43.89 28.50
CA PHE A 11 9.79 45.06 28.42
C PHE A 11 9.03 44.92 27.15
N THR A 12 7.72 45.10 27.18
CA THR A 12 6.94 44.98 25.94
C THR A 12 6.47 46.37 25.41
N ASN A 13 6.61 46.61 24.09
CA ASN A 13 6.24 47.95 23.64
C ASN A 13 4.74 48.23 23.41
N TRP A 14 3.86 47.30 23.75
CA TRP A 14 2.44 47.59 23.69
C TRP A 14 1.88 47.86 25.11
N ALA A 15 2.69 47.70 26.16
CA ALA A 15 2.24 47.99 27.50
C ALA A 15 1.92 49.52 27.67
N GLN A 16 2.50 50.36 26.80
CA GLN A 16 2.22 51.79 26.81
C GLN A 16 0.75 52.08 26.52
N TYR A 17 0.03 51.13 25.90
CA TYR A 17 -1.37 51.34 25.54
C TYR A 17 -2.37 50.87 26.58
N ARG A 18 -1.91 50.35 27.72
CA ARG A 18 -2.82 49.95 28.76
C ARG A 18 -3.33 51.17 29.53
N PRO A 19 -4.55 51.12 30.03
CA PRO A 19 -5.17 52.31 30.62
C PRO A 19 -4.63 52.61 31.97
N GLY A 20 -4.64 53.89 32.32
CA GLY A 20 -4.43 54.29 33.73
C GLY A 20 -3.21 53.70 34.36
N LEU A 21 -3.37 53.04 35.51
CA LEU A 21 -2.19 52.51 36.23
C LEU A 21 -1.41 51.39 35.54
N GLY A 22 -2.03 50.77 34.55
CA GLY A 22 -1.33 49.73 33.80
C GLY A 22 -0.39 50.22 32.74
N ARG A 23 -0.48 51.49 32.35
CA ARG A 23 0.44 51.99 31.29
C ARG A 23 1.88 51.85 31.74
N PHE A 24 2.74 51.25 30.92
CA PHE A 24 4.14 51.08 31.30
C PHE A 24 5.05 51.48 30.18
N MET A 25 5.93 52.43 30.49
CA MET A 25 6.91 53.04 29.58
C MET A 25 8.35 52.75 30.13
N PRO A 26 9.36 52.90 29.28
CA PRO A 26 10.74 52.59 29.72
C PRO A 26 11.16 53.32 30.98
N ASP A 27 10.70 54.56 31.15
CA ASP A 27 10.94 55.36 32.35
C ASP A 27 10.44 54.68 33.64
N ASP A 28 9.45 53.79 33.52
CA ASP A 28 9.02 53.08 34.70
C ASP A 28 9.96 51.93 35.16
N ILE A 29 11.05 51.69 34.44
CA ILE A 29 11.93 50.59 34.80
C ILE A 29 12.95 51.09 35.83
N ASN A 30 13.03 50.44 36.97
CA ASN A 30 14.07 50.79 37.91
C ASN A 30 15.37 50.23 37.32
N PRO A 31 16.38 51.11 37.06
CA PRO A 31 17.63 50.64 36.43
C PRO A 31 18.46 49.68 37.30
N CYS A 32 18.20 49.64 38.61
CA CYS A 32 18.92 48.71 39.50
C CYS A 32 18.34 47.31 39.60
N LEU A 33 17.14 47.13 39.08
CA LEU A 33 16.41 45.90 39.26
C LEU A 33 16.98 44.68 38.49
N CYS A 34 17.10 44.77 37.20
CA CYS A 34 17.54 43.64 36.37
C CYS A 34 19.01 43.81 35.96
N THR A 35 19.75 42.74 35.63
CA THR A 35 21.09 42.88 35.01
C THR A 35 20.98 43.09 33.51
N HIS A 36 19.89 42.61 32.89
CA HIS A 36 19.67 42.77 31.45
C HIS A 36 18.21 43.11 31.15
N LEU A 37 17.97 43.90 30.13
CA LEU A 37 16.58 44.25 29.82
C LEU A 37 16.45 43.95 28.33
N ILE A 38 15.32 43.35 27.97
CA ILE A 38 15.07 43.01 26.58
C ILE A 38 13.86 43.72 26.12
N TYR A 39 13.98 44.42 25.02
CA TYR A 39 12.91 45.18 24.39
C TYR A 39 12.14 44.30 23.39
N ALA A 40 10.90 44.03 23.69
CA ALA A 40 10.03 43.28 22.80
C ALA A 40 9.04 44.22 22.12
N PHE A 41 8.97 44.31 20.77
CA PHE A 41 9.76 43.55 19.79
C PHE A 41 10.14 44.49 18.64
N ALA A 42 11.20 44.15 17.90
CA ALA A 42 11.42 44.74 16.59
C ALA A 42 10.72 43.81 15.56
N GLY A 43 10.55 44.27 14.32
CA GLY A 43 10.02 43.47 13.25
C GLY A 43 11.00 43.37 12.08
N MET A 44 10.48 43.10 10.91
CA MET A 44 11.32 42.82 9.75
C MET A 44 10.59 43.22 8.50
N GLN A 45 11.30 43.84 7.55
CA GLN A 45 10.73 44.31 6.28
C GLN A 45 11.82 44.11 5.17
N ASN A 46 11.48 43.48 4.04
CA ASN A 46 12.51 43.07 3.03
C ASN A 46 13.85 42.61 3.67
N ASN A 47 13.77 41.69 4.64
CA ASN A 47 14.93 41.06 5.25
C ASN A 47 15.77 41.97 6.12
N GLU A 48 15.21 43.09 6.58
CA GLU A 48 15.96 44.02 7.44
C GLU A 48 15.17 44.29 8.71
N ILE A 49 15.86 44.34 9.84
CA ILE A 49 15.23 44.67 11.10
C ILE A 49 14.58 46.07 11.04
N THR A 50 13.47 46.25 11.75
CA THR A 50 12.72 47.46 11.69
C THR A 50 11.86 47.67 12.94
N THR A 51 11.40 48.89 13.14
CA THR A 51 10.55 49.18 14.26
C THR A 51 9.10 48.70 13.94
N ILE A 52 8.23 48.68 14.94
CA ILE A 52 6.84 48.31 14.75
C ILE A 52 5.81 49.30 15.36
N GLU A 53 6.17 50.05 16.41
CA GLU A 53 5.30 51.15 16.90
C GLU A 53 5.79 52.50 16.36
N TRP A 54 4.84 53.39 16.11
CA TRP A 54 5.19 54.76 15.68
C TRP A 54 6.22 55.43 16.60
N ASN A 55 6.20 55.15 17.90
CA ASN A 55 7.13 55.84 18.77
C ASN A 55 8.34 54.99 19.23
N ASP A 56 8.63 53.88 18.58
CA ASP A 56 9.73 53.02 19.03
C ASP A 56 11.07 53.75 19.20
N VAL A 57 11.49 54.56 18.23
CA VAL A 57 12.78 55.30 18.35
C VAL A 57 12.82 56.12 19.66
N THR A 58 11.73 56.83 20.00
CA THR A 58 11.68 57.57 21.28
C THR A 58 11.79 56.55 22.45
N LEU A 59 11.09 55.41 22.36
CA LEU A 59 11.23 54.43 23.46
C LEU A 59 12.62 53.86 23.56
N TYR A 60 13.25 53.57 22.42
CA TYR A 60 14.63 53.01 22.43
C TYR A 60 15.55 53.93 23.25
N GLN A 61 15.35 55.23 23.04
CA GLN A 61 16.21 56.28 23.63
C GLN A 61 16.05 56.25 25.10
N ALA A 62 14.80 56.23 25.56
CA ALA A 62 14.59 56.18 26.99
C ALA A 62 15.05 54.82 27.56
N PHE A 63 14.88 53.74 26.80
CA PHE A 63 15.20 52.42 27.34
C PHE A 63 16.73 52.26 27.48
N ASN A 64 17.44 52.49 26.39
CA ASN A 64 18.89 52.53 26.41
C ASN A 64 19.47 53.62 27.33
N GLY A 65 18.72 54.70 27.57
CA GLY A 65 19.21 55.79 28.45
C GLY A 65 19.26 55.35 29.89
N LEU A 66 18.61 54.24 30.23
CA LEU A 66 18.72 53.77 31.62
C LEU A 66 20.16 53.32 31.92
N LYS A 67 20.94 53.08 30.88
CA LYS A 67 22.35 52.73 31.01
C LYS A 67 23.21 53.92 31.58
N ASN A 68 22.67 55.14 31.49
CA ASN A 68 23.18 56.31 32.20
C ASN A 68 22.99 56.29 33.68
N LYS A 69 22.11 55.45 34.19
CA LYS A 69 22.00 55.44 35.62
C LYS A 69 22.71 54.25 36.23
N ASN A 70 23.00 53.24 35.43
CA ASN A 70 23.59 52.03 35.95
C ASN A 70 24.48 51.52 34.84
N SER A 71 25.79 51.72 34.97
CA SER A 71 26.73 51.52 33.86
C SER A 71 26.90 50.02 33.56
N GLN A 72 26.53 49.18 34.53
CA GLN A 72 26.61 47.72 34.38
C GLN A 72 25.45 47.11 33.56
N LEU A 73 24.29 47.79 33.50
CA LEU A 73 23.09 47.32 32.73
C LEU A 73 23.38 47.06 31.24
N LYS A 74 22.86 45.96 30.68
CA LYS A 74 22.92 45.68 29.24
C LYS A 74 21.53 45.58 28.66
N THR A 75 21.37 45.99 27.41
CA THR A 75 20.08 45.93 26.85
C THR A 75 20.13 45.13 25.55
N LEU A 76 19.04 44.41 25.26
CA LEU A 76 18.97 43.74 23.97
C LEU A 76 17.67 44.09 23.35
N LEU A 77 17.66 44.01 22.03
CA LEU A 77 16.45 44.09 21.27
C LEU A 77 15.98 42.71 20.85
N ALA A 78 14.71 42.37 21.10
CA ALA A 78 14.15 41.06 20.70
C ALA A 78 13.46 41.19 19.36
N ILE A 79 13.71 40.24 18.44
CA ILE A 79 12.94 40.26 17.20
C ILE A 79 12.01 39.06 17.10
N GLY A 80 10.81 39.27 16.60
CA GLY A 80 9.89 38.14 16.45
C GLY A 80 8.75 38.14 17.47
N GLY A 81 8.57 37.00 18.17
CA GLY A 81 7.53 36.73 19.15
C GLY A 81 6.33 35.99 18.50
N TRP A 82 5.34 35.64 19.29
CA TRP A 82 4.21 34.84 18.87
C TRP A 82 3.50 35.33 17.64
N ASN A 83 3.09 36.59 17.66
CA ASN A 83 2.26 37.18 16.63
C ASN A 83 2.99 37.34 15.31
N PHE A 84 4.29 37.61 15.39
CA PHE A 84 5.11 37.74 14.23
C PHE A 84 5.11 36.44 13.35
N GLY A 85 5.03 35.26 14.01
CA GLY A 85 5.02 34.00 13.31
C GLY A 85 6.40 33.70 12.69
N THR A 86 6.38 32.92 11.60
CA THR A 86 7.58 32.31 11.05
C THR A 86 7.91 32.70 9.62
N ALA A 87 6.92 33.13 8.87
CA ALA A 87 7.18 33.44 7.47
C ALA A 87 8.36 34.42 7.18
N PRO A 88 8.47 35.56 7.89
CA PRO A 88 9.64 36.37 7.51
C PRO A 88 10.93 35.71 7.88
N PHE A 89 10.95 34.92 8.95
CA PHE A 89 12.19 34.23 9.32
C PHE A 89 12.59 33.18 8.22
N THR A 90 11.62 32.36 7.83
CA THR A 90 11.83 31.35 6.80
C THR A 90 12.41 31.96 5.53
N ALA A 91 11.76 32.99 4.98
CA ALA A 91 12.28 33.64 3.78
C ALA A 91 13.71 34.21 4.05
N MET A 92 13.92 34.81 5.22
CA MET A 92 15.21 35.50 5.50
C MET A 92 16.31 34.49 5.66
N VAL A 93 16.02 33.34 6.26
CA VAL A 93 17.17 32.45 6.41
C VAL A 93 17.50 31.64 5.18
N SER A 94 16.66 31.73 4.16
CA SER A 94 16.61 30.74 3.15
C SER A 94 17.77 30.85 2.17
N THR A 95 18.44 32.01 2.13
CA THR A 95 19.62 32.18 1.28
C THR A 95 20.69 32.97 1.97
N PRO A 96 21.95 32.70 1.59
CA PRO A 96 23.07 33.42 2.27
C PRO A 96 23.03 34.95 2.10
N GLU A 97 22.54 35.39 0.94
CA GLU A 97 22.29 36.77 0.63
C GLU A 97 21.22 37.41 1.62
N ASN A 98 20.03 36.78 1.79
CA ASN A 98 19.01 37.28 2.76
C ASN A 98 19.57 37.33 4.17
N ARG A 99 20.30 36.29 4.55
CA ARG A 99 20.92 36.34 5.84
C ARG A 99 21.91 37.51 6.03
N GLN A 100 22.69 37.77 4.96
CA GLN A 100 23.72 38.81 4.93
C GLN A 100 23.04 40.17 5.07
N THR A 101 22.02 40.39 4.26
CA THR A 101 21.16 41.56 4.28
C THR A 101 20.66 41.83 5.72
N PHE A 102 20.19 40.77 6.39
CA PHE A 102 19.60 40.93 7.70
C PHE A 102 20.66 41.24 8.71
N ILE A 103 21.75 40.50 8.66
CA ILE A 103 22.78 40.63 9.67
C ILE A 103 23.39 42.05 9.59
N THR A 104 23.51 42.58 8.38
CA THR A 104 24.09 43.94 8.21
C THR A 104 23.10 44.93 8.81
N SER A 105 21.80 44.68 8.57
CA SER A 105 20.80 45.64 9.03
C SER A 105 20.84 45.69 10.55
N VAL A 106 21.09 44.54 11.19
CA VAL A 106 21.07 44.47 12.63
C VAL A 106 22.23 45.17 13.36
N ILE A 107 23.45 45.02 12.83
CA ILE A 107 24.63 45.63 13.43
C ILE A 107 24.43 47.13 13.35
N LYS A 108 23.97 47.59 12.20
CA LYS A 108 23.66 49.01 12.00
C LYS A 108 22.56 49.53 12.98
N PHE A 109 21.46 48.80 13.11
CA PHE A 109 20.30 49.19 13.96
C PHE A 109 20.76 49.19 15.36
N LEU A 110 21.43 48.11 15.74
CA LEU A 110 21.74 48.00 17.16
C LEU A 110 22.70 49.10 17.65
N ARG A 111 23.72 49.43 16.81
CA ARG A 111 24.70 50.50 17.10
C ARG A 111 24.03 51.87 17.04
N GLN A 112 23.17 52.07 16.04
CA GLN A 112 22.47 53.34 15.91
C GLN A 112 21.62 53.66 17.14
N TYR A 113 20.85 52.69 17.66
CA TYR A 113 19.98 53.04 18.78
C TYR A 113 20.52 52.62 20.12
N GLU A 114 21.75 52.10 20.12
CA GLU A 114 22.46 51.79 21.39
C GLU A 114 22.00 50.55 22.16
N PHE A 115 21.69 49.48 21.44
CA PHE A 115 21.45 48.18 22.10
C PHE A 115 22.77 47.45 22.29
N ASP A 116 22.90 46.63 23.36
CA ASP A 116 24.07 45.74 23.51
C ASP A 116 23.99 44.36 22.77
N GLY A 117 22.86 44.07 22.13
CA GLY A 117 22.66 42.79 21.46
C GLY A 117 21.25 42.58 20.89
N LEU A 118 21.10 41.42 20.24
CA LEU A 118 19.83 40.90 19.74
C LEU A 118 19.46 39.56 20.39
N ASP A 119 18.16 39.43 20.67
CA ASP A 119 17.53 38.25 21.22
C ASP A 119 16.55 37.78 20.15
N PHE A 120 16.80 36.58 19.65
CA PHE A 120 15.93 36.02 18.58
C PHE A 120 14.75 35.36 19.29
N ASP A 121 13.53 35.78 18.98
CA ASP A 121 12.38 35.11 19.52
C ASP A 121 11.59 34.52 18.36
N TRP A 122 12.21 33.69 17.55
CA TRP A 122 11.48 32.98 16.50
C TRP A 122 10.63 31.88 17.14
N GLU A 123 9.30 31.93 16.90
CA GLU A 123 8.38 30.93 17.48
C GLU A 123 7.67 30.20 16.38
N TYR A 124 8.22 29.08 15.89
CA TYR A 124 9.53 28.48 16.24
C TYR A 124 10.14 27.93 14.93
N PRO A 125 11.49 27.80 14.85
CA PRO A 125 12.00 27.10 13.64
C PRO A 125 11.40 25.66 13.56
N GLY A 126 10.99 25.19 12.36
CA GLY A 126 10.42 23.84 12.24
C GLY A 126 8.94 23.66 12.63
N SER A 127 8.26 24.70 13.12
CA SER A 127 6.83 24.62 13.53
C SER A 127 6.03 25.84 12.97
N ARG A 128 4.71 25.84 13.15
CA ARG A 128 3.90 27.00 12.79
C ARG A 128 4.21 27.49 11.39
N GLY A 129 4.34 26.54 10.44
CA GLY A 129 4.51 26.86 9.01
C GLY A 129 5.97 26.86 8.53
N SER A 130 6.93 26.94 9.45
CA SER A 130 8.34 26.92 9.11
C SER A 130 8.76 25.48 8.74
N PRO A 131 9.35 25.32 7.56
CA PRO A 131 9.68 24.00 7.00
C PRO A 131 10.89 23.34 7.72
N PRO A 132 11.12 22.00 7.51
CA PRO A 132 12.09 21.33 8.35
C PRO A 132 13.51 21.85 8.21
N GLN A 133 13.81 22.45 7.06
CA GLN A 133 15.13 22.97 6.82
C GLN A 133 15.44 24.14 7.79
N ASP A 134 14.40 24.72 8.42
CA ASP A 134 14.67 25.93 9.24
C ASP A 134 15.40 25.59 10.51
N LYS A 135 15.29 24.33 10.94
CA LYS A 135 15.96 23.96 12.17
C LYS A 135 17.46 24.25 12.00
N HIS A 136 18.02 23.75 10.90
CA HIS A 136 19.43 23.87 10.71
C HIS A 136 19.75 25.26 10.18
N LEU A 137 18.88 25.85 9.39
CA LEU A 137 19.12 27.23 8.95
C LEU A 137 19.15 28.26 10.10
N PHE A 138 18.48 27.95 11.23
CA PHE A 138 18.47 28.84 12.39
C PHE A 138 19.88 28.83 12.99
N THR A 139 20.46 27.64 13.12
CA THR A 139 21.85 27.51 13.53
C THR A 139 22.83 28.27 12.63
N VAL A 140 22.62 28.23 11.32
CA VAL A 140 23.55 28.85 10.44
C VAL A 140 23.48 30.37 10.66
N LEU A 141 22.24 30.88 10.68
CA LEU A 141 21.94 32.28 11.02
C LEU A 141 22.65 32.68 12.26
N VAL A 142 22.44 31.94 13.31
CA VAL A 142 23.02 32.33 14.59
C VAL A 142 24.56 32.31 14.57
N GLN A 143 25.11 31.32 13.89
CA GLN A 143 26.56 31.23 13.77
C GLN A 143 27.06 32.40 13.00
N GLU A 144 26.47 32.69 11.85
CA GLU A 144 26.90 33.80 11.03
C GLU A 144 26.74 35.16 11.77
N MET A 145 25.71 35.25 12.62
CA MET A 145 25.48 36.50 13.34
C MET A 145 26.58 36.73 14.40
N ARG A 146 26.81 35.72 15.22
CA ARG A 146 27.82 35.68 16.22
C ARG A 146 29.19 35.99 15.62
N GLU A 147 29.41 35.50 14.41
CA GLU A 147 30.69 35.76 13.77
C GLU A 147 30.71 37.19 13.25
N ALA A 148 29.65 37.67 12.63
CA ALA A 148 29.67 39.05 12.17
C ALA A 148 29.86 40.00 13.36
N PHE A 149 29.28 39.65 14.52
CA PHE A 149 29.45 40.43 15.74
C PHE A 149 30.93 40.47 16.20
N GLU A 150 31.61 39.31 16.09
CA GLU A 150 32.99 39.20 16.53
C GLU A 150 33.91 40.08 15.70
N GLN A 151 33.72 40.04 14.41
CA GLN A 151 34.46 40.85 13.50
C GLN A 151 34.10 42.34 13.59
N GLU A 152 32.86 42.68 13.96
CA GLU A 152 32.50 44.08 14.06
C GLU A 152 33.17 44.66 15.31
N ALA A 153 33.31 43.87 16.37
CA ALA A 153 33.93 44.34 17.60
C ALA A 153 35.44 44.59 17.44
N LYS A 154 36.05 43.90 16.48
CA LYS A 154 37.47 44.05 16.23
C LYS A 154 37.68 45.25 15.32
N GLN A 155 36.72 45.49 14.41
CA GLN A 155 36.85 46.59 13.43
C GLN A 155 36.24 47.97 13.86
N ILE A 156 35.92 48.12 15.15
CA ILE A 156 35.45 49.39 15.74
C ILE A 156 35.90 49.46 17.21
N ASN A 157 36.55 48.39 17.66
CA ASN A 157 37.20 48.28 18.98
C ASN A 157 36.34 48.55 20.20
N LYS A 158 35.11 48.03 20.14
CA LYS A 158 34.23 48.03 21.31
C LYS A 158 33.84 46.57 21.64
N PRO A 159 33.34 46.32 22.87
CA PRO A 159 32.85 44.96 23.08
C PRO A 159 31.74 44.53 22.08
N ARG A 160 31.86 43.27 21.65
CA ARG A 160 30.95 42.54 20.76
C ARG A 160 29.45 42.74 21.16
N LEU A 161 28.58 43.08 20.22
CA LEU A 161 27.13 42.78 20.40
C LEU A 161 26.90 41.33 20.90
N MET A 162 25.85 41.13 21.70
CA MET A 162 25.51 39.83 22.21
C MET A 162 24.44 39.21 21.33
N VAL A 163 24.40 37.87 21.22
CA VAL A 163 23.28 37.22 20.52
C VAL A 163 22.69 36.23 21.49
N THR A 164 21.38 36.30 21.74
CA THR A 164 20.75 35.38 22.69
C THR A 164 19.51 34.85 21.98
N ALA A 165 18.75 33.93 22.56
CA ALA A 165 17.56 33.44 21.87
C ALA A 165 16.60 33.01 22.94
N ALA A 166 15.32 33.33 22.75
CA ALA A 166 14.22 32.82 23.61
C ALA A 166 13.78 31.53 22.91
N VAL A 167 13.68 30.42 23.64
CA VAL A 167 13.46 29.11 23.00
C VAL A 167 12.33 28.31 23.68
N ALA A 168 11.71 27.41 22.92
CA ALA A 168 10.63 26.52 23.36
C ALA A 168 10.89 25.67 24.58
N ALA A 169 9.78 25.44 25.30
CA ALA A 169 9.70 24.55 26.40
C ALA A 169 9.00 23.26 26.00
N GLY A 170 8.14 23.29 24.95
CA GLY A 170 7.51 22.07 24.42
C GLY A 170 8.53 21.09 23.79
N ILE A 171 8.51 19.83 24.23
CA ILE A 171 9.49 18.82 23.77
C ILE A 171 9.39 18.66 22.24
N SER A 172 8.19 18.50 21.76
CA SER A 172 8.01 18.47 20.32
C SER A 172 8.54 19.70 19.58
N ASN A 173 8.25 20.92 20.10
CA ASN A 173 8.83 22.11 19.49
C ASN A 173 10.37 22.16 19.55
N ILE A 174 10.92 21.74 20.69
CA ILE A 174 12.36 21.66 20.81
C ILE A 174 12.97 20.74 19.75
N GLN A 175 12.40 19.53 19.63
CA GLN A 175 12.88 18.48 18.71
C GLN A 175 12.86 18.93 17.26
N SER A 176 11.83 19.66 16.87
CA SER A 176 11.81 20.07 15.48
C SER A 176 12.47 21.43 15.27
N GLY A 177 12.86 22.07 16.33
CA GLY A 177 13.47 23.39 16.22
C GLY A 177 14.96 23.64 16.34
N TYR A 178 15.68 22.92 17.20
CA TYR A 178 17.04 23.31 17.62
C TYR A 178 18.19 22.28 17.54
N GLU A 179 19.30 22.67 16.93
CA GLU A 179 20.56 21.91 17.16
C GLU A 179 21.20 22.43 18.40
N ILE A 180 20.82 21.84 19.50
CA ILE A 180 21.16 22.33 20.78
C ILE A 180 22.66 22.53 21.01
N PRO A 181 23.50 21.48 20.74
CA PRO A 181 24.94 21.66 21.04
C PRO A 181 25.48 22.76 20.20
N GLN A 182 25.15 22.80 18.91
CA GLN A 182 25.70 23.84 18.06
C GLN A 182 25.24 25.29 18.44
N LEU A 183 23.93 25.49 18.61
CA LEU A 183 23.37 26.77 19.06
C LEU A 183 24.02 27.21 20.32
N SER A 184 24.24 26.29 21.23
CA SER A 184 24.85 26.60 22.48
C SER A 184 26.24 27.11 22.36
N GLN A 185 26.92 26.81 21.26
CA GLN A 185 28.28 27.31 21.09
C GLN A 185 28.23 28.83 20.84
N TYR A 186 27.27 29.27 20.03
CA TYR A 186 27.31 30.63 19.49
C TYR A 186 26.40 31.64 20.22
N LEU A 187 25.37 31.16 20.93
CA LEU A 187 24.51 32.04 21.69
C LEU A 187 25.22 32.38 22.98
N ASP A 188 25.03 33.64 23.42
CA ASP A 188 25.49 34.02 24.76
C ASP A 188 24.57 33.48 25.82
N TYR A 189 23.24 33.56 25.58
CA TYR A 189 22.31 33.00 26.55
C TYR A 189 21.12 32.36 25.86
N ILE A 190 20.48 31.44 26.59
CA ILE A 190 19.37 30.69 26.13
C ILE A 190 18.25 30.91 27.06
N HIS A 191 17.25 31.62 26.57
CA HIS A 191 16.14 31.97 27.49
C HIS A 191 14.98 30.99 27.25
N VAL A 192 14.82 30.06 28.19
CA VAL A 192 13.85 28.99 28.02
C VAL A 192 12.50 29.46 28.54
N MET A 193 11.51 29.46 27.65
CA MET A 193 10.15 29.94 27.92
C MET A 193 9.35 28.95 28.79
N THR A 194 9.88 28.72 30.00
CA THR A 194 9.25 27.79 30.90
C THR A 194 7.97 28.34 31.53
N TYR A 195 6.96 28.61 30.70
CA TYR A 195 5.69 29.07 31.19
C TYR A 195 4.68 28.88 30.01
N ASP A 196 3.38 29.14 30.22
CA ASP A 196 2.32 28.66 29.33
C ASP A 196 2.42 27.12 29.22
N LEU A 197 2.77 26.48 30.33
CA LEU A 197 2.88 25.04 30.29
C LEU A 197 1.51 24.38 30.42
N HIS A 198 0.52 25.13 30.91
CA HIS A 198 -0.88 24.67 30.96
C HIS A 198 -1.72 25.89 30.72
N GLY A 199 -2.98 25.72 30.31
CA GLY A 199 -3.88 26.84 30.09
C GLY A 199 -5.15 26.24 29.56
N SER A 200 -6.18 27.09 29.36
CA SER A 200 -7.55 26.64 29.11
C SER A 200 -7.74 25.82 27.86
N TRP A 201 -6.84 25.98 26.89
CA TRP A 201 -6.88 25.20 25.65
C TRP A 201 -6.86 23.69 25.96
N GLU A 202 -6.42 23.30 27.16
CA GLU A 202 -6.31 21.89 27.58
C GLU A 202 -7.65 21.28 28.06
N GLY A 203 -8.55 22.14 28.55
CA GLY A 203 -9.88 21.72 29.01
C GLY A 203 -9.97 21.34 30.47
N TYR A 204 -8.85 21.53 31.20
CA TYR A 204 -8.77 21.29 32.66
C TYR A 204 -7.89 22.36 33.28
N THR A 205 -8.05 22.61 34.56
CA THR A 205 -7.15 23.51 35.26
C THR A 205 -5.73 22.90 35.36
N GLY A 206 -4.76 23.79 35.54
CA GLY A 206 -3.35 23.43 35.39
C GLY A 206 -2.49 24.68 35.64
N GLU A 207 -1.24 24.47 36.01
CA GLU A 207 -0.41 25.61 36.37
C GLU A 207 0.30 26.20 35.18
N ASN A 208 0.51 27.50 35.22
CA ASN A 208 1.22 28.20 34.18
C ASN A 208 2.69 27.77 34.18
N SER A 209 3.28 27.70 35.36
CA SER A 209 4.70 27.42 35.36
C SER A 209 5.06 26.59 36.59
N PRO A 210 4.55 25.34 36.72
CA PRO A 210 4.87 24.53 37.92
C PRO A 210 6.33 24.05 37.86
N LEU A 211 6.96 24.02 39.02
CA LEU A 211 8.36 23.63 39.10
C LEU A 211 8.50 22.12 38.86
N TYR A 212 7.64 21.32 39.47
CA TYR A 212 7.68 19.84 39.33
C TYR A 212 6.36 19.34 38.80
N LYS A 213 6.31 18.06 38.42
CA LYS A 213 5.09 17.50 37.80
C LYS A 213 4.04 17.27 38.89
N TYR A 214 2.81 17.11 38.47
CA TYR A 214 1.78 16.72 39.37
C TYR A 214 1.78 15.17 39.50
N PRO A 215 1.51 14.67 40.71
CA PRO A 215 1.75 13.23 40.97
C PRO A 215 0.92 12.37 40.06
N THR A 216 -0.10 12.98 39.47
CA THR A 216 -1.06 12.34 38.59
C THR A 216 -0.72 12.49 37.09
N ASP A 217 0.37 13.21 36.80
CA ASP A 217 0.81 13.51 35.42
C ASP A 217 1.58 12.31 34.90
N THR A 218 1.18 11.89 33.72
CA THR A 218 1.71 10.68 33.12
C THR A 218 1.86 10.95 31.65
N GLY A 219 2.74 10.19 30.97
CA GLY A 219 2.90 10.34 29.54
C GLY A 219 3.46 11.73 29.28
N SER A 220 3.01 12.40 28.23
CA SER A 220 3.62 13.68 27.88
C SER A 220 3.28 14.83 28.88
N ASN A 221 2.19 14.67 29.63
CA ASN A 221 1.90 15.61 30.69
C ASN A 221 2.97 15.65 31.73
N ALA A 222 3.77 14.59 31.80
CA ALA A 222 4.88 14.61 32.76
C ALA A 222 6.01 15.57 32.34
N TYR A 223 6.03 16.02 31.09
CA TYR A 223 7.07 16.94 30.60
C TYR A 223 6.76 18.42 30.82
N LEU A 224 5.52 18.76 31.17
CA LEU A 224 5.16 20.19 31.28
C LEU A 224 5.47 20.75 32.67
N ASN A 225 6.74 20.81 33.05
CA ASN A 225 7.12 21.49 34.28
C ASN A 225 8.55 21.98 34.08
N VAL A 226 8.97 22.91 34.93
CA VAL A 226 10.20 23.66 34.70
C VAL A 226 11.38 22.69 34.84
N ASP A 227 11.29 21.84 35.83
CA ASP A 227 12.34 20.86 36.12
C ASP A 227 12.63 19.94 34.91
N TYR A 228 11.61 19.28 34.43
CA TYR A 228 11.72 18.47 33.22
C TYR A 228 12.30 19.26 32.07
N VAL A 229 11.79 20.48 31.83
CA VAL A 229 12.21 21.22 30.63
C VAL A 229 13.67 21.71 30.74
N MET A 230 14.05 22.25 31.89
CA MET A 230 15.43 22.74 32.01
C MET A 230 16.40 21.54 31.98
N ASN A 231 16.08 20.43 32.69
CA ASN A 231 16.91 19.21 32.54
C ASN A 231 16.99 18.69 31.11
N TYR A 232 15.92 18.82 30.32
CA TYR A 232 16.02 18.41 28.89
C TYR A 232 17.04 19.21 28.11
N TRP A 233 16.92 20.55 28.18
CA TRP A 233 17.89 21.43 27.56
C TRP A 233 19.33 21.09 27.98
N LYS A 234 19.58 20.96 29.30
CA LYS A 234 20.89 20.71 29.83
C LYS A 234 21.44 19.33 29.38
N ASP A 235 20.66 18.25 29.57
CA ASP A 235 21.05 16.88 29.18
C ASP A 235 21.21 16.71 27.65
N ASN A 236 20.60 17.60 26.85
CA ASN A 236 20.69 17.51 25.38
C ASN A 236 21.63 18.48 24.77
N GLY A 237 22.50 19.03 25.60
CA GLY A 237 23.69 19.72 25.11
C GLY A 237 23.90 21.19 25.53
N ALA A 238 22.95 21.81 26.22
CA ALA A 238 23.18 23.23 26.52
C ALA A 238 23.96 23.36 27.84
N PRO A 239 25.00 24.17 27.90
CA PRO A 239 25.70 24.30 29.19
C PRO A 239 24.83 24.99 30.28
N ALA A 240 24.73 24.42 31.48
CA ALA A 240 23.97 25.01 32.55
C ALA A 240 24.12 26.55 32.63
N GLU A 241 25.35 27.02 32.49
CA GLU A 241 25.63 28.42 32.71
C GLU A 241 25.06 29.36 31.64
N LYS A 242 24.67 28.84 30.47
CA LYS A 242 24.06 29.67 29.45
C LYS A 242 22.52 29.60 29.46
N LEU A 243 21.99 28.76 30.35
CA LEU A 243 20.58 28.40 30.36
C LEU A 243 19.89 29.29 31.39
N ILE A 244 18.90 30.05 30.91
CA ILE A 244 18.22 31.01 31.77
C ILE A 244 16.76 30.57 31.95
N VAL A 245 16.34 30.36 33.20
CA VAL A 245 15.01 29.84 33.49
C VAL A 245 13.98 30.99 33.32
N GLY A 246 12.94 30.81 32.52
CA GLY A 246 11.83 31.82 32.39
C GLY A 246 10.88 31.80 33.57
N PHE A 247 10.57 32.98 34.07
CA PHE A 247 9.66 33.18 35.18
C PHE A 247 8.52 34.08 34.68
N PRO A 248 7.26 33.68 34.88
CA PRO A 248 6.21 34.54 34.38
C PRO A 248 5.64 35.48 35.48
N THR A 249 5.46 36.76 35.19
CA THR A 249 4.78 37.59 36.21
C THR A 249 3.30 37.71 35.91
N TYR A 250 2.70 36.63 35.39
CA TYR A 250 1.30 36.65 35.14
C TYR A 250 0.84 35.20 35.30
N GLY A 251 -0.44 34.95 35.21
CA GLY A 251 -0.97 33.58 35.36
C GLY A 251 -2.06 33.35 34.34
N HIS A 252 -2.58 32.13 34.23
CA HIS A 252 -3.56 31.82 33.19
C HIS A 252 -4.81 31.54 33.95
N ASN A 253 -5.98 31.93 33.41
CA ASN A 253 -7.26 31.78 34.10
C ASN A 253 -8.21 30.95 33.27
N PHE A 254 -9.22 30.39 33.91
CA PHE A 254 -10.07 29.43 33.20
C PHE A 254 -11.50 29.62 33.69
N ILE A 255 -12.46 29.24 32.88
CA ILE A 255 -13.80 29.02 33.39
C ILE A 255 -14.02 27.53 33.83
N LEU A 256 -14.22 27.36 35.13
CA LEU A 256 -14.61 26.07 35.73
C LEU A 256 -15.94 25.50 35.19
N SER A 257 -15.97 24.24 34.79
CA SER A 257 -17.25 23.63 34.39
C SER A 257 -18.20 23.41 35.61
N ASN A 258 -17.61 23.30 36.79
CA ASN A 258 -18.37 23.02 37.97
C ASN A 258 -17.70 23.68 39.14
N PRO A 259 -18.24 24.82 39.59
CA PRO A 259 -17.64 25.60 40.67
C PRO A 259 -17.43 24.85 42.00
N SER A 260 -17.95 23.61 42.12
CA SER A 260 -17.57 22.69 43.22
C SER A 260 -16.20 21.99 43.07
N ASN A 261 -15.77 21.64 41.83
CA ASN A 261 -14.45 21.02 41.62
C ASN A 261 -13.39 22.10 41.29
N THR A 262 -12.54 22.38 42.27
CA THR A 262 -11.65 23.49 42.19
C THR A 262 -10.18 23.07 42.33
N GLY A 263 -9.88 21.77 42.19
CA GLY A 263 -8.49 21.30 42.31
C GLY A 263 -7.72 21.37 41.01
N ILE A 264 -6.47 20.91 41.04
CA ILE A 264 -5.66 20.75 39.83
C ILE A 264 -6.27 19.66 38.97
N GLY A 265 -6.44 19.90 37.69
CA GLY A 265 -7.06 18.95 36.78
C GLY A 265 -8.59 19.03 36.71
N ALA A 266 -9.22 19.99 37.39
CA ALA A 266 -10.69 20.18 37.30
C ALA A 266 -11.12 20.52 35.89
N PRO A 267 -12.21 19.93 35.40
CA PRO A 267 -12.61 20.33 34.02
C PRO A 267 -13.04 21.79 33.94
N THR A 268 -12.88 22.36 32.75
CA THR A 268 -13.09 23.76 32.44
C THR A 268 -13.73 23.93 31.07
N SER A 269 -14.41 25.05 30.89
CA SER A 269 -15.21 25.23 29.70
C SER A 269 -14.62 26.31 28.80
N GLY A 270 -13.53 26.93 29.20
CA GLY A 270 -12.91 27.93 28.30
C GLY A 270 -11.95 28.85 29.01
N ALA A 271 -11.34 29.79 28.26
CA ALA A 271 -10.53 30.83 28.88
C ALA A 271 -11.23 31.71 29.94
N GLY A 272 -10.53 32.06 31.00
CA GLY A 272 -11.12 33.06 31.89
C GLY A 272 -11.10 34.51 31.36
N PRO A 273 -11.76 35.45 32.07
CA PRO A 273 -11.97 36.77 31.49
C PRO A 273 -10.70 37.62 31.47
N ALA A 274 -10.60 38.47 30.45
CA ALA A 274 -9.53 39.49 30.32
C ALA A 274 -9.55 40.35 31.57
N GLY A 275 -8.39 40.82 32.01
CA GLY A 275 -8.34 41.74 33.14
C GLY A 275 -8.66 43.15 32.59
N PRO A 276 -8.93 44.13 33.49
CA PRO A 276 -9.25 45.52 33.06
C PRO A 276 -8.00 46.29 32.59
N TYR A 277 -6.81 45.75 32.85
CA TYR A 277 -5.58 46.49 32.45
C TYR A 277 -4.86 45.92 31.21
N ALA A 278 -4.50 44.62 31.24
CA ALA A 278 -3.78 43.99 30.11
C ALA A 278 -4.79 43.56 29.06
N LYS A 279 -6.04 43.44 29.51
CA LYS A 279 -7.09 43.15 28.54
C LYS A 279 -6.82 41.84 27.73
N GLU A 280 -6.20 40.88 28.40
CA GLU A 280 -5.80 39.65 27.70
C GLU A 280 -6.66 38.48 28.13
N SER A 281 -7.36 37.96 27.16
CA SER A 281 -8.23 36.84 27.37
C SER A 281 -7.40 35.59 27.88
N GLY A 282 -7.86 35.03 28.99
CA GLY A 282 -7.21 33.82 29.51
C GLY A 282 -5.97 34.12 30.31
N ILE A 283 -5.63 35.40 30.50
CA ILE A 283 -4.39 35.80 31.22
C ILE A 283 -4.64 36.98 32.16
N TRP A 284 -4.05 36.94 33.35
CA TRP A 284 -4.03 38.10 34.23
C TRP A 284 -2.61 38.41 34.67
N ALA A 285 -2.25 39.70 34.63
CA ALA A 285 -1.02 40.18 35.20
C ALA A 285 -1.00 39.90 36.69
N TYR A 286 0.20 39.77 37.26
CA TYR A 286 0.27 39.54 38.70
C TYR A 286 -0.58 40.63 39.42
N TYR A 287 -0.48 41.90 39.00
CA TYR A 287 -1.21 42.93 39.77
C TYR A 287 -2.72 42.82 39.56
N GLU A 288 -3.16 42.28 38.43
CA GLU A 288 -4.57 42.01 38.28
C GLU A 288 -5.00 40.92 39.24
N ILE A 289 -4.14 39.92 39.42
CA ILE A 289 -4.52 38.77 40.25
C ILE A 289 -4.63 39.30 41.70
N CYS A 290 -3.74 40.20 42.11
CA CYS A 290 -3.85 40.76 43.46
C CYS A 290 -5.22 41.40 43.69
N THR A 291 -5.82 42.03 42.67
CA THR A 291 -7.18 42.55 42.79
C THR A 291 -8.18 41.42 43.05
N PHE A 292 -8.15 40.36 42.24
CA PHE A 292 -8.95 39.15 42.45
C PHE A 292 -8.81 38.60 43.87
N LEU A 293 -7.60 38.59 44.45
CA LEU A 293 -7.41 38.13 45.84
C LEU A 293 -8.05 39.07 46.90
N LYS A 294 -8.04 40.38 46.63
CA LYS A 294 -8.54 41.37 47.58
C LYS A 294 -10.06 41.16 47.65
N ASN A 295 -10.57 40.70 46.51
CA ASN A 295 -11.96 40.40 46.26
C ASN A 295 -12.44 39.09 46.98
N GLY A 296 -11.51 38.46 47.71
CA GLY A 296 -11.84 37.39 48.60
C GLY A 296 -11.85 36.11 47.82
N ALA A 297 -11.10 36.05 46.72
CA ALA A 297 -10.94 34.76 46.07
C ALA A 297 -10.31 33.82 47.10
N THR A 298 -10.73 32.57 47.07
CA THR A 298 -10.10 31.52 47.88
C THR A 298 -8.67 31.18 47.35
N GLN A 299 -7.68 31.32 48.23
CA GLN A 299 -6.30 31.00 47.95
C GLN A 299 -5.96 29.51 48.13
N GLY A 300 -5.30 28.92 47.14
CA GLY A 300 -4.87 27.53 47.19
C GLY A 300 -3.34 27.48 47.03
N TRP A 301 -2.75 26.31 47.34
CA TRP A 301 -1.30 26.05 47.17
C TRP A 301 -1.23 24.64 46.58
N ASP A 302 -0.62 24.54 45.40
CA ASP A 302 -0.44 23.27 44.72
C ASP A 302 0.90 22.77 45.27
N ALA A 303 0.83 22.01 46.39
CA ALA A 303 2.07 21.63 47.12
C ALA A 303 3.06 20.85 46.31
N PRO A 304 2.61 19.88 45.50
CA PRO A 304 3.60 19.12 44.68
C PRO A 304 4.37 20.01 43.68
N GLN A 305 3.69 20.95 43.03
CA GLN A 305 4.36 21.73 42.00
C GLN A 305 4.89 23.06 42.53
N GLU A 306 4.61 23.32 43.81
CA GLU A 306 5.12 24.55 44.47
C GLU A 306 4.61 25.87 43.84
N VAL A 307 3.35 25.97 43.48
CA VAL A 307 2.86 27.25 42.92
C VAL A 307 1.46 27.47 43.46
N PRO A 308 1.00 28.74 43.53
CA PRO A 308 -0.34 29.02 44.13
C PRO A 308 -1.42 28.91 43.08
N TYR A 309 -2.68 28.88 43.51
CA TYR A 309 -3.77 29.09 42.58
C TYR A 309 -4.86 29.77 43.38
N ALA A 310 -5.93 30.19 42.72
CA ALA A 310 -6.99 30.89 43.40
C ALA A 310 -8.23 30.74 42.60
N TYR A 311 -9.37 30.85 43.28
CA TYR A 311 -10.61 30.69 42.55
C TYR A 311 -11.75 31.40 43.27
N GLN A 312 -12.80 31.65 42.51
CA GLN A 312 -13.98 32.28 43.05
C GLN A 312 -15.07 32.15 42.03
N GLY A 313 -16.22 31.68 42.49
CA GLY A 313 -17.34 31.43 41.56
C GLY A 313 -16.81 30.47 40.52
N ASN A 314 -17.06 30.73 39.25
CA ASN A 314 -16.56 29.82 38.23
C ASN A 314 -15.23 30.26 37.59
N VAL A 315 -14.44 31.10 38.25
CA VAL A 315 -13.15 31.54 37.67
C VAL A 315 -11.97 31.02 38.51
N TRP A 316 -11.02 30.38 37.86
CA TRP A 316 -9.87 29.80 38.53
C TRP A 316 -8.59 30.32 37.84
N VAL A 317 -7.53 30.53 38.59
CA VAL A 317 -6.32 31.05 38.00
C VAL A 317 -5.06 30.38 38.63
N GLY A 318 -4.08 29.95 37.82
CA GLY A 318 -2.85 29.38 38.42
C GLY A 318 -1.76 30.35 38.01
N TYR A 319 -0.85 30.66 38.92
CA TYR A 319 0.00 31.83 38.77
C TYR A 319 1.17 31.61 39.62
N ASP A 320 2.01 32.65 39.77
CA ASP A 320 3.19 32.63 40.59
C ASP A 320 3.18 33.83 41.55
N ASN A 321 3.67 33.62 42.77
CA ASN A 321 3.73 34.68 43.81
C ASN A 321 5.17 34.76 44.35
N ILE A 322 5.38 35.48 45.44
CA ILE A 322 6.71 35.66 46.00
C ILE A 322 7.23 34.30 46.49
N LYS A 323 6.36 33.56 47.14
CA LYS A 323 6.71 32.20 47.62
C LYS A 323 7.24 31.29 46.48
N SER A 324 6.42 31.05 45.47
CA SER A 324 6.85 30.24 44.31
C SER A 324 8.09 30.80 43.59
N PHE A 325 8.20 32.12 43.46
CA PHE A 325 9.38 32.66 42.76
C PHE A 325 10.66 32.37 43.60
N ASP A 326 10.53 32.46 44.92
CA ASP A 326 11.66 32.20 45.79
C ASP A 326 12.08 30.72 45.68
N ILE A 327 11.12 29.82 45.75
CA ILE A 327 11.35 28.41 45.67
C ILE A 327 12.05 28.03 44.33
N LYS A 328 11.56 28.55 43.22
CA LYS A 328 12.19 28.28 41.92
C LYS A 328 13.56 28.88 41.85
N ALA A 329 13.75 30.05 42.47
CA ALA A 329 15.05 30.66 42.43
C ALA A 329 16.11 29.87 43.27
N GLN A 330 15.70 29.27 44.40
CA GLN A 330 16.62 28.40 45.17
C GLN A 330 16.99 27.20 44.30
N TRP A 331 15.98 26.60 43.70
CA TRP A 331 16.16 25.46 42.82
C TRP A 331 17.10 25.77 41.67
N LEU A 332 16.97 26.93 41.07
CA LEU A 332 17.84 27.22 39.93
C LEU A 332 19.29 27.38 40.32
N LYS A 333 19.51 27.88 41.53
CA LYS A 333 20.84 28.05 42.07
C LYS A 333 21.47 26.67 42.38
N HIS A 334 20.71 25.77 43.04
CA HIS A 334 21.14 24.40 43.33
C HIS A 334 21.58 23.64 42.07
N ASN A 335 20.81 23.83 41.01
CA ASN A 335 21.04 23.20 39.71
C ASN A 335 22.03 23.99 38.86
N LYS A 336 22.53 25.12 39.35
CA LYS A 336 23.62 25.84 38.64
C LYS A 336 23.28 26.43 37.27
N PHE A 337 22.01 26.78 37.05
CA PHE A 337 21.67 27.57 35.87
C PHE A 337 22.28 28.99 35.89
N GLY A 338 22.26 29.63 34.73
CA GLY A 338 22.88 30.92 34.60
C GLY A 338 22.10 32.06 35.27
N GLY A 339 20.82 31.85 35.53
CA GLY A 339 20.00 32.94 36.08
C GLY A 339 18.53 32.81 35.70
N ALA A 340 17.82 33.94 35.68
CA ALA A 340 16.36 33.95 35.46
C ALA A 340 16.03 35.00 34.47
N MET A 341 14.99 34.73 33.68
CA MET A 341 14.51 35.64 32.66
C MET A 341 13.06 35.86 33.14
N VAL A 342 12.48 37.06 32.96
CA VAL A 342 11.17 37.35 33.47
C VAL A 342 10.30 37.91 32.36
N TRP A 343 9.19 37.26 32.06
CA TRP A 343 8.18 37.87 31.13
C TRP A 343 6.97 38.26 32.00
N ALA A 344 6.69 39.53 32.19
CA ALA A 344 7.45 40.66 31.67
C ALA A 344 7.48 41.71 32.81
N ILE A 345 8.33 42.71 32.67
CA ILE A 345 8.50 43.66 33.76
C ILE A 345 7.22 44.49 33.94
N ASP A 346 6.50 44.71 32.84
CA ASP A 346 5.26 45.48 32.91
C ASP A 346 4.03 44.75 33.49
N LEU A 347 4.18 43.50 33.92
CA LEU A 347 3.07 42.69 34.44
C LEU A 347 3.25 42.42 35.91
N ASP A 348 4.46 42.67 36.43
CA ASP A 348 4.68 42.66 37.89
C ASP A 348 3.97 43.90 38.48
N ASP A 349 3.78 43.93 39.81
CA ASP A 349 3.19 45.11 40.43
C ASP A 349 4.19 46.27 40.54
N PHE A 350 4.45 46.93 39.42
CA PHE A 350 5.47 47.96 39.36
C PHE A 350 5.18 49.24 40.16
N THR A 351 3.93 49.71 40.23
CA THR A 351 3.60 50.90 41.07
C THR A 351 3.66 50.52 42.56
N GLY A 352 3.59 49.22 42.88
CA GLY A 352 3.48 48.82 44.30
C GLY A 352 2.06 48.91 44.87
N THR A 353 1.09 49.34 44.08
CA THR A 353 -0.19 49.75 44.70
C THR A 353 -1.29 48.71 44.67
N PHE A 354 -1.06 47.58 44.01
CA PHE A 354 -2.09 46.59 43.89
C PHE A 354 -1.93 45.48 44.90
N CYS A 355 -0.70 45.22 45.31
CA CYS A 355 -0.38 43.95 46.01
C CYS A 355 0.10 44.22 47.43
N ASN A 356 0.45 45.46 47.71
CA ASN A 356 0.86 45.82 49.05
C ASN A 356 2.09 44.96 49.44
N GLN A 357 3.02 44.79 48.47
CA GLN A 357 4.25 44.06 48.67
C GLN A 357 5.49 44.84 48.23
N GLY A 358 5.38 46.14 48.09
CA GLY A 358 6.47 46.97 47.57
C GLY A 358 6.44 47.02 46.05
N LYS A 359 7.38 47.80 45.50
CA LYS A 359 7.46 47.98 44.08
C LYS A 359 8.12 46.73 43.47
N PHE A 360 7.60 46.26 42.31
CA PHE A 360 8.11 45.04 41.65
C PHE A 360 8.32 43.91 42.64
N PRO A 361 7.28 43.52 43.34
CA PRO A 361 7.51 42.46 44.30
C PRO A 361 8.08 41.20 43.66
N LEU A 362 7.56 40.77 42.51
CA LEU A 362 8.02 39.47 42.00
C LEU A 362 9.48 39.53 41.62
N ILE A 363 9.80 40.52 40.80
CA ILE A 363 11.12 40.61 40.26
C ILE A 363 12.12 40.96 41.36
N SER A 364 11.72 41.74 42.38
CA SER A 364 12.58 42.05 43.56
C SER A 364 12.95 40.78 44.35
N THR A 365 11.97 39.89 44.50
CA THR A 365 12.26 38.58 45.13
C THR A 365 13.43 37.88 44.44
N LEU A 366 13.55 38.03 43.13
CA LEU A 366 14.55 37.28 42.40
C LEU A 366 15.88 38.00 42.57
N LYS A 367 15.84 39.32 42.62
CA LYS A 367 17.05 40.09 42.81
C LYS A 367 17.66 39.71 44.18
N LYS A 368 16.84 39.61 45.20
CA LYS A 368 17.34 39.25 46.49
C LYS A 368 17.85 37.78 46.44
N ALA A 369 17.05 36.87 45.88
CA ALA A 369 17.40 35.46 45.98
C ALA A 369 18.61 35.08 45.12
N LEU A 370 18.87 35.82 44.04
CA LEU A 370 19.99 35.46 43.18
C LEU A 370 21.24 36.22 43.62
N GLY A 371 21.15 36.88 44.77
CA GLY A 371 22.29 37.51 45.42
C GLY A 371 22.78 38.75 44.73
N LEU A 372 21.86 39.52 44.13
CA LEU A 372 22.22 40.67 43.33
C LEU A 372 21.79 41.94 44.05
N GLN A 373 21.29 41.78 45.29
CA GLN A 373 20.89 42.91 46.11
C GLN A 373 22.04 43.90 46.20
N SER A 374 23.27 43.39 46.18
CA SER A 374 24.42 44.27 46.27
C SER A 374 25.00 44.68 44.90
N ALA A 375 24.36 44.32 43.78
CA ALA A 375 24.83 44.77 42.46
C ALA A 375 24.95 46.30 42.39
N SER A 376 26.10 46.81 41.98
CA SER A 376 26.26 48.27 41.86
C SER A 376 25.14 48.87 40.97
N CYS A 377 24.66 50.07 41.36
CA CYS A 377 23.76 50.88 40.53
C CYS A 377 24.25 52.34 40.38
N THR A 378 25.34 52.49 39.63
CA THR A 378 26.00 53.79 39.51
C THR A 378 26.31 54.16 38.07
N ALA A 379 26.11 55.44 37.78
CA ALA A 379 26.39 56.05 36.49
C ALA A 379 27.86 55.98 36.10
N PRO A 380 28.13 56.16 34.80
CA PRO A 380 29.53 56.44 34.46
C PRO A 380 29.82 57.92 34.71
N ALA B 4 35.89 2.94 -3.17
CA ALA B 4 35.38 4.34 -3.16
C ALA B 4 33.88 4.35 -2.75
N TYR B 5 33.05 3.49 -3.36
CA TYR B 5 31.66 3.24 -2.87
C TYR B 5 31.47 1.87 -2.19
N GLN B 6 30.55 1.84 -1.20
CA GLN B 6 30.14 0.64 -0.53
C GLN B 6 28.80 0.09 -1.11
N LEU B 7 28.66 -1.24 -1.04
CA LEU B 7 27.42 -1.91 -1.36
C LEU B 7 27.09 -2.80 -0.20
N THR B 8 26.05 -2.45 0.54
CA THR B 8 25.74 -3.11 1.81
C THR B 8 24.41 -3.81 1.65
N CYS B 9 24.37 -5.08 2.02
CA CYS B 9 23.22 -5.94 1.65
C CYS B 9 22.75 -6.58 2.94
N TYR B 10 21.46 -6.43 3.24
CA TYR B 10 20.89 -7.06 4.44
C TYR B 10 20.45 -8.49 4.07
N PHE B 11 20.73 -9.44 4.96
CA PHE B 11 20.26 -10.81 4.75
C PHE B 11 19.29 -11.02 5.89
N THR B 12 18.13 -11.63 5.66
CA THR B 12 17.24 -11.88 6.82
C THR B 12 17.17 -13.36 7.19
N ASN B 13 17.14 -13.64 8.47
CA ASN B 13 17.20 -14.96 8.91
C ASN B 13 15.87 -15.64 8.96
N TRP B 14 14.80 -15.04 8.40
CA TRP B 14 13.53 -15.78 8.27
C TRP B 14 13.31 -16.14 6.81
N ALA B 15 14.20 -15.71 5.93
CA ALA B 15 14.07 -16.09 4.52
C ALA B 15 14.16 -17.64 4.27
N GLN B 16 14.76 -18.33 5.24
CA GLN B 16 15.00 -19.76 5.22
C GLN B 16 13.64 -20.43 5.33
N TYR B 17 12.63 -19.73 5.82
CA TYR B 17 11.34 -20.39 5.96
C TYR B 17 10.46 -20.21 4.71
N ARG B 18 10.91 -19.48 3.69
CA ARG B 18 10.10 -19.35 2.49
C ARG B 18 10.03 -20.68 1.71
N PRO B 19 8.89 -21.00 1.09
CA PRO B 19 8.76 -22.30 0.37
C PRO B 19 9.57 -22.34 -0.91
N GLY B 20 10.02 -23.53 -1.26
CA GLY B 20 10.52 -23.78 -2.62
C GLY B 20 11.62 -22.87 -3.06
N LEU B 21 11.51 -22.24 -4.23
CA LEU B 21 12.54 -21.27 -4.70
C LEU B 21 12.70 -20.01 -3.91
N GLY B 22 11.80 -19.74 -2.97
CA GLY B 22 11.93 -18.52 -2.17
C GLY B 22 12.91 -18.70 -1.01
N ARG B 23 13.18 -19.95 -0.61
CA ARG B 23 14.07 -20.19 0.51
C ARG B 23 15.48 -19.68 0.24
N PHE B 24 16.03 -18.95 1.19
CA PHE B 24 17.29 -18.25 0.97
C PHE B 24 18.17 -18.45 2.22
N MET B 25 19.36 -19.01 2.00
CA MET B 25 20.25 -19.39 3.07
C MET B 25 21.54 -18.60 2.85
N PRO B 26 22.37 -18.46 3.88
CA PRO B 26 23.59 -17.69 3.67
C PRO B 26 24.39 -18.23 2.51
N ASP B 27 24.30 -19.53 2.30
CA ASP B 27 25.07 -20.08 1.20
C ASP B 27 24.53 -19.64 -0.17
N ASP B 28 23.34 -19.05 -0.20
CA ASP B 28 22.85 -18.50 -1.50
C ASP B 28 23.45 -17.15 -1.79
N ILE B 29 24.28 -16.60 -0.90
CA ILE B 29 24.84 -15.26 -1.12
C ILE B 29 26.08 -15.48 -2.02
N ASN B 30 26.18 -14.70 -3.08
CA ASN B 30 27.38 -14.64 -3.86
C ASN B 30 28.37 -13.71 -3.14
N PRO B 31 29.49 -14.25 -2.70
CA PRO B 31 30.51 -13.49 -1.96
C PRO B 31 31.16 -12.31 -2.68
N CYS B 32 31.06 -12.25 -4.00
CA CYS B 32 31.63 -11.14 -4.80
C CYS B 32 30.68 -9.99 -5.06
N LEU B 33 29.42 -10.15 -4.66
CA LEU B 33 28.37 -9.19 -5.03
C LEU B 33 28.36 -7.88 -4.14
N CYS B 34 28.45 -7.99 -2.82
CA CYS B 34 28.32 -6.79 -1.93
C CYS B 34 29.65 -6.55 -1.26
N THR B 35 29.92 -5.34 -0.84
CA THR B 35 31.14 -5.13 -0.05
C THR B 35 30.87 -5.48 1.41
N HIS B 36 29.63 -5.35 1.86
CA HIS B 36 29.30 -5.60 3.28
C HIS B 36 28.00 -6.37 3.34
N LEU B 37 27.88 -7.30 4.30
CA LEU B 37 26.64 -8.06 4.43
C LEU B 37 26.20 -7.84 5.85
N ILE B 38 24.88 -7.70 6.07
CA ILE B 38 24.37 -7.52 7.44
C ILE B 38 23.34 -8.56 7.71
N TYR B 39 23.51 -9.22 8.84
CA TYR B 39 22.68 -10.30 9.23
C TYR B 39 21.54 -9.70 10.10
N ALA B 40 20.31 -9.74 9.60
CA ALA B 40 19.17 -9.32 10.42
C ALA B 40 18.46 -10.58 10.92
N PHE B 41 18.23 -10.79 12.23
CA PHE B 41 18.58 -9.91 13.31
C PHE B 41 19.06 -10.69 14.55
N ALA B 42 19.81 -10.03 15.44
CA ALA B 42 19.98 -10.52 16.80
C ALA B 42 18.91 -9.92 17.68
N GLY B 43 18.74 -10.47 18.88
CA GLY B 43 17.84 -9.96 19.84
C GLY B 43 18.56 -9.63 21.14
N MET B 44 17.83 -9.56 22.22
CA MET B 44 18.44 -9.05 23.44
C MET B 44 17.72 -9.71 24.62
N GLN B 45 18.43 -10.15 25.66
CA GLN B 45 17.80 -10.74 26.84
C GLN B 45 18.64 -10.35 28.02
N ASN B 46 17.99 -9.85 29.07
CA ASN B 46 18.68 -9.30 30.24
C ASN B 46 19.83 -8.39 29.84
N ASN B 47 19.56 -7.45 28.94
CA ASN B 47 20.56 -6.52 28.39
C ASN B 47 21.76 -7.12 27.66
N GLU B 48 21.62 -8.32 27.12
CA GLU B 48 22.75 -8.93 26.41
C GLU B 48 22.29 -9.38 25.05
N ILE B 49 23.11 -9.12 24.06
CA ILE B 49 22.75 -9.52 22.72
C ILE B 49 22.61 -11.07 22.65
N THR B 50 21.76 -11.52 21.77
CA THR B 50 21.38 -12.92 21.74
C THR B 50 20.84 -13.34 20.37
N THR B 51 20.83 -14.65 20.09
CA THR B 51 20.24 -15.17 18.87
C THR B 51 18.70 -15.10 18.95
N ILE B 52 17.99 -15.30 17.82
CA ILE B 52 16.52 -15.42 17.86
C ILE B 52 15.99 -16.64 17.14
N GLU B 53 16.75 -17.20 16.23
CA GLU B 53 16.29 -18.43 15.58
C GLU B 53 17.12 -19.62 16.08
N TRP B 54 16.49 -20.79 16.18
CA TRP B 54 17.14 -22.01 16.67
C TRP B 54 18.49 -22.31 15.98
N ASN B 55 18.61 -22.04 14.69
CA ASN B 55 19.84 -22.39 13.95
C ASN B 55 20.73 -21.21 13.63
N ASP B 56 20.53 -20.07 14.30
CA ASP B 56 21.38 -18.88 14.06
C ASP B 56 22.94 -19.17 14.14
N VAL B 57 23.39 -19.94 15.12
CA VAL B 57 24.85 -20.24 15.27
C VAL B 57 25.37 -20.90 13.99
N THR B 58 24.61 -21.86 13.48
CA THR B 58 24.93 -22.51 12.19
C THR B 58 24.88 -21.53 11.06
N LEU B 59 23.88 -20.64 11.06
CA LEU B 59 23.83 -19.68 9.96
C LEU B 59 24.97 -18.69 10.06
N TYR B 60 25.24 -18.25 11.28
CA TYR B 60 26.38 -17.29 11.43
C TYR B 60 27.65 -17.86 10.76
N GLN B 61 27.93 -19.13 11.03
CA GLN B 61 29.13 -19.83 10.52
C GLN B 61 29.18 -19.85 8.99
N ALA B 62 28.05 -20.21 8.36
CA ALA B 62 27.98 -20.16 6.91
C ALA B 62 28.03 -18.70 6.43
N PHE B 63 27.38 -17.78 7.16
CA PHE B 63 27.39 -16.37 6.74
C PHE B 63 28.82 -15.83 6.86
N ASN B 64 29.45 -15.97 8.01
CA ASN B 64 30.82 -15.40 8.16
C ASN B 64 31.90 -16.21 7.40
N GLY B 65 31.61 -17.49 7.15
CA GLY B 65 32.41 -18.35 6.25
C GLY B 65 32.49 -17.83 4.82
N LEU B 66 31.55 -16.96 4.43
CA LEU B 66 31.67 -16.35 3.09
C LEU B 66 32.96 -15.52 2.88
N LYS B 67 33.54 -15.07 3.98
CA LYS B 67 34.77 -14.29 3.95
C LYS B 67 36.01 -15.15 3.61
N ASN B 68 35.94 -16.47 3.80
CA ASN B 68 36.92 -17.42 3.19
C ASN B 68 36.94 -17.33 1.68
N LYS B 69 35.85 -16.89 1.06
CA LYS B 69 35.85 -16.82 -0.37
C LYS B 69 36.19 -15.43 -0.89
N ASN B 70 36.01 -14.39 -0.09
CA ASN B 70 36.37 -13.01 -0.47
C ASN B 70 36.98 -12.31 0.69
N SER B 71 38.29 -12.07 0.63
CA SER B 71 39.06 -11.67 1.84
C SER B 71 38.71 -10.24 2.30
N GLN B 72 38.19 -9.44 1.35
CA GLN B 72 37.75 -8.06 1.56
C GLN B 72 36.30 -7.89 2.10
N LEU B 73 35.54 -8.99 2.27
CA LEU B 73 34.13 -8.93 2.63
C LEU B 73 34.04 -8.59 4.08
N LYS B 74 33.11 -7.71 4.45
CA LYS B 74 32.88 -7.39 5.88
C LYS B 74 31.48 -7.83 6.28
N THR B 75 31.31 -8.36 7.48
CA THR B 75 29.97 -8.72 7.89
C THR B 75 29.57 -7.99 9.19
N LEU B 76 28.25 -7.71 9.37
CA LEU B 76 27.81 -7.05 10.57
C LEU B 76 26.62 -7.80 11.06
N LEU B 77 26.34 -7.75 12.36
CA LEU B 77 25.11 -8.30 12.89
C LEU B 77 24.21 -7.10 13.27
N ALA B 78 22.95 -7.14 12.82
CA ALA B 78 21.99 -6.07 13.09
C ALA B 78 21.18 -6.50 14.28
N ILE B 79 20.95 -5.60 15.22
CA ILE B 79 20.11 -5.89 16.35
C ILE B 79 18.93 -4.92 16.31
N GLY B 80 17.75 -5.41 16.68
CA GLY B 80 16.53 -4.62 16.56
C GLY B 80 15.60 -5.06 15.44
N GLY B 81 15.21 -4.08 14.62
CA GLY B 81 14.25 -4.30 13.52
C GLY B 81 12.87 -3.83 13.96
N TRP B 82 11.95 -3.61 13.00
CA TRP B 82 10.55 -3.25 13.33
C TRP B 82 9.91 -4.09 14.43
N ASN B 83 9.93 -5.42 14.32
CA ASN B 83 9.11 -6.20 15.25
C ASN B 83 9.65 -6.22 16.66
N PHE B 84 10.98 -6.07 16.78
CA PHE B 84 11.65 -5.99 18.10
C PHE B 84 11.11 -4.82 18.95
N GLY B 85 10.75 -3.70 18.30
CA GLY B 85 10.22 -2.54 19.04
C GLY B 85 11.32 -1.78 19.81
N THR B 86 10.96 -1.17 20.95
CA THR B 86 11.79 -0.16 21.60
C THR B 86 12.01 -0.48 23.06
N ALA B 87 11.14 -1.23 23.70
CA ALA B 87 11.25 -1.39 25.16
C ALA B 87 12.60 -1.94 25.58
N PRO B 88 13.09 -3.00 24.92
CA PRO B 88 14.37 -3.48 25.41
C PRO B 88 15.54 -2.46 25.20
N PHE B 89 15.53 -1.69 24.10
CA PHE B 89 16.51 -0.63 23.94
C PHE B 89 16.41 0.43 25.03
N THR B 90 15.20 0.88 25.31
CA THR B 90 14.94 1.87 26.32
C THR B 90 15.52 1.40 27.63
N ALA B 91 15.21 0.17 28.10
CA ALA B 91 15.80 -0.28 29.37
C ALA B 91 17.30 -0.36 29.29
N MET B 92 17.83 -0.84 28.19
CA MET B 92 19.25 -1.09 28.05
C MET B 92 20.07 0.20 28.14
N VAL B 93 19.60 1.28 27.51
CA VAL B 93 20.33 2.55 27.56
C VAL B 93 20.09 3.38 28.85
N SER B 94 19.11 2.98 29.66
CA SER B 94 18.61 3.88 30.71
C SER B 94 19.57 4.10 31.84
N THR B 95 20.54 3.17 32.03
CA THR B 95 21.64 3.31 33.08
C THR B 95 23.01 2.94 32.50
N PRO B 96 24.12 3.57 32.98
CA PRO B 96 25.49 3.16 32.65
C PRO B 96 25.77 1.67 32.90
N GLU B 97 25.33 1.14 34.04
CA GLU B 97 25.42 -0.31 34.33
C GLU B 97 24.86 -1.16 33.14
N ASN B 98 23.61 -0.93 32.72
CA ASN B 98 23.01 -1.68 31.60
C ASN B 98 23.71 -1.52 30.27
N ARG B 99 24.11 -0.30 29.90
CA ARG B 99 24.85 -0.11 28.65
C ARG B 99 26.15 -0.95 28.65
N GLN B 100 26.82 -0.97 29.77
CA GLN B 100 28.09 -1.70 29.90
C GLN B 100 27.84 -3.24 29.80
N THR B 101 26.81 -3.75 30.48
CA THR B 101 26.40 -5.14 30.28
C THR B 101 26.21 -5.40 28.78
N PHE B 102 25.59 -4.47 28.08
CA PHE B 102 25.26 -4.73 26.69
C PHE B 102 26.54 -4.73 25.86
N ILE B 103 27.35 -3.73 26.05
CA ILE B 103 28.55 -3.59 25.25
C ILE B 103 29.54 -4.75 25.49
N THR B 104 29.78 -5.14 26.75
CA THR B 104 30.61 -6.30 27.01
C THR B 104 30.03 -7.49 26.19
N SER B 105 28.70 -7.71 26.23
CA SER B 105 28.10 -8.90 25.58
C SER B 105 28.30 -8.85 24.05
N VAL B 106 28.27 -7.64 23.49
CA VAL B 106 28.40 -7.54 22.08
C VAL B 106 29.82 -7.88 21.63
N ILE B 107 30.79 -7.29 22.34
CA ILE B 107 32.15 -7.46 21.94
C ILE B 107 32.44 -8.97 21.92
N LYS B 108 32.00 -9.62 22.95
CA LYS B 108 32.21 -11.04 23.04
C LYS B 108 31.46 -11.82 21.92
N PHE B 109 30.23 -11.38 21.59
CA PHE B 109 29.31 -12.14 20.69
C PHE B 109 29.86 -12.01 19.31
N LEU B 110 30.25 -10.80 18.93
CA LEU B 110 30.85 -10.58 17.63
C LEU B 110 32.19 -11.30 17.43
N ARG B 111 33.04 -11.30 18.47
CA ARG B 111 34.32 -11.95 18.35
C ARG B 111 34.12 -13.47 18.27
N GLN B 112 33.28 -14.02 19.15
CA GLN B 112 32.94 -15.44 19.12
C GLN B 112 32.45 -15.98 17.77
N TYR B 113 31.59 -15.22 17.08
CA TYR B 113 30.98 -15.69 15.84
C TYR B 113 31.52 -15.07 14.62
N GLU B 114 32.55 -14.23 14.77
CA GLU B 114 33.30 -13.76 13.61
C GLU B 114 32.63 -12.72 12.71
N PHE B 115 31.85 -11.83 13.34
CA PHE B 115 31.32 -10.62 12.68
C PHE B 115 32.29 -9.47 12.76
N ASP B 116 32.28 -8.52 11.83
CA ASP B 116 33.21 -7.39 11.86
C ASP B 116 32.62 -6.10 12.48
N GLY B 117 31.38 -6.14 12.98
CA GLY B 117 30.71 -4.92 13.54
C GLY B 117 29.27 -5.21 13.97
N LEU B 118 28.66 -4.22 14.61
CA LEU B 118 27.27 -4.20 14.98
C LEU B 118 26.50 -3.12 14.18
N ASP B 119 25.26 -3.45 13.76
CA ASP B 119 24.38 -2.47 13.12
C ASP B 119 23.20 -2.32 14.10
N PHE B 120 23.05 -1.12 14.65
CA PHE B 120 21.86 -0.81 15.46
C PHE B 120 20.65 -0.57 14.56
N ASP B 121 19.55 -1.29 14.79
CA ASP B 121 18.37 -1.04 14.01
C ASP B 121 17.24 -0.76 14.98
N TRP B 122 17.43 0.27 15.79
CA TRP B 122 16.43 0.60 16.81
C TRP B 122 15.35 1.41 16.08
N GLU B 123 14.13 0.93 16.07
CA GLU B 123 13.09 1.72 15.33
C GLU B 123 12.01 2.17 16.31
N TYR B 124 12.11 3.35 16.94
CA TYR B 124 13.21 4.33 16.81
C TYR B 124 13.36 4.99 18.18
N PRO B 125 14.59 5.49 18.50
CA PRO B 125 14.75 6.33 19.74
C PRO B 125 13.71 7.41 19.63
N GLY B 126 12.95 7.60 20.71
CA GLY B 126 12.03 8.75 20.80
C GLY B 126 10.70 8.57 20.10
N SER B 127 10.44 7.39 19.54
CA SER B 127 9.14 7.12 18.91
C SER B 127 8.65 5.75 19.39
N ARG B 128 7.42 5.36 19.05
CA ARG B 128 6.92 4.00 19.35
C ARG B 128 7.07 3.54 20.81
N GLY B 129 6.72 4.45 21.71
CA GLY B 129 6.95 4.13 23.14
C GLY B 129 8.26 4.58 23.74
N SER B 130 9.30 4.86 22.93
CA SER B 130 10.59 5.25 23.50
C SER B 130 10.52 6.74 24.04
N PRO B 131 10.78 6.95 25.33
CA PRO B 131 10.58 8.34 25.83
C PRO B 131 11.65 9.34 25.31
N PRO B 132 11.49 10.65 25.66
CA PRO B 132 12.34 11.63 24.96
C PRO B 132 13.85 11.54 25.29
N GLN B 133 14.17 11.10 26.49
CA GLN B 133 15.57 11.03 26.92
C GLN B 133 16.39 10.08 26.00
N ASP B 134 15.72 9.23 25.23
CA ASP B 134 16.38 8.17 24.47
C ASP B 134 17.05 8.72 23.22
N LYS B 135 16.70 9.95 22.82
CA LYS B 135 17.42 10.53 21.72
C LYS B 135 18.91 10.72 22.10
N HIS B 136 19.12 11.31 23.29
CA HIS B 136 20.47 11.58 23.75
C HIS B 136 21.10 10.31 24.25
N LEU B 137 20.33 9.47 24.97
CA LEU B 137 20.90 8.22 25.48
C LEU B 137 21.42 7.25 24.31
N PHE B 138 20.73 7.18 23.16
CA PHE B 138 21.23 6.48 21.97
C PHE B 138 22.62 6.99 21.58
N THR B 139 22.77 8.30 21.52
CA THR B 139 24.06 8.90 21.28
C THR B 139 25.13 8.48 22.28
N VAL B 140 24.80 8.53 23.57
CA VAL B 140 25.67 8.01 24.61
C VAL B 140 26.01 6.52 24.33
N LEU B 141 25.01 5.71 24.01
CA LEU B 141 25.24 4.30 23.72
C LEU B 141 26.19 4.19 22.54
N VAL B 142 25.96 4.89 21.46
CA VAL B 142 26.79 4.74 20.31
C VAL B 142 28.25 5.17 20.56
N GLN B 143 28.40 6.26 21.32
CA GLN B 143 29.69 6.78 21.70
C GLN B 143 30.42 5.78 22.55
N GLU B 144 29.78 5.26 23.56
CA GLU B 144 30.45 4.32 24.43
C GLU B 144 30.79 3.02 23.67
N MET B 145 29.92 2.63 22.73
CA MET B 145 30.25 1.45 21.95
C MET B 145 31.46 1.70 21.04
N ARG B 146 31.47 2.81 20.34
CA ARG B 146 32.61 3.14 19.51
C ARG B 146 33.92 3.11 20.34
N GLU B 147 33.88 3.68 21.54
CA GLU B 147 35.05 3.79 22.39
C GLU B 147 35.46 2.44 22.91
N ALA B 148 34.50 1.62 23.33
CA ALA B 148 34.85 0.26 23.79
C ALA B 148 35.42 -0.58 22.63
N PHE B 149 34.94 -0.33 21.42
CA PHE B 149 35.51 -1.01 20.26
C PHE B 149 36.95 -0.55 19.99
N GLU B 150 37.21 0.75 20.21
CA GLU B 150 38.55 1.28 19.95
C GLU B 150 39.50 0.66 20.91
N GLN B 151 39.07 0.55 22.16
CA GLN B 151 39.89 -0.06 23.17
C GLN B 151 40.16 -1.52 22.87
N GLU B 152 39.14 -2.26 22.40
CA GLU B 152 39.27 -3.70 22.21
C GLU B 152 40.18 -3.97 21.02
N ALA B 153 40.16 -3.10 20.00
CA ALA B 153 41.04 -3.24 18.84
C ALA B 153 42.53 -3.26 19.22
N LYS B 154 42.84 -2.64 20.36
CA LYS B 154 44.24 -2.46 20.76
C LYS B 154 44.88 -3.77 21.22
N GLN B 155 44.07 -4.69 21.69
CA GLN B 155 44.61 -5.87 22.27
C GLN B 155 44.19 -7.18 21.55
N ILE B 156 43.99 -7.11 20.23
CA ILE B 156 43.63 -8.24 19.41
C ILE B 156 44.16 -7.99 18.02
N ASN B 157 44.49 -9.07 17.34
CA ASN B 157 45.02 -9.03 15.98
C ASN B 157 43.99 -8.80 14.86
N LYS B 158 42.85 -8.20 15.18
CA LYS B 158 41.85 -7.91 14.13
C LYS B 158 41.62 -6.40 14.13
N PRO B 159 41.03 -5.87 13.03
CA PRO B 159 40.79 -4.43 13.05
C PRO B 159 39.61 -4.09 14.02
N ARG B 160 39.47 -2.80 14.33
CA ARG B 160 38.39 -2.32 15.20
C ARG B 160 37.01 -2.86 14.69
N LEU B 161 36.19 -3.39 15.57
CA LEU B 161 34.76 -3.67 15.26
C LEU B 161 34.11 -2.40 14.78
N MET B 162 33.32 -2.48 13.69
CA MET B 162 32.52 -1.39 13.22
C MET B 162 31.18 -1.18 13.98
N VAL B 163 30.72 0.05 13.99
CA VAL B 163 29.41 0.33 14.53
C VAL B 163 28.64 1.15 13.50
N THR B 164 27.46 0.64 13.08
CA THR B 164 26.70 1.39 12.10
C THR B 164 25.28 1.48 12.60
N ALA B 165 24.41 2.11 11.85
CA ALA B 165 23.00 2.16 12.31
C ALA B 165 22.09 2.36 11.09
N ALA B 166 20.98 1.65 11.09
CA ALA B 166 19.90 1.86 10.13
C ALA B 166 19.07 2.96 10.78
N VAL B 167 18.65 3.99 10.02
CA VAL B 167 18.00 5.13 10.63
C VAL B 167 16.76 5.57 9.85
N ALA B 168 15.85 6.27 10.51
CA ALA B 168 14.59 6.71 9.90
C ALA B 168 14.71 7.58 8.70
N ALA B 169 13.78 7.44 7.77
CA ALA B 169 13.58 8.39 6.72
C ALA B 169 12.48 9.44 6.97
N GLY B 170 11.57 9.19 7.93
CA GLY B 170 10.47 10.08 8.21
C GLY B 170 10.99 11.27 8.99
N ILE B 171 10.69 12.48 8.51
CA ILE B 171 11.26 13.68 9.13
C ILE B 171 10.97 13.77 10.65
N SER B 172 9.74 13.48 11.00
CA SER B 172 9.38 13.56 12.41
C SER B 172 10.09 12.52 13.31
N ASN B 173 10.22 11.29 12.80
CA ASN B 173 11.04 10.23 13.45
C ASN B 173 12.50 10.66 13.55
N ILE B 174 12.98 11.34 12.53
CA ILE B 174 14.36 11.80 12.54
C ILE B 174 14.57 12.83 13.66
N GLN B 175 13.65 13.79 13.77
CA GLN B 175 13.76 14.90 14.71
C GLN B 175 13.61 14.44 16.14
N SER B 176 12.83 13.41 16.43
CA SER B 176 12.76 12.97 17.83
C SER B 176 13.75 11.86 18.14
N GLY B 177 14.51 11.45 17.12
CA GLY B 177 15.34 10.23 17.22
C GLY B 177 16.82 10.52 17.37
N TYR B 178 17.36 11.47 16.61
CA TYR B 178 18.80 11.50 16.44
C TYR B 178 19.54 12.82 16.70
N GLU B 179 20.64 12.76 17.47
CA GLU B 179 21.56 13.88 17.49
C GLU B 179 22.49 13.73 16.36
N ILE B 180 22.17 14.23 15.19
CA ILE B 180 22.88 13.84 13.95
C ILE B 180 24.42 14.11 13.92
N PRO B 181 24.87 15.36 14.22
CA PRO B 181 26.31 15.62 14.14
C PRO B 181 27.14 14.71 15.07
N GLN B 182 26.67 14.51 16.29
CA GLN B 182 27.34 13.65 17.24
C GLN B 182 27.42 12.19 16.87
N LEU B 183 26.26 11.55 16.61
CA LEU B 183 26.22 10.21 16.05
C LEU B 183 27.15 10.03 14.86
N SER B 184 27.10 10.96 13.91
CA SER B 184 28.04 11.00 12.78
C SER B 184 29.52 10.90 13.14
N GLN B 185 29.94 11.43 14.29
CA GLN B 185 31.35 11.28 14.62
C GLN B 185 31.62 9.80 14.95
N TYR B 186 30.71 9.16 15.68
CA TYR B 186 30.94 7.86 16.26
C TYR B 186 30.63 6.65 15.37
N LEU B 187 29.70 6.81 14.43
CA LEU B 187 29.26 5.74 13.57
C LEU B 187 30.20 5.65 12.37
N ASP B 188 30.49 4.42 11.93
CA ASP B 188 31.22 4.19 10.70
C ASP B 188 30.34 4.47 9.48
N TYR B 189 29.04 4.09 9.54
CA TYR B 189 28.12 4.31 8.40
C TYR B 189 26.73 4.53 8.88
N ILE B 190 25.95 5.16 8.05
CA ILE B 190 24.58 5.54 8.43
C ILE B 190 23.73 5.01 7.31
N HIS B 191 22.91 3.99 7.59
CA HIS B 191 22.10 3.35 6.57
C HIS B 191 20.72 3.94 6.60
N VAL B 192 20.40 4.79 5.63
CA VAL B 192 19.17 5.55 5.67
C VAL B 192 18.01 4.71 5.02
N MET B 193 16.96 4.45 5.79
CA MET B 193 15.94 3.53 5.27
C MET B 193 15.02 4.28 4.34
N THR B 194 15.55 4.70 3.19
CA THR B 194 14.78 5.44 2.20
C THR B 194 13.87 4.51 1.38
N TYR B 195 12.91 3.91 2.07
CA TYR B 195 11.90 3.15 1.39
C TYR B 195 10.75 3.04 2.39
N ASP B 196 9.69 2.29 2.02
CA ASP B 196 8.40 2.33 2.69
C ASP B 196 7.90 3.79 2.88
N LEU B 197 8.14 4.59 1.85
CA LEU B 197 7.84 6.00 1.89
C LEU B 197 6.35 6.18 1.59
N HIS B 198 5.77 5.27 0.81
CA HIS B 198 4.32 5.18 0.67
C HIS B 198 3.89 3.74 0.87
N GLY B 199 2.60 3.52 1.15
CA GLY B 199 2.01 2.17 1.17
C GLY B 199 0.53 2.28 1.45
N SER B 200 -0.14 1.13 1.61
CA SER B 200 -1.61 1.09 1.59
C SER B 200 -2.25 1.70 2.82
N TRP B 201 -1.49 1.80 3.90
CA TRP B 201 -1.92 2.50 5.08
C TRP B 201 -2.28 3.98 4.77
N GLU B 202 -1.86 4.53 3.62
CA GLU B 202 -2.17 5.91 3.29
C GLU B 202 -3.52 6.17 2.65
N GLY B 203 -4.08 5.12 2.00
CA GLY B 203 -5.41 5.17 1.39
C GLY B 203 -5.34 5.48 -0.10
N TYR B 204 -4.14 5.78 -0.57
CA TYR B 204 -3.97 6.19 -1.95
C TYR B 204 -2.81 5.39 -2.52
N THR B 205 -2.81 5.13 -3.83
CA THR B 205 -1.58 4.58 -4.37
C THR B 205 -0.37 5.54 -4.20
N GLY B 206 0.84 5.00 -4.03
CA GLY B 206 2.07 5.84 -3.93
C GLY B 206 3.28 4.91 -4.05
N GLU B 207 4.43 5.46 -4.36
CA GLU B 207 5.64 4.67 -4.54
C GLU B 207 6.42 4.35 -3.29
N ASN B 208 7.16 3.25 -3.34
CA ASN B 208 7.83 2.74 -2.16
C ASN B 208 9.10 3.57 -1.94
N SER B 209 9.83 3.84 -2.98
CA SER B 209 11.07 4.60 -2.80
C SER B 209 11.26 5.58 -3.98
N PRO B 210 10.33 6.53 -4.18
CA PRO B 210 10.51 7.41 -5.35
C PRO B 210 11.78 8.26 -5.15
N LEU B 211 12.48 8.60 -6.23
CA LEU B 211 13.65 9.40 -6.01
C LEU B 211 13.32 10.88 -5.76
N TYR B 212 12.31 11.40 -6.47
CA TYR B 212 11.91 12.83 -6.34
C TYR B 212 10.46 12.93 -5.91
N LYS B 213 10.01 14.12 -5.53
CA LYS B 213 8.58 14.39 -5.23
C LYS B 213 7.66 14.17 -6.46
N TYR B 214 6.40 13.85 -6.20
CA TYR B 214 5.41 13.91 -7.27
C TYR B 214 4.98 15.38 -7.37
N PRO B 215 4.73 15.92 -8.59
CA PRO B 215 4.29 17.35 -8.64
C PRO B 215 3.08 17.71 -7.71
N THR B 216 2.32 16.70 -7.32
CA THR B 216 1.09 16.85 -6.54
C THR B 216 1.35 16.86 -5.03
N ASP B 217 2.55 16.42 -4.64
CA ASP B 217 2.92 16.21 -3.24
C ASP B 217 3.05 17.57 -2.54
N THR B 218 2.27 17.74 -1.48
CA THR B 218 2.23 18.99 -0.73
C THR B 218 2.18 18.75 0.78
N GLY B 219 2.64 19.74 1.54
CA GLY B 219 2.61 19.63 3.01
C GLY B 219 3.62 18.55 3.32
N SER B 220 3.26 17.65 4.21
CA SER B 220 4.24 16.70 4.66
C SER B 220 4.54 15.59 3.64
N ASN B 221 3.65 15.36 2.65
CA ASN B 221 3.96 14.43 1.55
C ASN B 221 5.14 14.89 0.72
N ALA B 222 5.49 16.16 0.87
CA ALA B 222 6.62 16.73 0.13
C ALA B 222 7.97 16.09 0.47
N TYR B 223 8.08 15.59 1.69
CA TYR B 223 9.32 15.07 2.22
C TYR B 223 9.56 13.60 1.89
N LEU B 224 8.57 12.94 1.25
CA LEU B 224 8.54 11.49 1.14
C LEU B 224 9.19 11.06 -0.17
N ASN B 225 10.48 11.35 -0.31
CA ASN B 225 11.24 10.87 -1.49
C ASN B 225 12.72 10.81 -1.12
N VAL B 226 13.52 10.06 -1.89
CA VAL B 226 14.93 9.81 -1.54
C VAL B 226 15.79 11.08 -1.48
N ASP B 227 15.63 11.93 -2.48
CA ASP B 227 16.37 13.21 -2.55
C ASP B 227 16.13 14.03 -1.33
N TYR B 228 14.87 14.25 -0.99
CA TYR B 228 14.61 14.99 0.20
C TYR B 228 15.24 14.42 1.48
N VAL B 229 15.03 13.14 1.74
CA VAL B 229 15.55 12.54 3.00
C VAL B 229 17.10 12.55 3.04
N MET B 230 17.74 12.28 1.93
CA MET B 230 19.15 12.10 1.94
C MET B 230 19.78 13.49 2.13
N ASN B 231 19.25 14.48 1.42
CA ASN B 231 19.68 15.86 1.64
C ASN B 231 19.39 16.40 3.03
N TYR B 232 18.32 15.92 3.69
CA TYR B 232 18.06 16.34 5.10
C TYR B 232 19.17 15.85 6.00
N TRP B 233 19.49 14.56 5.88
CA TRP B 233 20.58 14.00 6.68
C TRP B 233 21.88 14.71 6.46
N LYS B 234 22.22 14.95 5.20
CA LYS B 234 23.47 15.63 4.87
C LYS B 234 23.50 17.09 5.39
N ASP B 235 22.41 17.84 5.18
CA ASP B 235 22.42 19.28 5.57
C ASP B 235 22.34 19.39 7.06
N ASN B 236 21.89 18.31 7.69
CA ASN B 236 21.74 18.35 9.11
C ASN B 236 22.89 17.73 9.88
N GLY B 237 24.04 17.63 9.23
CA GLY B 237 25.25 17.27 9.97
C GLY B 237 25.90 15.94 9.67
N ALA B 238 25.27 15.06 8.88
CA ALA B 238 26.00 13.78 8.55
C ALA B 238 26.86 13.93 7.31
N PRO B 239 28.15 13.63 7.41
CA PRO B 239 29.07 13.76 6.22
C PRO B 239 28.61 12.88 5.06
N ALA B 240 28.70 13.36 3.85
CA ALA B 240 28.15 12.61 2.72
C ALA B 240 28.74 11.18 2.63
N GLU B 241 30.02 11.05 2.97
CA GLU B 241 30.70 9.81 2.73
C GLU B 241 30.28 8.73 3.70
N LYS B 242 29.70 9.07 4.87
CA LYS B 242 29.15 8.04 5.76
C LYS B 242 27.66 7.67 5.47
N LEU B 243 26.98 8.39 4.58
CA LEU B 243 25.55 8.23 4.35
C LEU B 243 25.39 7.25 3.25
N ILE B 244 24.64 6.18 3.53
CA ILE B 244 24.47 5.11 2.57
C ILE B 244 23.00 5.14 2.21
N VAL B 245 22.70 5.17 0.90
CA VAL B 245 21.34 5.29 0.44
C VAL B 245 20.57 3.94 0.52
N GLY B 246 19.38 3.89 1.12
CA GLY B 246 18.55 2.64 1.10
C GLY B 246 17.83 2.40 -0.23
N PHE B 247 17.95 1.15 -0.73
CA PHE B 247 17.39 0.66 -2.01
C PHE B 247 16.59 -0.61 -1.67
N PRO B 248 15.31 -0.65 -2.07
CA PRO B 248 14.52 -1.85 -1.68
C PRO B 248 14.42 -2.84 -2.87
N THR B 249 14.49 -4.16 -2.65
CA THR B 249 14.30 -5.11 -3.74
C THR B 249 12.92 -5.72 -3.69
N TYR B 250 11.96 -4.91 -3.31
CA TYR B 250 10.60 -5.36 -3.18
C TYR B 250 9.75 -4.13 -3.45
N GLY B 251 8.46 -4.31 -3.64
CA GLY B 251 7.55 -3.21 -3.84
C GLY B 251 6.35 -3.34 -2.89
N HIS B 252 5.58 -2.26 -2.71
CA HIS B 252 4.33 -2.28 -1.96
C HIS B 252 3.16 -2.37 -2.92
N ASN B 253 2.14 -3.13 -2.52
CA ASN B 253 0.98 -3.29 -3.39
C ASN B 253 -0.30 -2.89 -2.68
N PHE B 254 -1.35 -2.65 -3.46
CA PHE B 254 -2.59 -2.02 -2.98
C PHE B 254 -3.76 -2.61 -3.70
N ILE B 255 -4.92 -2.60 -3.08
CA ILE B 255 -6.16 -2.86 -3.79
C ILE B 255 -6.73 -1.54 -4.32
N LEU B 256 -6.88 -1.40 -5.63
CA LEU B 256 -7.53 -0.20 -6.24
C LEU B 256 -8.99 -0.12 -5.87
N SER B 257 -9.41 1.02 -5.33
CA SER B 257 -10.82 1.28 -5.01
C SER B 257 -11.66 1.28 -6.28
N ASN B 258 -11.07 1.86 -7.31
CA ASN B 258 -11.67 1.82 -8.61
C ASN B 258 -10.68 1.45 -9.69
N PRO B 259 -10.83 0.27 -10.28
CA PRO B 259 -9.91 -0.30 -11.28
C PRO B 259 -9.71 0.56 -12.53
N SER B 260 -10.55 1.58 -12.70
CA SER B 260 -10.36 2.65 -13.74
C SER B 260 -9.28 3.65 -13.42
N ASN B 261 -9.14 3.97 -12.12
CA ASN B 261 -8.18 4.98 -11.68
C ASN B 261 -6.94 4.25 -11.17
N THR B 262 -5.94 4.22 -12.03
CA THR B 262 -4.73 3.47 -11.80
C THR B 262 -3.54 4.40 -11.66
N GLY B 263 -3.75 5.69 -11.51
CA GLY B 263 -2.59 6.61 -11.52
C GLY B 263 -1.88 6.73 -10.17
N ILE B 264 -0.89 7.62 -10.03
CA ILE B 264 -0.28 7.85 -8.74
C ILE B 264 -1.30 8.64 -7.98
N GLY B 265 -1.70 8.17 -6.83
CA GLY B 265 -2.61 8.94 -6.00
C GLY B 265 -4.05 8.45 -6.11
N ALA B 266 -4.27 7.36 -6.85
CA ALA B 266 -5.61 6.78 -6.93
C ALA B 266 -6.00 6.26 -5.59
N PRO B 267 -7.31 6.33 -5.25
CA PRO B 267 -7.70 5.77 -3.95
C PRO B 267 -7.62 4.24 -3.88
N THR B 268 -7.35 3.73 -2.69
CA THR B 268 -7.19 2.32 -2.52
C THR B 268 -7.99 1.86 -1.32
N SER B 269 -8.38 0.61 -1.32
CA SER B 269 -9.20 0.10 -0.20
C SER B 269 -8.47 -0.87 0.74
N GLY B 270 -7.21 -1.18 0.46
CA GLY B 270 -6.39 -1.92 1.44
C GLY B 270 -5.06 -2.38 0.86
N ALA B 271 -4.33 -3.17 1.64
CA ALA B 271 -3.11 -3.78 1.11
C ALA B 271 -3.39 -4.78 -0.01
N GLY B 272 -2.45 -4.92 -0.93
CA GLY B 272 -2.51 -5.93 -1.97
C GLY B 272 -2.21 -7.34 -1.42
N PRO B 273 -2.45 -8.38 -2.22
CA PRO B 273 -2.32 -9.76 -1.75
C PRO B 273 -0.90 -10.12 -1.43
N ALA B 274 -0.70 -10.85 -0.33
CA ALA B 274 0.52 -11.63 -0.07
C ALA B 274 1.00 -12.38 -1.37
N GLY B 275 2.32 -12.41 -1.62
CA GLY B 275 2.85 -13.23 -2.71
C GLY B 275 3.08 -14.69 -2.26
N PRO B 276 3.29 -15.62 -3.20
CA PRO B 276 3.32 -17.05 -2.83
C PRO B 276 4.62 -17.44 -2.12
N TYR B 277 5.60 -16.54 -2.09
CA TYR B 277 6.88 -16.87 -1.53
C TYR B 277 7.21 -16.16 -0.20
N ALA B 278 7.19 -14.81 -0.22
CA ALA B 278 7.41 -14.03 0.97
C ALA B 278 6.18 -14.04 1.87
N LYS B 279 5.02 -14.28 1.30
CA LYS B 279 3.81 -14.38 2.10
C LYS B 279 3.48 -13.10 2.92
N GLU B 280 3.76 -11.94 2.35
CA GLU B 280 3.73 -10.74 3.17
C GLU B 280 2.64 -9.83 2.62
N SER B 281 1.57 -9.61 3.38
CA SER B 281 0.49 -8.68 2.98
C SER B 281 1.07 -7.35 2.53
N GLY B 282 0.65 -6.84 1.36
CA GLY B 282 1.03 -5.52 0.90
C GLY B 282 2.46 -5.43 0.36
N ILE B 283 3.21 -6.53 0.32
CA ILE B 283 4.60 -6.45 -0.17
C ILE B 283 4.85 -7.61 -1.09
N TRP B 284 5.48 -7.35 -2.24
CA TRP B 284 6.01 -8.39 -3.11
C TRP B 284 7.49 -8.23 -3.30
N ALA B 285 8.24 -9.32 -3.17
CA ALA B 285 9.63 -9.31 -3.55
C ALA B 285 9.73 -8.96 -5.00
N TYR B 286 10.87 -8.45 -5.44
CA TYR B 286 11.10 -8.22 -6.87
C TYR B 286 10.75 -9.45 -7.71
N TYR B 287 11.16 -10.63 -7.28
CA TYR B 287 10.90 -11.81 -8.14
C TYR B 287 9.41 -12.18 -8.19
N GLU B 288 8.66 -11.85 -7.14
CA GLU B 288 7.22 -12.06 -7.21
C GLU B 288 6.59 -11.08 -8.17
N ILE B 289 7.20 -9.87 -8.29
CA ILE B 289 6.63 -8.85 -9.13
C ILE B 289 6.89 -9.30 -10.56
N CYS B 290 8.04 -9.94 -10.81
CA CYS B 290 8.27 -10.45 -12.15
C CYS B 290 7.18 -11.46 -12.56
N THR B 291 6.65 -12.30 -11.66
CA THR B 291 5.56 -13.17 -12.06
C THR B 291 4.30 -12.37 -12.47
N PHE B 292 3.94 -11.34 -11.70
CA PHE B 292 2.80 -10.43 -11.99
C PHE B 292 2.90 -9.88 -13.38
N LEU B 293 4.12 -9.53 -13.83
CA LEU B 293 4.33 -8.91 -15.12
C LEU B 293 4.29 -9.92 -16.26
N LYS B 294 4.77 -11.13 -16.01
CA LYS B 294 4.78 -12.23 -16.97
C LYS B 294 3.32 -12.49 -17.33
N ASN B 295 2.49 -12.33 -16.28
CA ASN B 295 1.03 -12.44 -16.31
C ASN B 295 0.33 -11.24 -17.03
N GLY B 296 1.11 -10.47 -17.81
CA GLY B 296 0.58 -9.37 -18.55
C GLY B 296 0.05 -8.23 -17.73
N ALA B 297 0.55 -7.98 -16.49
CA ALA B 297 0.15 -6.77 -15.78
C ALA B 297 0.47 -5.57 -16.66
N THR B 298 -0.32 -4.49 -16.52
CA THR B 298 0.06 -3.25 -17.24
C THR B 298 1.23 -2.52 -16.55
N GLN B 299 2.30 -2.31 -17.30
CA GLN B 299 3.47 -1.59 -16.84
C GLN B 299 3.41 -0.07 -17.01
N GLY B 300 3.61 0.66 -15.92
CA GLY B 300 3.67 2.15 -15.98
C GLY B 300 5.01 2.74 -15.54
N TRP B 301 5.25 4.00 -15.89
CA TRP B 301 6.47 4.66 -15.43
C TRP B 301 6.04 5.95 -14.77
N ASP B 302 6.50 6.18 -13.55
CA ASP B 302 6.15 7.40 -12.81
C ASP B 302 7.29 8.39 -13.09
N ALA B 303 7.18 9.12 -14.21
CA ALA B 303 8.25 10.01 -14.71
C ALA B 303 8.80 11.01 -13.71
N PRO B 304 7.93 11.74 -13.02
CA PRO B 304 8.55 12.73 -12.10
C PRO B 304 9.34 12.07 -10.98
N GLN B 305 8.95 10.85 -10.61
CA GLN B 305 9.66 10.18 -9.49
C GLN B 305 10.73 9.18 -9.87
N GLU B 306 10.86 8.89 -11.17
CA GLU B 306 11.84 7.96 -11.69
C GLU B 306 11.70 6.51 -11.18
N VAL B 307 10.48 6.01 -11.00
CA VAL B 307 10.28 4.59 -10.55
C VAL B 307 9.11 3.94 -11.28
N PRO B 308 9.12 2.59 -11.43
CA PRO B 308 7.98 1.93 -12.15
C PRO B 308 6.72 1.64 -11.30
N TYR B 309 5.61 1.31 -11.97
CA TYR B 309 4.52 0.69 -11.31
C TYR B 309 3.82 -0.26 -12.23
N ALA B 310 2.89 -1.03 -11.70
CA ALA B 310 2.16 -1.94 -12.55
C ALA B 310 0.86 -2.26 -11.91
N TYR B 311 -0.13 -2.63 -12.72
CA TYR B 311 -1.44 -2.90 -12.17
C TYR B 311 -2.13 -3.92 -13.05
N GLN B 312 -3.12 -4.61 -12.48
CA GLN B 312 -3.94 -5.56 -13.19
C GLN B 312 -5.20 -5.75 -12.41
N GLY B 313 -6.35 -5.60 -13.07
CA GLY B 313 -7.60 -5.68 -12.35
C GLY B 313 -7.58 -4.62 -11.24
N ASN B 314 -7.98 -5.02 -10.03
CA ASN B 314 -7.89 -4.12 -8.90
C ASN B 314 -6.53 -4.12 -8.08
N VAL B 315 -5.45 -4.60 -8.69
CA VAL B 315 -4.16 -4.76 -7.92
C VAL B 315 -3.12 -3.86 -8.50
N TRP B 316 -2.52 -3.03 -7.67
CA TRP B 316 -1.53 -2.04 -8.16
C TRP B 316 -0.27 -2.23 -7.28
N VAL B 317 0.90 -2.10 -7.86
CA VAL B 317 2.18 -2.26 -7.12
C VAL B 317 3.14 -1.15 -7.50
N GLY B 318 3.76 -0.52 -6.48
CA GLY B 318 4.82 0.50 -6.72
C GLY B 318 6.12 -0.17 -6.35
N TYR B 319 7.14 -0.07 -7.20
CA TYR B 319 8.34 -0.90 -6.99
C TYR B 319 9.58 -0.33 -7.62
N ASP B 320 10.66 -1.09 -7.56
CA ASP B 320 11.91 -0.69 -8.19
C ASP B 320 12.42 -1.74 -9.19
N ASN B 321 13.01 -1.28 -10.28
CA ASN B 321 13.49 -2.20 -11.26
C ASN B 321 14.90 -1.82 -11.68
N ILE B 322 15.41 -2.40 -12.75
CA ILE B 322 16.82 -2.16 -13.06
C ILE B 322 17.01 -0.71 -13.44
N LYS B 323 16.05 -0.22 -14.17
CA LYS B 323 16.05 1.15 -14.62
C LYS B 323 16.01 2.18 -13.47
N SER B 324 15.08 2.02 -12.53
CA SER B 324 15.04 2.94 -11.37
C SER B 324 16.32 2.81 -10.55
N PHE B 325 16.79 1.58 -10.29
CA PHE B 325 17.99 1.39 -9.43
C PHE B 325 19.16 2.13 -10.06
N ASP B 326 19.26 1.97 -11.36
CA ASP B 326 20.36 2.62 -12.06
C ASP B 326 20.29 4.18 -12.12
N ILE B 327 19.09 4.77 -12.23
CA ILE B 327 18.91 6.21 -12.12
C ILE B 327 19.36 6.68 -10.73
N LYS B 328 18.94 5.97 -9.70
CA LYS B 328 19.33 6.32 -8.34
C LYS B 328 20.80 6.11 -8.11
N ALA B 329 21.42 5.12 -8.75
CA ALA B 329 22.83 4.94 -8.46
C ALA B 329 23.65 6.07 -9.14
N GLN B 330 23.27 6.51 -10.33
CA GLN B 330 23.95 7.69 -10.93
C GLN B 330 23.77 8.94 -9.99
N TRP B 331 22.51 9.20 -9.57
CA TRP B 331 22.22 10.23 -8.59
C TRP B 331 23.06 10.15 -7.31
N LEU B 332 23.26 8.97 -6.73
CA LEU B 332 23.95 8.99 -5.45
C LEU B 332 25.42 9.32 -5.67
N LYS B 333 25.92 8.93 -6.83
CA LYS B 333 27.30 9.21 -7.13
C LYS B 333 27.40 10.71 -7.38
N HIS B 334 26.46 11.27 -8.12
CA HIS B 334 26.59 12.68 -8.42
C HIS B 334 26.56 13.50 -7.13
N ASN B 335 25.91 12.98 -6.08
CA ASN B 335 25.75 13.70 -4.79
C ASN B 335 26.79 13.31 -3.74
N LYS B 336 27.69 12.40 -4.14
CA LYS B 336 28.83 11.99 -3.34
C LYS B 336 28.53 11.29 -2.00
N PHE B 337 27.40 10.51 -1.95
CA PHE B 337 27.14 9.57 -0.82
C PHE B 337 28.13 8.38 -0.76
N GLY B 338 28.22 7.73 0.39
CA GLY B 338 29.26 6.69 0.56
C GLY B 338 28.94 5.43 -0.25
N GLY B 339 27.70 5.32 -0.70
CA GLY B 339 27.27 4.09 -1.36
C GLY B 339 25.82 3.74 -1.13
N ALA B 340 25.49 2.47 -1.28
CA ALA B 340 24.09 1.99 -1.24
C ALA B 340 23.97 0.85 -0.27
N MET B 341 22.78 0.72 0.32
CA MET B 341 22.45 -0.37 1.19
C MET B 341 21.14 -1.00 0.61
N VAL B 342 20.95 -2.32 0.74
CA VAL B 342 19.83 -3.01 0.05
C VAL B 342 19.03 -3.82 1.07
N TRP B 343 17.76 -3.55 1.17
CA TRP B 343 16.88 -4.45 1.86
C TRP B 343 16.03 -5.14 0.78
N ALA B 344 16.24 -6.42 0.48
CA ALA B 344 17.18 -7.33 1.14
C ALA B 344 17.74 -8.23 0.03
N ILE B 345 18.88 -8.84 0.27
CA ILE B 345 19.48 -9.69 -0.73
C ILE B 345 18.56 -10.87 -1.06
N ASP B 346 17.73 -11.28 -0.10
CA ASP B 346 16.88 -12.43 -0.31
C ASP B 346 15.57 -12.11 -1.08
N LEU B 347 15.37 -10.86 -1.46
CA LEU B 347 14.11 -10.46 -2.21
C LEU B 347 14.47 -10.09 -3.64
N ASP B 348 15.74 -9.98 -3.96
CA ASP B 348 16.13 -9.85 -5.39
C ASP B 348 15.90 -11.23 -6.12
N ASP B 349 15.98 -11.27 -7.46
CA ASP B 349 15.80 -12.54 -8.17
C ASP B 349 17.12 -13.33 -8.10
N PHE B 350 17.36 -13.90 -6.93
CA PHE B 350 18.61 -14.50 -6.70
C PHE B 350 18.83 -15.74 -7.55
N THR B 351 17.77 -16.47 -7.89
CA THR B 351 17.96 -17.67 -8.76
C THR B 351 18.14 -17.30 -10.23
N GLY B 352 17.81 -16.07 -10.60
CA GLY B 352 17.78 -15.70 -12.02
C GLY B 352 16.54 -16.23 -12.73
N THR B 353 15.72 -17.08 -12.08
CA THR B 353 14.74 -17.81 -12.84
C THR B 353 13.37 -17.16 -12.94
N PHE B 354 13.14 -15.98 -12.36
CA PHE B 354 11.82 -15.35 -12.36
C PHE B 354 11.76 -14.18 -13.34
N CYS B 355 12.88 -13.46 -13.47
CA CYS B 355 12.83 -12.15 -14.14
C CYS B 355 13.48 -12.14 -15.54
N ASN B 356 14.28 -13.16 -15.80
CA ASN B 356 14.99 -13.28 -17.05
C ASN B 356 16.08 -12.21 -17.18
N GLN B 357 16.75 -11.87 -16.08
CA GLN B 357 17.71 -10.74 -16.18
C GLN B 357 18.97 -11.15 -15.48
N GLY B 358 19.19 -12.45 -15.40
CA GLY B 358 20.38 -12.97 -14.71
C GLY B 358 20.12 -13.05 -13.22
N LYS B 359 21.14 -13.54 -12.53
CA LYS B 359 21.17 -13.66 -11.11
C LYS B 359 21.34 -12.28 -10.42
N PHE B 360 20.55 -12.05 -9.38
CA PHE B 360 20.65 -10.82 -8.59
C PHE B 360 20.61 -9.60 -9.52
N PRO B 361 19.59 -9.47 -10.38
CA PRO B 361 19.60 -8.38 -11.36
C PRO B 361 19.66 -6.96 -10.73
N LEU B 362 18.99 -6.77 -9.60
CA LEU B 362 18.91 -5.46 -8.96
C LEU B 362 20.25 -5.18 -8.34
N ILE B 363 20.70 -6.08 -7.48
CA ILE B 363 21.94 -5.84 -6.79
C ILE B 363 23.15 -5.79 -7.74
N SER B 364 23.17 -6.63 -8.81
CA SER B 364 24.21 -6.54 -9.88
C SER B 364 24.29 -5.18 -10.59
N THR B 365 23.11 -4.62 -10.88
CA THR B 365 22.98 -3.25 -11.38
C THR B 365 23.74 -2.25 -10.46
N LEU B 366 23.50 -2.28 -9.15
CA LEU B 366 24.27 -1.40 -8.26
C LEU B 366 25.78 -1.68 -8.29
N LYS B 367 26.17 -2.95 -8.28
CA LYS B 367 27.61 -3.35 -8.31
C LYS B 367 28.28 -2.73 -9.55
N LYS B 368 27.61 -2.82 -10.69
CA LYS B 368 28.10 -2.26 -11.91
C LYS B 368 28.12 -0.73 -11.83
N ALA B 369 26.99 -0.12 -11.47
CA ALA B 369 26.92 1.33 -11.52
C ALA B 369 27.89 2.07 -10.57
N LEU B 370 28.33 1.39 -9.52
CA LEU B 370 29.14 1.99 -8.46
C LEU B 370 30.63 1.66 -8.60
N GLY B 371 30.97 1.14 -9.76
CA GLY B 371 32.35 0.81 -10.10
C GLY B 371 32.94 -0.30 -9.29
N LEU B 372 32.14 -1.26 -8.86
CA LEU B 372 32.66 -2.31 -8.03
C LEU B 372 32.78 -3.60 -8.83
N GLN B 373 32.46 -3.52 -10.11
CA GLN B 373 32.42 -4.67 -10.98
C GLN B 373 33.80 -5.36 -10.99
N SER B 374 34.85 -4.55 -10.82
CA SER B 374 36.23 -5.01 -10.77
C SER B 374 36.75 -5.25 -9.32
N ALA B 375 35.88 -5.21 -8.30
CA ALA B 375 36.34 -5.49 -6.92
C ALA B 375 37.02 -6.87 -6.91
N SER B 376 38.04 -7.07 -6.08
CA SER B 376 38.72 -8.36 -6.08
C SER B 376 37.86 -9.33 -5.29
N CYS B 377 37.78 -10.57 -5.75
CA CYS B 377 37.07 -11.60 -5.00
C CYS B 377 37.96 -12.86 -4.87
N THR B 378 38.81 -12.85 -3.84
CA THR B 378 39.87 -13.85 -3.66
C THR B 378 40.12 -14.12 -2.19
N ALA B 379 40.32 -15.40 -1.87
CA ALA B 379 40.61 -15.93 -0.52
C ALA B 379 41.87 -15.36 0.12
N PRO B 380 42.01 -15.50 1.46
CA PRO B 380 43.32 -15.24 2.12
C PRO B 380 44.41 -16.26 1.73
N ALA C 4 17.12 -40.52 0.45
CA ALA C 4 16.14 -41.56 0.92
C ALA C 4 14.98 -41.70 -0.13
N TYR C 5 14.43 -40.59 -0.66
CA TYR C 5 13.39 -40.71 -1.71
C TYR C 5 13.78 -40.10 -3.03
N GLN C 6 13.31 -40.70 -4.13
CA GLN C 6 13.42 -40.12 -5.47
C GLN C 6 12.20 -39.26 -5.88
N LEU C 7 12.43 -38.29 -6.78
CA LEU C 7 11.38 -37.50 -7.39
C LEU C 7 11.77 -37.47 -8.84
N THR C 8 10.95 -38.16 -9.61
CA THR C 8 11.21 -38.43 -10.98
C THR C 8 10.16 -37.75 -11.81
N CYS C 9 10.55 -36.89 -12.76
CA CYS C 9 9.58 -36.09 -13.50
C CYS C 9 9.63 -36.38 -14.99
N TYR C 10 8.48 -36.63 -15.64
CA TYR C 10 8.45 -36.79 -17.08
C TYR C 10 8.33 -35.44 -17.81
N PHE C 11 9.07 -35.34 -18.92
CA PHE C 11 9.05 -34.21 -19.79
C PHE C 11 8.51 -34.70 -21.11
N THR C 12 7.59 -33.99 -21.73
CA THR C 12 7.12 -34.44 -23.00
C THR C 12 7.63 -33.54 -24.18
N ASN C 13 8.07 -34.20 -25.25
CA ASN C 13 8.72 -33.52 -26.35
C ASN C 13 7.71 -32.94 -27.37
N TRP C 14 6.40 -33.06 -27.09
CA TRP C 14 5.41 -32.30 -27.84
C TRP C 14 4.86 -31.06 -27.11
N ALA C 15 5.29 -30.83 -25.88
CA ALA C 15 4.87 -29.66 -25.09
C ALA C 15 5.38 -28.32 -25.72
N GLN C 16 6.44 -28.45 -26.51
CA GLN C 16 7.08 -27.30 -27.18
C GLN C 16 6.15 -26.62 -28.21
N TYR C 17 5.01 -27.22 -28.57
CA TYR C 17 4.15 -26.68 -29.62
C TYR C 17 2.92 -25.99 -29.08
N ARG C 18 2.77 -26.00 -27.76
CA ARG C 18 1.66 -25.37 -27.15
C ARG C 18 1.87 -23.86 -27.23
N PRO C 19 0.79 -23.12 -27.39
CA PRO C 19 0.90 -21.67 -27.56
C PRO C 19 1.22 -20.89 -26.26
N GLY C 20 1.89 -19.76 -26.44
CA GLY C 20 2.02 -18.72 -25.41
C GLY C 20 2.67 -19.31 -24.17
N LEU C 21 1.97 -19.13 -23.08
CA LEU C 21 2.45 -19.48 -21.75
C LEU C 21 2.47 -21.00 -21.55
N GLY C 22 1.75 -21.78 -22.38
CA GLY C 22 1.82 -23.26 -22.38
C GLY C 22 3.08 -23.91 -22.91
N ARG C 23 3.86 -23.14 -23.70
CA ARG C 23 4.99 -23.68 -24.44
C ARG C 23 6.06 -24.13 -23.42
N PHE C 24 6.52 -25.38 -23.48
CA PHE C 24 7.44 -25.87 -22.49
C PHE C 24 8.62 -26.58 -23.15
N MET C 25 9.83 -26.12 -22.84
CA MET C 25 11.10 -26.63 -23.44
C MET C 25 11.94 -27.16 -22.30
N PRO C 26 13.01 -27.95 -22.61
CA PRO C 26 13.84 -28.47 -21.53
C PRO C 26 14.44 -27.37 -20.69
N ASP C 27 14.69 -26.20 -21.30
CA ASP C 27 15.32 -25.08 -20.56
C ASP C 27 14.38 -24.48 -19.48
N ASP C 28 13.08 -24.73 -19.63
CA ASP C 28 12.10 -24.45 -18.60
C ASP C 28 12.13 -25.39 -17.38
N ILE C 29 12.89 -26.45 -17.40
CA ILE C 29 13.01 -27.32 -16.25
C ILE C 29 14.01 -26.74 -15.19
N ASN C 30 13.56 -26.57 -13.96
CA ASN C 30 14.48 -26.22 -12.91
C ASN C 30 15.35 -27.47 -12.57
N PRO C 31 16.68 -27.34 -12.74
CA PRO C 31 17.61 -28.46 -12.51
C PRO C 31 17.60 -28.98 -11.09
N CYS C 32 17.20 -28.18 -10.12
CA CYS C 32 17.10 -28.63 -8.72
C CYS C 32 15.71 -29.19 -8.31
N LEU C 33 14.75 -29.20 -9.20
CA LEU C 33 13.38 -29.61 -8.79
C LEU C 33 13.27 -31.16 -8.52
N CYS C 34 13.58 -31.96 -9.53
CA CYS C 34 13.48 -33.43 -9.46
C CYS C 34 14.85 -34.10 -9.32
N THR C 35 14.86 -35.38 -8.94
CA THR C 35 16.12 -36.16 -8.88
C THR C 35 16.40 -36.84 -10.17
N HIS C 36 15.36 -37.24 -10.89
CA HIS C 36 15.50 -37.82 -12.21
C HIS C 36 14.57 -37.15 -13.19
N LEU C 37 14.93 -37.09 -14.45
CA LEU C 37 14.00 -36.52 -15.42
C LEU C 37 13.91 -37.52 -16.49
N ILE C 38 12.72 -37.74 -17.03
CA ILE C 38 12.58 -38.71 -18.11
C ILE C 38 12.04 -38.05 -19.34
N TYR C 39 12.67 -38.38 -20.46
CA TYR C 39 12.33 -37.74 -21.69
C TYR C 39 11.39 -38.59 -22.46
N ALA C 40 10.16 -38.12 -22.64
CA ALA C 40 9.20 -38.90 -23.38
C ALA C 40 9.02 -38.24 -24.70
N PHE C 41 9.17 -38.91 -25.85
CA PHE C 41 9.59 -40.34 -25.96
C PHE C 41 10.59 -40.50 -27.10
N ALA C 42 11.39 -41.57 -27.06
CA ALA C 42 12.04 -42.09 -28.27
C ALA C 42 11.13 -43.08 -29.01
N GLY C 43 11.49 -43.44 -30.24
CA GLY C 43 10.71 -44.41 -31.01
C GLY C 43 11.63 -45.54 -31.52
N MET C 44 11.18 -46.25 -32.55
CA MET C 44 11.98 -47.40 -32.98
C MET C 44 11.83 -47.62 -34.48
N GLN C 45 12.95 -47.91 -35.13
CA GLN C 45 12.92 -48.30 -36.59
C GLN C 45 13.91 -49.42 -36.78
N ASN C 46 13.44 -50.47 -37.46
CA ASN C 46 14.19 -51.71 -37.73
C ASN C 46 14.92 -52.17 -36.44
N ASN C 47 14.15 -52.29 -35.34
CA ASN C 47 14.68 -52.77 -34.04
C ASN C 47 15.79 -51.92 -33.40
N GLU C 48 15.84 -50.66 -33.82
CA GLU C 48 16.81 -49.71 -33.26
C GLU C 48 16.14 -48.49 -32.66
N ILE C 49 16.70 -48.01 -31.56
CA ILE C 49 16.14 -46.79 -30.96
C ILE C 49 16.26 -45.58 -31.90
N THR C 50 15.24 -44.75 -31.88
CA THR C 50 15.26 -43.58 -32.73
C THR C 50 14.59 -42.36 -32.10
N THR C 51 14.79 -41.18 -32.71
CA THR C 51 14.12 -39.93 -32.33
C THR C 51 12.74 -39.93 -32.94
N ILE C 52 11.86 -39.04 -32.50
CA ILE C 52 10.56 -38.93 -33.13
C ILE C 52 10.19 -37.51 -33.55
N GLU C 53 10.85 -36.50 -32.98
CA GLU C 53 10.57 -35.10 -33.36
C GLU C 53 11.79 -34.63 -34.13
N TRP C 54 11.59 -33.74 -35.10
CA TRP C 54 12.68 -33.20 -35.94
C TRP C 54 13.78 -32.54 -35.15
N ASN C 55 13.47 -31.93 -33.99
CA ASN C 55 14.51 -31.30 -33.13
C ASN C 55 14.91 -32.08 -31.86
N ASP C 56 14.56 -33.37 -31.79
CA ASP C 56 14.92 -34.14 -30.57
C ASP C 56 16.37 -33.95 -30.20
N VAL C 57 17.25 -34.03 -31.20
CA VAL C 57 18.70 -33.90 -30.91
C VAL C 57 19.00 -32.59 -30.14
N THR C 58 18.49 -31.45 -30.62
CA THR C 58 18.73 -30.19 -29.92
C THR C 58 18.05 -30.24 -28.52
N LEU C 59 16.84 -30.77 -28.43
CA LEU C 59 16.23 -30.91 -27.09
C LEU C 59 17.05 -31.79 -26.17
N TYR C 60 17.54 -32.90 -26.70
CA TYR C 60 18.40 -33.78 -25.90
C TYR C 60 19.49 -33.01 -25.28
N GLN C 61 20.08 -32.11 -26.02
CA GLN C 61 21.23 -31.37 -25.51
C GLN C 61 20.84 -30.37 -24.48
N ALA C 62 19.69 -29.73 -24.67
CA ALA C 62 19.27 -28.79 -23.64
C ALA C 62 18.89 -29.61 -22.39
N PHE C 63 18.17 -30.72 -22.55
CA PHE C 63 17.78 -31.59 -21.42
C PHE C 63 18.98 -32.12 -20.61
N ASN C 64 19.92 -32.77 -21.31
CA ASN C 64 21.02 -33.37 -20.57
C ASN C 64 22.00 -32.32 -20.17
N GLY C 65 22.01 -31.20 -20.90
CA GLY C 65 22.75 -30.02 -20.40
C GLY C 65 22.36 -29.54 -19.00
N LEU C 66 21.14 -29.90 -18.51
CA LEU C 66 20.72 -29.47 -17.15
C LEU C 66 21.66 -30.04 -16.09
N LYS C 67 22.34 -31.14 -16.46
CA LYS C 67 23.31 -31.81 -15.54
C LYS C 67 24.55 -30.94 -15.27
N ASN C 68 24.78 -29.93 -16.13
CA ASN C 68 25.87 -28.97 -15.89
C ASN C 68 25.55 -28.03 -14.76
N LYS C 69 24.28 -28.01 -14.29
CA LYS C 69 23.90 -27.15 -13.15
C LYS C 69 23.72 -27.97 -11.88
N ASN C 70 23.39 -29.24 -12.05
CA ASN C 70 23.16 -30.15 -10.93
C ASN C 70 23.79 -31.48 -11.25
N SER C 71 24.92 -31.75 -10.61
CA SER C 71 25.81 -32.88 -10.97
C SER C 71 25.16 -34.20 -10.58
N GLN C 72 24.36 -34.15 -9.51
CA GLN C 72 23.60 -35.31 -9.00
C GLN C 72 22.37 -35.74 -9.89
N LEU C 73 21.89 -34.84 -10.75
CA LEU C 73 20.67 -35.09 -11.57
C LEU C 73 20.91 -36.22 -12.53
N LYS C 74 19.94 -37.12 -12.69
CA LYS C 74 20.04 -38.16 -13.69
C LYS C 74 18.91 -38.06 -14.69
N THR C 75 19.19 -38.39 -15.97
CA THR C 75 18.21 -38.31 -16.97
C THR C 75 18.02 -39.66 -17.63
N LEU C 76 16.78 -39.95 -18.05
CA LEU C 76 16.51 -41.14 -18.76
C LEU C 76 15.76 -40.84 -20.02
N LEU C 77 15.89 -41.74 -20.99
CA LEU C 77 15.08 -41.68 -22.19
C LEU C 77 14.03 -42.77 -22.15
N ALA C 78 12.78 -42.37 -22.40
CA ALA C 78 11.71 -43.31 -22.43
C ALA C 78 11.35 -43.70 -23.85
N ILE C 79 11.08 -44.98 -24.08
CA ILE C 79 10.66 -45.47 -25.40
C ILE C 79 9.28 -46.05 -25.32
N GLY C 80 8.42 -45.69 -26.27
CA GLY C 80 7.08 -46.21 -26.30
C GLY C 80 5.97 -45.23 -26.03
N GLY C 81 5.22 -45.51 -24.94
CA GLY C 81 4.03 -44.72 -24.64
C GLY C 81 2.76 -45.23 -25.33
N TRP C 82 1.61 -44.70 -24.95
CA TRP C 82 0.34 -45.19 -25.45
C TRP C 82 0.24 -45.27 -26.98
N ASN C 83 0.53 -44.14 -27.64
CA ASN C 83 0.31 -43.96 -29.08
C ASN C 83 1.20 -44.92 -29.86
N PHE C 84 2.37 -45.21 -29.30
CA PHE C 84 3.31 -46.15 -29.91
C PHE C 84 2.76 -47.56 -30.14
N GLY C 85 1.95 -48.09 -29.23
CA GLY C 85 1.32 -49.40 -29.39
C GLY C 85 2.29 -50.50 -29.02
N THR C 86 2.03 -51.71 -29.47
CA THR C 86 2.86 -52.87 -29.06
C THR C 86 3.61 -53.54 -30.23
N ALA C 87 3.09 -53.42 -31.46
CA ALA C 87 3.68 -54.09 -32.65
C ALA C 87 5.22 -54.02 -32.72
N PRO C 88 5.80 -52.82 -32.59
CA PRO C 88 7.28 -52.78 -32.63
C PRO C 88 7.98 -53.46 -31.46
N PHE C 89 7.39 -53.40 -30.27
CA PHE C 89 8.04 -54.05 -29.14
C PHE C 89 7.97 -55.58 -29.36
N THR C 90 6.80 -56.09 -29.78
CA THR C 90 6.57 -57.51 -30.04
C THR C 90 7.56 -58.08 -31.08
N ALA C 91 7.64 -57.49 -32.29
CA ALA C 91 8.69 -57.90 -33.26
C ALA C 91 10.08 -57.86 -32.63
N MET C 92 10.38 -56.81 -31.86
CA MET C 92 11.73 -56.69 -31.28
C MET C 92 12.14 -57.75 -30.24
N VAL C 93 11.19 -58.18 -29.39
CA VAL C 93 11.54 -59.13 -28.32
C VAL C 93 11.59 -60.59 -28.87
N SER C 94 10.96 -60.77 -30.03
CA SER C 94 10.59 -62.07 -30.58
C SER C 94 11.73 -63.05 -30.78
N THR C 95 12.93 -62.55 -31.11
CA THR C 95 14.12 -63.38 -31.38
C THR C 95 15.28 -62.74 -30.68
N PRO C 96 16.25 -63.54 -30.20
CA PRO C 96 17.39 -62.99 -29.42
C PRO C 96 18.37 -62.09 -30.24
N GLU C 97 18.20 -62.14 -31.54
CA GLU C 97 18.94 -61.35 -32.51
C GLU C 97 18.32 -59.93 -32.59
N ASN C 98 17.00 -59.82 -32.80
CA ASN C 98 16.31 -58.52 -32.65
C ASN C 98 16.62 -57.81 -31.30
N ARG C 99 16.70 -58.56 -30.22
CA ARG C 99 16.97 -57.96 -28.92
C ARG C 99 18.37 -57.39 -28.79
N GLN C 100 19.33 -58.07 -29.42
CA GLN C 100 20.73 -57.69 -29.35
C GLN C 100 20.96 -56.41 -30.20
N THR C 101 20.29 -56.35 -31.33
CA THR C 101 20.32 -55.20 -32.22
C THR C 101 19.79 -53.97 -31.45
N PHE C 102 18.58 -54.11 -30.90
CA PHE C 102 18.00 -53.07 -30.03
C PHE C 102 18.94 -52.66 -28.90
N ILE C 103 19.39 -53.62 -28.12
CA ILE C 103 20.21 -53.27 -26.95
C ILE C 103 21.48 -52.50 -27.38
N THR C 104 22.13 -52.98 -28.44
CA THR C 104 23.32 -52.32 -28.97
C THR C 104 22.98 -50.87 -29.40
N SER C 105 21.92 -50.71 -30.17
CA SER C 105 21.45 -49.38 -30.57
C SER C 105 21.15 -48.48 -29.33
N VAL C 106 20.54 -49.06 -28.30
CA VAL C 106 20.33 -48.29 -27.07
C VAL C 106 21.63 -47.84 -26.41
N ILE C 107 22.58 -48.73 -26.20
CA ILE C 107 23.81 -48.26 -25.50
C ILE C 107 24.48 -47.09 -26.31
N LYS C 108 24.47 -47.25 -27.64
CA LYS C 108 25.14 -46.28 -28.51
C LYS C 108 24.45 -44.92 -28.31
N PHE C 109 23.12 -44.96 -28.41
CA PHE C 109 22.28 -43.80 -28.39
C PHE C 109 22.38 -43.05 -27.08
N LEU C 110 22.18 -43.75 -25.97
CA LEU C 110 22.16 -43.07 -24.70
C LEU C 110 23.51 -42.50 -24.43
N ARG C 111 24.59 -43.16 -24.91
CA ARG C 111 25.95 -42.60 -24.59
C ARG C 111 26.22 -41.40 -25.54
N GLN C 112 25.75 -41.46 -26.77
CA GLN C 112 25.98 -40.38 -27.72
C GLN C 112 25.37 -39.09 -27.19
N TYR C 113 24.09 -39.19 -26.81
CA TYR C 113 23.29 -38.05 -26.43
C TYR C 113 23.28 -37.80 -24.98
N GLU C 114 23.98 -38.63 -24.24
CA GLU C 114 24.26 -38.30 -22.86
C GLU C 114 23.11 -38.48 -21.82
N PHE C 115 22.31 -39.51 -22.03
CA PHE C 115 21.39 -39.96 -21.02
C PHE C 115 22.02 -40.91 -20.00
N ASP C 116 21.45 -41.02 -18.79
CA ASP C 116 21.94 -42.01 -17.85
C ASP C 116 21.18 -43.34 -17.82
N GLY C 117 20.20 -43.53 -18.70
CA GLY C 117 19.45 -44.77 -18.68
C GLY C 117 18.28 -44.75 -19.65
N LEU C 118 17.58 -45.89 -19.72
CA LEU C 118 16.39 -46.11 -20.57
C LEU C 118 15.20 -46.48 -19.66
N ASP C 119 14.05 -45.92 -19.99
CA ASP C 119 12.84 -46.19 -19.25
C ASP C 119 11.96 -46.78 -20.28
N PHE C 120 11.58 -48.05 -20.08
CA PHE C 120 10.61 -48.75 -20.97
C PHE C 120 9.21 -48.37 -20.66
N ASP C 121 8.41 -48.10 -21.69
CA ASP C 121 7.06 -47.61 -21.55
C ASP C 121 6.21 -48.34 -22.54
N TRP C 122 6.28 -49.65 -22.42
CA TRP C 122 5.55 -50.51 -23.29
C TRP C 122 4.18 -50.67 -22.67
N GLU C 123 3.16 -50.29 -23.43
CA GLU C 123 1.76 -50.37 -22.98
C GLU C 123 0.95 -51.28 -23.87
N TYR C 124 0.86 -52.58 -23.56
CA TYR C 124 1.55 -53.23 -22.44
C TYR C 124 1.92 -54.63 -22.97
N PRO C 125 2.98 -55.24 -22.42
CA PRO C 125 3.22 -56.62 -22.83
C PRO C 125 1.97 -57.48 -22.55
N GLY C 126 1.51 -58.26 -23.54
CA GLY C 126 0.35 -59.13 -23.31
C GLY C 126 -1.02 -58.49 -23.45
N SER C 127 -1.05 -57.21 -23.80
CA SER C 127 -2.33 -56.56 -24.10
C SER C 127 -2.22 -55.84 -25.41
N ARG C 128 -3.37 -55.41 -25.92
CA ARG C 128 -3.41 -54.49 -27.08
C ARG C 128 -2.77 -55.07 -28.34
N GLY C 129 -2.91 -56.38 -28.52
CA GLY C 129 -2.44 -57.11 -29.71
C GLY C 129 -1.08 -57.73 -29.47
N SER C 130 -0.53 -57.52 -28.27
CA SER C 130 0.69 -58.20 -27.88
C SER C 130 0.32 -59.63 -27.41
N PRO C 131 0.98 -60.66 -27.96
CA PRO C 131 0.74 -62.08 -27.57
C PRO C 131 1.24 -62.41 -26.17
N PRO C 132 0.71 -63.50 -25.54
CA PRO C 132 1.09 -63.88 -24.17
C PRO C 132 2.55 -64.19 -23.95
N GLN C 133 3.29 -64.60 -24.96
CA GLN C 133 4.73 -64.86 -24.73
C GLN C 133 5.49 -63.55 -24.36
N ASP C 134 4.89 -62.43 -24.70
CA ASP C 134 5.55 -61.12 -24.43
C ASP C 134 5.81 -60.82 -22.96
N LYS C 135 5.00 -61.44 -22.09
CA LYS C 135 5.15 -61.27 -20.68
C LYS C 135 6.48 -61.79 -20.28
N HIS C 136 6.80 -62.97 -20.78
CA HIS C 136 8.05 -63.61 -20.45
C HIS C 136 9.20 -62.97 -21.25
N LEU C 137 8.96 -62.64 -22.51
CA LEU C 137 10.05 -62.00 -23.34
C LEU C 137 10.49 -60.61 -22.83
N PHE C 138 9.53 -59.86 -22.24
CA PHE C 138 9.86 -58.57 -21.63
C PHE C 138 10.84 -58.80 -20.51
N THR C 139 10.60 -59.81 -19.68
CA THR C 139 11.57 -60.14 -18.64
C THR C 139 12.96 -60.47 -19.24
N VAL C 140 12.96 -61.21 -20.33
CA VAL C 140 14.22 -61.61 -20.92
C VAL C 140 14.92 -60.31 -21.39
N LEU C 141 14.20 -59.53 -22.21
CA LEU C 141 14.70 -58.22 -22.66
C LEU C 141 15.38 -57.45 -21.54
N VAL C 142 14.65 -57.20 -20.46
CA VAL C 142 15.17 -56.39 -19.41
C VAL C 142 16.40 -57.03 -18.78
N GLN C 143 16.34 -58.34 -18.61
CA GLN C 143 17.50 -59.04 -18.02
C GLN C 143 18.73 -58.89 -18.92
N GLU C 144 18.57 -59.14 -20.21
CA GLU C 144 19.69 -59.02 -21.14
C GLU C 144 20.20 -57.57 -21.16
N MET C 145 19.27 -56.60 -21.14
CA MET C 145 19.67 -55.18 -21.15
C MET C 145 20.42 -54.81 -19.91
N ARG C 146 19.92 -55.25 -18.78
CA ARG C 146 20.59 -54.97 -17.56
C ARG C 146 21.98 -55.57 -17.61
N GLU C 147 22.08 -56.76 -18.23
CA GLU C 147 23.37 -57.47 -18.23
C GLU C 147 24.34 -56.77 -19.18
N ALA C 148 23.84 -56.38 -20.35
CA ALA C 148 24.64 -55.58 -21.31
C ALA C 148 25.10 -54.23 -20.75
N PHE C 149 24.33 -53.64 -19.82
CA PHE C 149 24.70 -52.37 -19.18
C PHE C 149 25.84 -52.55 -18.20
N GLU C 150 25.75 -53.62 -17.43
CA GLU C 150 26.83 -54.02 -16.51
C GLU C 150 28.13 -54.29 -17.25
N GLN C 151 28.04 -54.92 -18.42
CA GLN C 151 29.20 -55.24 -19.26
C GLN C 151 29.84 -53.94 -19.80
N GLU C 152 29.07 -53.17 -20.59
CA GLU C 152 29.47 -51.84 -21.03
C GLU C 152 30.13 -51.01 -19.93
N ALA C 153 29.65 -51.08 -18.72
CA ALA C 153 30.16 -50.23 -17.66
C ALA C 153 31.60 -50.53 -17.26
N LYS C 154 31.93 -51.83 -17.20
CA LYS C 154 33.27 -52.30 -16.79
C LYS C 154 34.27 -52.06 -17.91
N GLN C 155 33.79 -52.26 -19.14
CA GLN C 155 34.59 -52.07 -20.34
C GLN C 155 34.90 -50.59 -20.69
N ILE C 156 34.26 -49.63 -20.02
CA ILE C 156 34.57 -48.22 -20.26
C ILE C 156 34.85 -47.40 -18.98
N ASN C 157 34.97 -48.11 -17.85
CA ASN C 157 35.24 -47.51 -16.53
C ASN C 157 34.41 -46.21 -16.20
N LYS C 158 33.10 -46.26 -16.51
CA LYS C 158 32.09 -45.23 -16.08
C LYS C 158 30.87 -45.88 -15.38
N PRO C 159 30.08 -45.10 -14.58
CA PRO C 159 28.88 -45.75 -13.99
C PRO C 159 27.94 -46.42 -15.01
N ARG C 160 27.34 -47.54 -14.59
CA ARG C 160 26.42 -48.30 -15.43
C ARG C 160 25.16 -47.41 -15.78
N LEU C 161 24.71 -47.51 -17.03
CA LEU C 161 23.38 -47.04 -17.47
C LEU C 161 22.27 -47.77 -16.68
N MET C 162 21.24 -47.01 -16.27
CA MET C 162 20.07 -47.53 -15.56
C MET C 162 19.01 -48.09 -16.50
N VAL C 163 18.16 -48.99 -15.98
CA VAL C 163 17.00 -49.42 -16.79
C VAL C 163 15.78 -49.42 -15.90
N THR C 164 14.67 -48.83 -16.39
CA THR C 164 13.51 -48.63 -15.55
C THR C 164 12.32 -48.94 -16.43
N ALA C 165 11.13 -49.06 -15.84
CA ALA C 165 9.96 -49.24 -16.67
C ALA C 165 8.78 -48.51 -16.07
N ALA C 166 7.91 -48.03 -16.93
CA ALA C 166 6.64 -47.51 -16.54
C ALA C 166 5.74 -48.70 -16.71
N VAL C 167 4.96 -49.07 -15.68
CA VAL C 167 4.13 -50.29 -15.71
C VAL C 167 2.67 -50.00 -15.32
N ALA C 168 1.80 -50.91 -15.74
CA ALA C 168 0.37 -50.74 -15.55
C ALA C 168 -0.08 -50.66 -14.10
N ALA C 169 -1.18 -49.94 -13.90
CA ALA C 169 -1.86 -49.91 -12.61
C ALA C 169 -3.12 -50.78 -12.60
N GLY C 170 -3.61 -51.11 -13.81
CA GLY C 170 -4.81 -51.97 -13.95
C GLY C 170 -4.47 -53.44 -13.60
N ILE C 171 -5.26 -54.09 -12.75
CA ILE C 171 -4.83 -55.38 -12.21
C ILE C 171 -4.72 -56.48 -13.28
N SER C 172 -5.71 -56.51 -14.14
CA SER C 172 -5.77 -57.42 -15.22
C SER C 172 -4.54 -57.24 -16.13
N ASN C 173 -4.21 -55.98 -16.45
CA ASN C 173 -3.01 -55.71 -17.29
C ASN C 173 -1.73 -56.11 -16.61
N ILE C 174 -1.70 -56.05 -15.30
CA ILE C 174 -0.50 -56.41 -14.58
C ILE C 174 -0.31 -57.94 -14.62
N GLN C 175 -1.39 -58.68 -14.41
CA GLN C 175 -1.38 -60.16 -14.41
C GLN C 175 -1.00 -60.69 -15.78
N SER C 176 -1.49 -60.06 -16.84
CA SER C 176 -1.11 -60.49 -18.15
C SER C 176 0.20 -59.86 -18.68
N GLY C 177 0.81 -58.90 -17.94
CA GLY C 177 2.01 -58.27 -18.46
C GLY C 177 3.36 -58.63 -17.89
N TYR C 178 3.42 -58.92 -16.60
CA TYR C 178 4.68 -58.91 -15.90
C TYR C 178 4.90 -60.11 -15.01
N GLU C 179 6.16 -60.54 -14.94
CA GLU C 179 6.59 -61.54 -14.00
C GLU C 179 7.24 -60.74 -12.93
N ILE C 180 6.46 -60.35 -11.94
CA ILE C 180 6.93 -59.28 -11.13
C ILE C 180 8.18 -59.64 -10.35
N PRO C 181 8.23 -60.84 -9.73
CA PRO C 181 9.47 -61.01 -8.93
C PRO C 181 10.74 -61.11 -9.83
N GLN C 182 10.57 -61.59 -11.04
CA GLN C 182 11.73 -61.72 -11.93
C GLN C 182 12.12 -60.33 -12.51
N LEU C 183 11.14 -59.56 -13.04
CA LEU C 183 11.39 -58.19 -13.51
C LEU C 183 12.02 -57.34 -12.43
N SER C 184 11.59 -57.51 -11.19
CA SER C 184 12.01 -56.56 -10.16
C SER C 184 13.48 -56.64 -9.86
N GLN C 185 14.06 -57.82 -10.09
CA GLN C 185 15.47 -57.99 -9.83
C GLN C 185 16.31 -57.15 -10.80
N TYR C 186 15.85 -57.06 -12.04
CA TYR C 186 16.65 -56.45 -13.06
C TYR C 186 16.43 -54.92 -13.16
N LEU C 187 15.22 -54.42 -12.88
CA LEU C 187 14.91 -52.97 -13.00
C LEU C 187 15.54 -52.21 -11.90
N ASP C 188 16.02 -51.02 -12.19
CA ASP C 188 16.43 -50.15 -11.13
C ASP C 188 15.21 -49.49 -10.47
N TYR C 189 14.18 -49.16 -11.25
CA TYR C 189 13.00 -48.51 -10.66
C TYR C 189 11.82 -48.92 -11.40
N ILE C 190 10.69 -48.96 -10.70
CA ILE C 190 9.41 -49.36 -11.32
C ILE C 190 8.42 -48.21 -11.15
N HIS C 191 8.06 -47.59 -12.26
CA HIS C 191 7.25 -46.36 -12.19
C HIS C 191 5.81 -46.75 -12.41
N VAL C 192 5.02 -46.85 -11.35
CA VAL C 192 3.65 -47.34 -11.50
C VAL C 192 2.68 -46.18 -11.91
N MET C 193 1.95 -46.40 -12.96
CA MET C 193 1.15 -45.34 -13.50
C MET C 193 -0.16 -45.29 -12.78
N THR C 194 -0.10 -44.84 -11.52
CA THR C 194 -1.31 -44.83 -10.73
C THR C 194 -2.15 -43.55 -11.03
N TYR C 195 -2.69 -43.45 -12.25
CA TYR C 195 -3.54 -42.30 -12.66
C TYR C 195 -4.26 -42.80 -13.87
N ASP C 196 -5.18 -42.00 -14.44
CA ASP C 196 -6.15 -42.50 -15.38
C ASP C 196 -7.00 -43.64 -14.80
N LEU C 197 -7.28 -43.60 -13.50
CA LEU C 197 -7.95 -44.76 -12.89
C LEU C 197 -9.43 -44.65 -13.13
N HIS C 198 -9.90 -43.45 -13.47
CA HIS C 198 -11.30 -43.22 -13.81
C HIS C 198 -11.28 -42.15 -14.90
N GLY C 199 -12.40 -42.00 -15.59
CA GLY C 199 -12.50 -41.11 -16.78
C GLY C 199 -13.85 -41.36 -17.46
N SER C 200 -14.15 -40.49 -18.39
CA SER C 200 -15.46 -40.34 -19.01
C SER C 200 -15.85 -41.59 -19.74
N TRP C 201 -14.88 -42.39 -20.14
CA TRP C 201 -15.17 -43.69 -20.74
C TRP C 201 -16.05 -44.60 -19.85
N GLU C 202 -16.19 -44.31 -18.55
CA GLU C 202 -17.01 -45.16 -17.67
C GLU C 202 -18.48 -44.69 -17.64
N GLY C 203 -18.77 -43.51 -18.18
CA GLY C 203 -20.16 -43.02 -18.16
C GLY C 203 -20.58 -42.40 -16.82
N TYR C 204 -19.65 -42.31 -15.85
CA TYR C 204 -19.90 -41.55 -14.60
C TYR C 204 -18.67 -40.80 -14.16
N THR C 205 -18.82 -39.76 -13.32
CA THR C 205 -17.72 -39.00 -12.80
C THR C 205 -16.93 -39.89 -11.79
N GLY C 206 -15.61 -39.69 -11.75
CA GLY C 206 -14.68 -40.47 -10.92
C GLY C 206 -13.35 -39.73 -10.97
N GLU C 207 -12.45 -40.12 -10.09
CA GLU C 207 -11.22 -39.45 -9.84
C GLU C 207 -10.06 -40.05 -10.62
N ASN C 208 -9.25 -39.17 -11.11
CA ASN C 208 -8.13 -39.56 -11.92
C ASN C 208 -7.17 -40.45 -11.10
N SER C 209 -6.82 -40.00 -9.90
CA SER C 209 -5.83 -40.72 -9.10
C SER C 209 -6.24 -40.67 -7.60
N PRO C 210 -7.35 -41.35 -7.23
CA PRO C 210 -7.72 -41.31 -5.79
C PRO C 210 -6.78 -42.18 -5.00
N LEU C 211 -6.47 -41.73 -3.78
CA LEU C 211 -5.53 -42.47 -2.92
C LEU C 211 -6.18 -43.78 -2.42
N TYR C 212 -7.44 -43.68 -1.98
CA TYR C 212 -8.20 -44.84 -1.49
C TYR C 212 -9.47 -45.08 -2.27
N LYS C 213 -10.06 -46.26 -2.11
CA LYS C 213 -11.34 -46.57 -2.76
C LYS C 213 -12.44 -45.62 -2.28
N TYR C 214 -13.43 -45.49 -3.12
CA TYR C 214 -14.64 -44.83 -2.72
C TYR C 214 -15.48 -45.81 -1.90
N PRO C 215 -16.23 -45.34 -0.87
CA PRO C 215 -16.82 -46.38 0.04
C PRO C 215 -17.70 -47.39 -0.74
N THR C 216 -18.29 -46.94 -1.83
CA THR C 216 -19.25 -47.67 -2.64
C THR C 216 -18.62 -48.51 -3.80
N ASP C 217 -17.31 -48.43 -4.01
CA ASP C 217 -16.62 -49.26 -5.05
C ASP C 217 -16.60 -50.74 -4.58
N THR C 218 -17.02 -51.66 -5.46
CA THR C 218 -17.06 -53.06 -5.12
C THR C 218 -16.41 -53.80 -6.25
N GLY C 219 -16.12 -55.07 -6.01
CA GLY C 219 -15.59 -55.90 -7.05
C GLY C 219 -14.32 -55.25 -7.59
N SER C 220 -14.15 -55.33 -8.90
CA SER C 220 -12.93 -54.87 -9.53
C SER C 220 -12.76 -53.30 -9.47
N ASN C 221 -13.83 -52.55 -9.33
CA ASN C 221 -13.73 -51.12 -9.17
C ASN C 221 -13.04 -50.74 -7.86
N ALA C 222 -12.98 -51.63 -6.86
CA ALA C 222 -12.35 -51.28 -5.58
C ALA C 222 -10.84 -51.43 -5.66
N TYR C 223 -10.36 -51.76 -6.85
CA TYR C 223 -8.95 -51.94 -7.10
C TYR C 223 -8.37 -50.64 -7.72
N LEU C 224 -9.26 -49.74 -8.17
CA LEU C 224 -8.93 -48.51 -8.94
C LEU C 224 -8.50 -47.32 -8.05
N ASN C 225 -7.43 -47.51 -7.28
CA ASN C 225 -6.96 -46.45 -6.45
C ASN C 225 -5.52 -46.73 -6.13
N VAL C 226 -4.80 -45.68 -5.70
CA VAL C 226 -3.35 -45.78 -5.49
C VAL C 226 -3.02 -46.85 -4.40
N ASP C 227 -3.81 -46.86 -3.34
CA ASP C 227 -3.45 -47.66 -2.19
C ASP C 227 -3.42 -49.14 -2.60
N TYR C 228 -4.46 -49.55 -3.29
CA TYR C 228 -4.61 -50.93 -3.68
C TYR C 228 -3.59 -51.32 -4.74
N VAL C 229 -3.39 -50.43 -5.72
CA VAL C 229 -2.46 -50.75 -6.79
C VAL C 229 -1.04 -50.97 -6.29
N MET C 230 -0.57 -50.08 -5.39
CA MET C 230 0.83 -50.15 -4.95
C MET C 230 1.10 -51.34 -4.01
N ASN C 231 0.11 -51.62 -3.16
CA ASN C 231 0.12 -52.79 -2.37
C ASN C 231 0.10 -54.01 -3.23
N TYR C 232 -0.62 -54.02 -4.33
CA TYR C 232 -0.59 -55.18 -5.18
C TYR C 232 0.83 -55.43 -5.77
N TRP C 233 1.45 -54.38 -6.28
CA TRP C 233 2.79 -54.50 -6.73
C TRP C 233 3.69 -55.10 -5.65
N LYS C 234 3.65 -54.50 -4.46
CA LYS C 234 4.52 -54.83 -3.42
C LYS C 234 4.27 -56.25 -2.93
N ASP C 235 2.99 -56.63 -2.75
CA ASP C 235 2.67 -57.99 -2.30
C ASP C 235 2.95 -59.06 -3.35
N ASN C 236 3.11 -58.70 -4.63
CA ASN C 236 3.34 -59.73 -5.67
C ASN C 236 4.76 -59.84 -6.19
N GLY C 237 5.70 -59.33 -5.42
CA GLY C 237 7.07 -59.56 -5.72
C GLY C 237 7.96 -58.35 -5.90
N ALA C 238 7.43 -57.12 -5.88
CA ALA C 238 8.29 -55.95 -6.14
C ALA C 238 8.80 -55.35 -4.87
N PRO C 239 10.11 -55.06 -4.76
CA PRO C 239 10.51 -54.47 -3.47
C PRO C 239 10.06 -53.01 -3.35
N ALA C 240 9.74 -52.59 -2.15
CA ALA C 240 9.03 -51.33 -1.92
C ALA C 240 9.94 -50.19 -2.32
N GLU C 241 11.22 -50.41 -2.14
CA GLU C 241 12.15 -49.37 -2.43
C GLU C 241 12.37 -49.17 -3.92
N LYS C 242 11.96 -50.12 -4.76
CA LYS C 242 12.05 -49.88 -6.21
C LYS C 242 10.76 -49.30 -6.77
N LEU C 243 9.70 -49.29 -5.96
CA LEU C 243 8.36 -48.95 -6.45
C LEU C 243 8.20 -47.45 -6.32
N ILE C 244 7.92 -46.82 -7.44
CA ILE C 244 7.75 -45.40 -7.44
C ILE C 244 6.28 -45.08 -7.70
N VAL C 245 5.65 -44.29 -6.83
CA VAL C 245 4.24 -43.93 -7.01
C VAL C 245 4.02 -42.85 -8.08
N GLY C 246 3.13 -43.11 -9.03
CA GLY C 246 2.71 -42.10 -10.00
C GLY C 246 1.74 -41.03 -9.49
N PHE C 247 2.13 -39.78 -9.79
CA PHE C 247 1.39 -38.57 -9.52
C PHE C 247 1.09 -37.77 -10.79
N PRO C 248 -0.18 -37.42 -10.99
CA PRO C 248 -0.54 -36.71 -12.22
C PRO C 248 -0.69 -35.18 -11.94
N THR C 249 -0.08 -34.34 -12.77
CA THR C 249 -0.29 -32.89 -12.70
C THR C 249 -1.35 -32.51 -13.68
N TYR C 250 -2.35 -33.36 -13.84
CA TYR C 250 -3.52 -33.03 -14.71
C TYR C 250 -4.76 -33.74 -14.14
N GLY C 251 -5.94 -33.44 -14.66
CA GLY C 251 -7.15 -34.04 -14.17
C GLY C 251 -7.93 -34.55 -15.33
N HIS C 252 -8.93 -35.38 -15.08
CA HIS C 252 -9.88 -35.81 -16.14
C HIS C 252 -11.18 -35.05 -16.03
N ASN C 253 -11.72 -34.57 -17.17
CA ASN C 253 -12.98 -33.85 -17.17
C ASN C 253 -14.09 -34.58 -17.92
N PHE C 254 -15.32 -34.15 -17.72
CA PHE C 254 -16.48 -34.91 -18.12
C PHE C 254 -17.60 -33.89 -18.40
N ILE C 255 -18.59 -34.28 -19.21
CA ILE C 255 -19.85 -33.50 -19.30
C ILE C 255 -20.88 -34.19 -18.36
N LEU C 256 -21.44 -33.50 -17.40
CA LEU C 256 -22.51 -34.06 -16.53
C LEU C 256 -23.82 -34.36 -17.33
N SER C 257 -24.48 -35.50 -17.16
CA SER C 257 -25.75 -35.76 -17.86
C SER C 257 -26.84 -34.81 -17.35
N ASN C 258 -26.93 -34.63 -16.04
CA ASN C 258 -27.70 -33.56 -15.39
C ASN C 258 -26.83 -32.69 -14.49
N PRO C 259 -26.78 -31.37 -14.69
CA PRO C 259 -25.93 -30.49 -13.89
C PRO C 259 -26.32 -30.28 -12.42
N SER C 260 -27.42 -30.90 -12.02
CA SER C 260 -27.81 -30.99 -10.61
C SER C 260 -27.16 -32.14 -9.84
N ASN C 261 -26.69 -33.19 -10.52
CA ASN C 261 -25.90 -34.26 -9.84
C ASN C 261 -24.45 -34.04 -10.23
N THR C 262 -23.72 -33.46 -9.29
CA THR C 262 -22.32 -33.06 -9.34
C THR C 262 -21.45 -33.89 -8.38
N GLY C 263 -21.99 -34.96 -7.79
CA GLY C 263 -21.17 -35.76 -6.85
C GLY C 263 -20.28 -36.75 -7.57
N ILE C 264 -19.60 -37.63 -6.83
CA ILE C 264 -18.82 -38.72 -7.40
C ILE C 264 -19.76 -39.84 -7.87
N GLY C 265 -19.59 -40.35 -9.09
CA GLY C 265 -20.52 -41.36 -9.60
C GLY C 265 -21.79 -40.74 -10.21
N ALA C 266 -21.80 -39.44 -10.46
CA ALA C 266 -22.85 -38.84 -11.24
C ALA C 266 -22.72 -39.22 -12.74
N PRO C 267 -23.88 -39.46 -13.39
CA PRO C 267 -23.86 -39.79 -14.84
C PRO C 267 -23.30 -38.67 -15.70
N THR C 268 -22.63 -39.10 -16.75
CA THR C 268 -21.91 -38.20 -17.64
C THR C 268 -22.21 -38.64 -19.02
N SER C 269 -22.15 -37.67 -19.95
CA SER C 269 -22.53 -37.94 -21.31
C SER C 269 -21.34 -37.95 -22.27
N GLY C 270 -20.12 -37.84 -21.73
CA GLY C 270 -18.93 -37.82 -22.58
C GLY C 270 -17.78 -37.07 -21.89
N ALA C 271 -16.62 -37.05 -22.53
CA ALA C 271 -15.45 -36.29 -22.05
C ALA C 271 -15.69 -34.78 -22.01
N GLY C 272 -15.18 -34.10 -21.01
CA GLY C 272 -15.18 -32.64 -21.01
C GLY C 272 -14.39 -32.04 -22.15
N PRO C 273 -14.37 -30.70 -22.22
CA PRO C 273 -13.82 -29.98 -23.39
C PRO C 273 -12.29 -29.97 -23.36
N ALA C 274 -11.67 -30.00 -24.53
CA ALA C 274 -10.23 -29.89 -24.59
C ALA C 274 -9.69 -28.56 -23.99
N GLY C 275 -8.64 -28.65 -23.20
CA GLY C 275 -8.01 -27.43 -22.64
C GLY C 275 -7.47 -26.53 -23.76
N PRO C 276 -7.35 -25.20 -23.52
CA PRO C 276 -6.91 -24.29 -24.58
C PRO C 276 -5.43 -24.34 -24.88
N TYR C 277 -4.64 -24.86 -23.97
CA TYR C 277 -3.20 -24.99 -24.16
C TYR C 277 -2.81 -26.39 -24.59
N ALA C 278 -3.27 -27.39 -23.85
CA ALA C 278 -2.81 -28.73 -24.13
C ALA C 278 -3.71 -29.36 -25.20
N LYS C 279 -4.95 -28.88 -25.29
CA LYS C 279 -5.90 -29.34 -26.29
C LYS C 279 -6.12 -30.84 -26.26
N GLU C 280 -6.20 -31.42 -25.06
CA GLU C 280 -6.45 -32.85 -24.97
C GLU C 280 -7.84 -33.04 -24.48
N SER C 281 -8.74 -33.50 -25.34
CA SER C 281 -10.14 -33.69 -24.89
C SER C 281 -10.20 -34.61 -23.63
N GLY C 282 -11.07 -34.32 -22.65
CA GLY C 282 -11.13 -35.13 -21.47
C GLY C 282 -10.01 -34.92 -20.45
N ILE C 283 -9.04 -34.06 -20.78
CA ILE C 283 -7.89 -33.81 -19.88
C ILE C 283 -7.60 -32.32 -19.70
N TRP C 284 -7.36 -31.87 -18.47
CA TRP C 284 -6.95 -30.51 -18.29
C TRP C 284 -5.66 -30.51 -17.48
N ALA C 285 -4.62 -29.80 -17.97
CA ALA C 285 -3.42 -29.54 -17.15
C ALA C 285 -3.80 -28.89 -15.80
N TYR C 286 -3.01 -29.13 -14.77
CA TYR C 286 -3.26 -28.45 -13.47
C TYR C 286 -3.41 -26.93 -13.76
N TYR C 287 -2.60 -26.37 -14.68
CA TYR C 287 -2.70 -24.90 -14.84
C TYR C 287 -4.01 -24.54 -15.54
N GLU C 288 -4.51 -25.43 -16.40
CA GLU C 288 -5.82 -25.17 -17.04
C GLU C 288 -7.02 -25.30 -16.05
N ILE C 289 -6.89 -26.18 -15.07
CA ILE C 289 -7.86 -26.35 -14.05
C ILE C 289 -7.82 -25.09 -13.20
N CYS C 290 -6.63 -24.53 -12.93
CA CYS C 290 -6.64 -23.31 -12.14
C CYS C 290 -7.44 -22.17 -12.79
N THR C 291 -7.31 -22.01 -14.10
CA THR C 291 -8.15 -21.02 -14.74
C THR C 291 -9.65 -21.31 -14.49
N PHE C 292 -10.06 -22.58 -14.55
CA PHE C 292 -11.45 -22.97 -14.39
C PHE C 292 -11.92 -22.60 -12.97
N LEU C 293 -11.08 -22.85 -11.97
CA LEU C 293 -11.32 -22.39 -10.58
C LEU C 293 -11.41 -20.88 -10.36
N LYS C 294 -10.53 -20.15 -10.99
CA LYS C 294 -10.49 -18.71 -10.83
C LYS C 294 -11.73 -18.01 -11.40
N ASN C 295 -12.29 -18.53 -12.50
CA ASN C 295 -13.46 -17.88 -13.06
C ASN C 295 -14.75 -18.41 -12.40
N GLY C 296 -14.63 -18.96 -11.20
CA GLY C 296 -15.79 -19.26 -10.37
C GLY C 296 -16.36 -20.69 -10.42
N ALA C 297 -15.58 -21.69 -10.82
CA ALA C 297 -16.12 -23.05 -10.69
C ALA C 297 -16.32 -23.39 -9.20
N THR C 298 -17.32 -24.21 -8.90
CA THR C 298 -17.51 -24.70 -7.54
C THR C 298 -16.49 -25.78 -7.18
N GLN C 299 -15.78 -25.62 -6.07
CA GLN C 299 -14.85 -26.63 -5.58
C GLN C 299 -15.49 -27.73 -4.71
N GLY C 300 -15.06 -28.96 -4.92
CA GLY C 300 -15.57 -30.01 -4.05
C GLY C 300 -14.38 -30.77 -3.50
N TRP C 301 -14.62 -31.64 -2.53
CA TRP C 301 -13.51 -32.45 -1.97
C TRP C 301 -13.98 -33.86 -1.77
N ASP C 302 -13.35 -34.82 -2.41
CA ASP C 302 -13.83 -36.22 -2.27
C ASP C 302 -13.15 -36.79 -1.03
N ALA C 303 -13.85 -36.67 0.12
CA ALA C 303 -13.18 -36.88 1.44
C ALA C 303 -12.62 -38.30 1.54
N PRO C 304 -13.40 -39.31 1.12
CA PRO C 304 -12.85 -40.66 1.30
C PRO C 304 -11.65 -41.00 0.41
N GLN C 305 -11.54 -40.37 -0.77
CA GLN C 305 -10.39 -40.65 -1.63
C GLN C 305 -9.22 -39.63 -1.54
N GLU C 306 -9.43 -38.55 -0.80
CA GLU C 306 -8.43 -37.53 -0.48
C GLU C 306 -7.98 -36.70 -1.72
N VAL C 307 -8.93 -36.38 -2.61
CA VAL C 307 -8.62 -35.65 -3.85
C VAL C 307 -9.76 -34.68 -4.15
N PRO C 308 -9.43 -33.55 -4.78
CA PRO C 308 -10.43 -32.50 -5.03
C PRO C 308 -11.17 -32.80 -6.32
N TYR C 309 -12.31 -32.11 -6.52
CA TYR C 309 -12.98 -32.09 -7.79
C TYR C 309 -13.65 -30.70 -7.94
N ALA C 310 -14.08 -30.35 -9.16
CA ALA C 310 -14.66 -29.01 -9.32
C ALA C 310 -15.66 -29.08 -10.43
N TYR C 311 -16.64 -28.19 -10.44
CA TYR C 311 -17.64 -28.25 -11.52
C TYR C 311 -18.21 -26.88 -11.73
N GLN C 312 -18.78 -26.67 -12.91
CA GLN C 312 -19.45 -25.42 -13.31
C GLN C 312 -20.37 -25.74 -14.51
N GLY C 313 -21.64 -25.40 -14.39
CA GLY C 313 -22.64 -25.81 -15.36
C GLY C 313 -22.62 -27.34 -15.52
N ASN C 314 -22.37 -27.81 -16.74
CA ASN C 314 -22.30 -29.24 -16.95
C ASN C 314 -20.85 -29.76 -17.16
N VAL C 315 -19.83 -29.01 -16.72
CA VAL C 315 -18.44 -29.51 -16.83
C VAL C 315 -17.93 -29.90 -15.42
N TRP C 316 -17.29 -31.07 -15.33
CA TRP C 316 -16.84 -31.60 -14.04
C TRP C 316 -15.43 -32.13 -14.25
N VAL C 317 -14.54 -31.90 -13.28
CA VAL C 317 -13.14 -32.33 -13.38
C VAL C 317 -12.72 -32.92 -12.04
N GLY C 318 -12.03 -34.06 -12.09
CA GLY C 318 -11.46 -34.72 -10.92
C GLY C 318 -9.94 -34.61 -11.13
N TYR C 319 -9.20 -34.21 -10.11
CA TYR C 319 -7.84 -33.84 -10.31
C TYR C 319 -7.05 -33.92 -8.97
N ASP C 320 -5.82 -33.43 -8.99
CA ASP C 320 -4.98 -33.34 -7.80
C ASP C 320 -4.57 -31.90 -7.53
N ASN C 321 -4.40 -31.57 -6.29
CA ASN C 321 -3.93 -30.23 -5.97
C ASN C 321 -2.83 -30.35 -4.90
N ILE C 322 -2.40 -29.22 -4.33
CA ILE C 322 -1.30 -29.26 -3.35
C ILE C 322 -1.67 -30.21 -2.19
N LYS C 323 -2.89 -30.10 -1.70
CA LYS C 323 -3.29 -30.83 -0.55
C LYS C 323 -3.28 -32.35 -0.82
N SER C 324 -3.87 -32.78 -1.94
CA SER C 324 -3.91 -34.18 -2.28
C SER C 324 -2.51 -34.67 -2.55
N PHE C 325 -1.65 -33.85 -3.15
CA PHE C 325 -0.27 -34.31 -3.35
C PHE C 325 0.44 -34.51 -2.04
N ASP C 326 0.32 -33.53 -1.13
CA ASP C 326 0.92 -33.64 0.19
C ASP C 326 0.42 -34.94 0.94
N ILE C 327 -0.89 -35.21 0.90
CA ILE C 327 -1.43 -36.40 1.55
C ILE C 327 -0.83 -37.68 0.92
N LYS C 328 -0.74 -37.77 -0.41
CA LYS C 328 -0.19 -38.99 -1.01
C LYS C 328 1.32 -39.12 -0.68
N ALA C 329 2.06 -38.03 -0.64
CA ALA C 329 3.44 -38.08 -0.17
C ALA C 329 3.62 -38.59 1.26
N GLN C 330 2.77 -38.21 2.19
CA GLN C 330 2.87 -38.71 3.57
C GLN C 330 2.61 -40.20 3.54
N TRP C 331 1.56 -40.58 2.85
CA TRP C 331 1.18 -41.97 2.78
C TRP C 331 2.33 -42.79 2.14
N LEU C 332 2.96 -42.29 1.08
CA LEU C 332 4.00 -43.08 0.50
C LEU C 332 5.26 -43.14 1.42
N LYS C 333 5.57 -42.10 2.16
CA LYS C 333 6.64 -42.26 3.14
C LYS C 333 6.26 -43.31 4.19
N HIS C 334 5.04 -43.24 4.73
CA HIS C 334 4.65 -44.18 5.73
C HIS C 334 4.78 -45.66 5.24
N ASN C 335 4.56 -45.87 3.95
CA ASN C 335 4.57 -47.21 3.41
C ASN C 335 5.91 -47.60 2.80
N LYS C 336 6.88 -46.70 2.94
CA LYS C 336 8.26 -46.95 2.57
C LYS C 336 8.45 -47.29 1.12
N PHE C 337 7.76 -46.54 0.24
CA PHE C 337 7.99 -46.75 -1.16
C PHE C 337 9.22 -45.93 -1.55
N GLY C 338 9.71 -46.15 -2.78
CA GLY C 338 10.97 -45.50 -3.18
C GLY C 338 10.91 -44.00 -3.47
N GLY C 339 9.71 -43.43 -3.65
CA GLY C 339 9.59 -42.04 -4.07
C GLY C 339 8.42 -41.92 -5.00
N ALA C 340 8.38 -40.79 -5.71
CA ALA C 340 7.26 -40.40 -6.58
C ALA C 340 7.77 -40.11 -7.99
N MET C 341 6.89 -40.35 -8.94
CA MET C 341 7.12 -40.08 -10.36
C MET C 341 5.94 -39.19 -10.80
N VAL C 342 6.25 -38.17 -11.63
CA VAL C 342 5.28 -37.15 -12.05
C VAL C 342 5.05 -37.12 -13.54
N TRP C 343 3.79 -37.33 -13.93
CA TRP C 343 3.38 -37.03 -15.30
C TRP C 343 2.48 -35.81 -15.32
N ALA C 344 2.93 -34.64 -15.82
CA ALA C 344 4.26 -34.44 -16.42
C ALA C 344 4.68 -33.05 -16.00
N ILE C 345 5.95 -32.75 -16.11
CA ILE C 345 6.45 -31.48 -15.58
C ILE C 345 5.84 -30.29 -16.38
N ASP C 346 5.51 -30.54 -17.63
CA ASP C 346 4.99 -29.49 -18.47
C ASP C 346 3.46 -29.21 -18.21
N LEU C 347 2.85 -30.01 -17.37
CA LEU C 347 1.41 -29.81 -17.01
C LEU C 347 1.24 -29.12 -15.65
N ASP C 348 2.31 -29.02 -14.87
CA ASP C 348 2.31 -28.30 -13.60
C ASP C 348 2.27 -26.79 -13.98
N ASP C 349 1.93 -25.92 -13.03
CA ASP C 349 1.94 -24.46 -13.33
C ASP C 349 3.37 -23.93 -13.32
N PHE C 350 4.10 -24.34 -14.33
CA PHE C 350 5.52 -24.03 -14.38
C PHE C 350 5.86 -22.54 -14.46
N THR C 351 4.99 -21.71 -15.02
CA THR C 351 5.29 -20.25 -15.13
C THR C 351 4.87 -19.54 -13.85
N GLY C 352 4.06 -20.20 -13.04
CA GLY C 352 3.49 -19.58 -11.84
C GLY C 352 2.36 -18.58 -12.06
N THR C 353 1.95 -18.40 -13.30
CA THR C 353 1.04 -17.33 -13.63
C THR C 353 -0.39 -17.78 -13.66
N PHE C 354 -0.67 -19.08 -13.50
CA PHE C 354 -2.09 -19.53 -13.60
C PHE C 354 -2.70 -19.77 -12.23
N CYS C 355 -1.88 -20.11 -11.24
CA CYS C 355 -2.43 -20.67 -9.99
C CYS C 355 -2.16 -19.80 -8.80
N ASN C 356 -1.24 -18.84 -8.91
CA ASN C 356 -0.89 -17.99 -7.73
C ASN C 356 -0.34 -18.85 -6.62
N GLN C 357 0.44 -19.86 -6.99
CA GLN C 357 1.01 -20.80 -5.98
C GLN C 357 2.50 -20.93 -6.17
N GLY C 358 3.11 -19.99 -6.89
CA GLY C 358 4.55 -20.09 -7.08
C GLY C 358 4.83 -20.93 -8.33
N LYS C 359 6.09 -21.17 -8.62
CA LYS C 359 6.42 -21.98 -9.82
C LYS C 359 6.42 -23.47 -9.48
N PHE C 360 5.93 -24.31 -10.42
CA PHE C 360 5.79 -25.72 -10.16
C PHE C 360 5.10 -26.02 -8.81
N PRO C 361 3.86 -25.56 -8.61
CA PRO C 361 3.39 -25.78 -7.20
C PRO C 361 3.21 -27.26 -6.84
N LEU C 362 2.74 -28.07 -7.76
CA LEU C 362 2.50 -29.45 -7.45
C LEU C 362 3.83 -30.19 -7.21
N ILE C 363 4.79 -29.99 -8.10
CA ILE C 363 6.03 -30.77 -7.98
C ILE C 363 6.86 -30.23 -6.80
N SER C 364 6.83 -28.94 -6.54
CA SER C 364 7.54 -28.39 -5.38
C SER C 364 7.01 -28.94 -4.06
N THR C 365 5.69 -29.17 -3.98
CA THR C 365 5.09 -29.80 -2.82
C THR C 365 5.76 -31.14 -2.62
N LEU C 366 5.90 -31.92 -3.68
CA LEU C 366 6.55 -33.22 -3.54
C LEU C 366 8.01 -33.10 -3.06
N LYS C 367 8.77 -32.14 -3.59
CA LYS C 367 10.15 -31.98 -3.26
C LYS C 367 10.30 -31.71 -1.78
N LYS C 368 9.44 -30.83 -1.26
CA LYS C 368 9.39 -30.55 0.14
C LYS C 368 8.99 -31.82 0.94
N ALA C 369 7.87 -32.45 0.56
CA ALA C 369 7.27 -33.53 1.36
C ALA C 369 8.17 -34.77 1.43
N LEU C 370 8.92 -35.02 0.36
CA LEU C 370 9.86 -36.11 0.24
C LEU C 370 11.22 -35.77 0.85
N GLY C 371 11.31 -34.63 1.54
CA GLY C 371 12.54 -34.34 2.30
C GLY C 371 13.68 -34.02 1.36
N LEU C 372 13.38 -33.57 0.14
CA LEU C 372 14.43 -33.15 -0.79
C LEU C 372 14.78 -31.65 -0.75
N GLN C 373 14.22 -30.90 0.19
CA GLN C 373 14.47 -29.48 0.25
C GLN C 373 15.94 -29.14 0.16
N SER C 374 16.75 -29.84 0.96
CA SER C 374 18.13 -29.45 1.17
C SER C 374 19.08 -30.34 0.31
N ALA C 375 18.50 -31.06 -0.66
CA ALA C 375 19.28 -31.79 -1.67
C ALA C 375 20.15 -30.82 -2.46
N SER C 376 21.38 -31.25 -2.77
CA SER C 376 22.35 -30.38 -3.40
C SER C 376 21.94 -30.14 -4.86
N CYS C 377 22.14 -28.89 -5.28
CA CYS C 377 22.07 -28.51 -6.65
C CYS C 377 23.36 -27.71 -6.91
N THR C 378 24.46 -28.44 -7.20
CA THR C 378 25.76 -27.81 -7.47
C THR C 378 26.40 -28.41 -8.70
N ALA C 379 27.02 -27.53 -9.48
CA ALA C 379 27.68 -27.85 -10.73
C ALA C 379 28.87 -28.78 -10.49
N PRO C 380 29.26 -29.54 -11.51
CA PRO C 380 30.41 -30.35 -11.18
C PRO C 380 31.71 -29.61 -11.52
N ALA D 4 -31.08 45.37 -4.66
CA ALA D 4 -30.11 45.75 -5.75
C ALA D 4 -28.67 45.89 -5.19
N TYR D 5 -28.51 46.54 -4.02
CA TYR D 5 -27.15 46.73 -3.44
C TYR D 5 -26.97 46.18 -2.01
N GLN D 6 -25.88 45.42 -1.77
CA GLN D 6 -25.55 44.96 -0.40
C GLN D 6 -24.72 45.99 0.35
N LEU D 7 -25.01 46.17 1.63
CA LEU D 7 -24.13 46.91 2.55
C LEU D 7 -23.58 45.97 3.65
N THR D 8 -22.35 45.54 3.48
CA THR D 8 -21.72 44.61 4.41
C THR D 8 -20.72 45.25 5.43
N CYS D 9 -21.00 45.09 6.73
CA CYS D 9 -20.20 45.72 7.78
C CYS D 9 -19.43 44.75 8.74
N TYR D 10 -18.11 44.91 8.80
CA TYR D 10 -17.25 44.10 9.71
C TYR D 10 -17.33 44.64 11.09
N PHE D 11 -17.58 43.73 12.05
CA PHE D 11 -17.50 44.04 13.51
C PHE D 11 -16.24 43.34 14.03
N THR D 12 -15.52 43.93 14.99
CA THR D 12 -14.27 43.31 15.46
C THR D 12 -14.38 43.01 16.94
N ASN D 13 -13.91 41.81 17.33
CA ASN D 13 -14.17 41.35 18.69
C ASN D 13 -13.08 41.84 19.63
N TRP D 14 -12.18 42.66 19.12
CA TRP D 14 -11.33 43.39 20.08
C TRP D 14 -11.80 44.79 20.42
N ALA D 15 -12.81 45.30 19.75
CA ALA D 15 -13.21 46.71 19.98
C ALA D 15 -13.78 46.85 21.37
N GLN D 16 -14.19 45.73 21.99
CA GLN D 16 -14.68 45.75 23.39
C GLN D 16 -13.65 46.25 24.38
N TYR D 17 -12.36 46.17 24.04
CA TYR D 17 -11.32 46.59 25.01
C TYR D 17 -10.94 48.10 24.95
N ARG D 18 -11.53 48.83 24.02
CA ARG D 18 -11.19 50.29 23.90
C ARG D 18 -11.77 51.04 25.10
N PRO D 19 -11.07 52.07 25.57
CA PRO D 19 -11.58 52.75 26.77
C PRO D 19 -12.73 53.71 26.50
N GLY D 20 -13.48 54.02 27.57
CA GLY D 20 -14.53 55.04 27.55
C GLY D 20 -15.41 54.90 26.34
N LEU D 21 -15.61 56.01 25.63
CA LEU D 21 -16.47 55.99 24.41
C LEU D 21 -16.04 55.09 23.27
N GLY D 22 -14.80 54.61 23.32
CA GLY D 22 -14.37 53.73 22.21
C GLY D 22 -14.89 52.31 22.33
N ARG D 23 -15.21 51.88 23.54
CA ARG D 23 -15.67 50.50 23.75
C ARG D 23 -16.83 50.20 22.80
N PHE D 24 -16.74 49.15 22.00
CA PHE D 24 -17.83 48.81 21.10
C PHE D 24 -18.24 47.30 21.21
N MET D 25 -19.52 47.05 21.44
CA MET D 25 -20.07 45.71 21.71
C MET D 25 -21.11 45.44 20.63
N PRO D 26 -21.51 44.16 20.45
CA PRO D 26 -22.48 43.90 19.38
C PRO D 26 -23.80 44.63 19.60
N ASP D 27 -24.15 44.89 20.84
CA ASP D 27 -25.29 45.70 21.14
C ASP D 27 -25.25 47.18 20.59
N ASP D 28 -24.09 47.64 20.10
CA ASP D 28 -23.98 49.03 19.71
C ASP D 28 -24.27 49.08 18.26
N ILE D 29 -24.42 47.91 17.67
CA ILE D 29 -24.74 47.81 16.26
C ILE D 29 -26.22 48.13 16.03
N ASN D 30 -26.53 48.86 14.97
CA ASN D 30 -27.90 49.11 14.65
C ASN D 30 -28.37 48.07 13.67
N PRO D 31 -29.40 47.31 14.08
CA PRO D 31 -29.82 46.18 13.29
C PRO D 31 -30.37 46.57 11.92
N CYS D 32 -30.75 47.84 11.74
CA CYS D 32 -31.18 48.38 10.39
C CYS D 32 -30.07 48.95 9.48
N LEU D 33 -28.91 49.27 10.07
CA LEU D 33 -27.83 49.92 9.27
C LEU D 33 -27.37 49.12 8.07
N CYS D 34 -26.95 47.88 8.26
CA CYS D 34 -26.35 47.10 7.15
C CYS D 34 -27.29 45.96 6.82
N THR D 35 -27.05 45.29 5.70
CA THR D 35 -27.76 44.11 5.26
C THR D 35 -27.00 42.82 5.60
N HIS D 36 -25.66 42.87 5.55
CA HIS D 36 -24.83 41.82 6.14
C HIS D 36 -23.83 42.31 7.22
N LEU D 37 -23.76 41.59 8.33
CA LEU D 37 -22.73 41.84 9.37
C LEU D 37 -21.69 40.72 9.39
N ILE D 38 -20.42 41.06 9.47
CA ILE D 38 -19.39 40.04 9.53
C ILE D 38 -18.61 40.11 10.85
N TYR D 39 -18.44 38.97 11.54
CA TYR D 39 -17.85 38.95 12.90
C TYR D 39 -16.43 38.55 12.71
N ALA D 40 -15.52 39.49 13.01
CA ALA D 40 -14.09 39.25 12.87
C ALA D 40 -13.47 39.07 14.28
N PHE D 41 -12.84 37.92 14.57
CA PHE D 41 -12.54 36.79 13.68
C PHE D 41 -12.74 35.53 14.50
N ALA D 42 -12.87 34.41 13.79
CA ALA D 42 -12.70 33.09 14.37
C ALA D 42 -11.25 32.69 14.10
N GLY D 43 -10.76 31.73 14.90
CA GLY D 43 -9.47 31.06 14.64
C GLY D 43 -9.58 29.57 14.24
N MET D 44 -8.50 28.84 14.44
CA MET D 44 -8.37 27.46 13.97
C MET D 44 -7.36 26.75 14.90
N GLN D 45 -7.81 25.59 15.39
CA GLN D 45 -6.99 24.65 16.17
C GLN D 45 -7.27 23.21 15.65
N ASN D 46 -6.21 22.50 15.26
CA ASN D 46 -6.29 21.15 14.66
C ASN D 46 -7.25 21.10 13.47
N ASN D 47 -7.08 22.01 12.52
CA ASN D 47 -7.95 22.12 11.34
C ASN D 47 -9.46 22.28 11.64
N GLU D 48 -9.82 22.70 12.85
CA GLU D 48 -11.23 23.01 13.16
C GLU D 48 -11.43 24.52 13.49
N ILE D 49 -12.62 25.05 13.18
CA ILE D 49 -12.93 26.44 13.48
C ILE D 49 -13.10 26.60 14.98
N THR D 50 -12.66 27.73 15.52
CA THR D 50 -12.71 27.94 16.95
C THR D 50 -12.86 29.42 17.30
N THR D 51 -13.26 29.70 18.55
CA THR D 51 -13.30 31.08 19.07
C THR D 51 -11.88 31.59 19.40
N ILE D 52 -11.75 32.91 19.67
CA ILE D 52 -10.41 33.49 19.99
C ILE D 52 -10.44 34.34 21.26
N GLU D 53 -11.59 34.94 21.60
CA GLU D 53 -11.72 35.67 22.88
C GLU D 53 -12.54 34.86 23.87
N TRP D 54 -12.30 35.09 25.15
CA TRP D 54 -12.91 34.36 26.21
C TRP D 54 -14.42 34.47 26.15
N ASN D 55 -14.93 35.62 25.66
CA ASN D 55 -16.38 35.86 25.65
C ASN D 55 -17.03 35.76 24.27
N ASP D 56 -16.34 35.21 23.27
CA ASP D 56 -16.93 35.06 21.94
C ASP D 56 -18.30 34.39 21.87
N VAL D 57 -18.53 33.40 22.72
CA VAL D 57 -19.84 32.71 22.69
C VAL D 57 -20.91 33.71 23.07
N THR D 58 -20.74 34.42 24.18
CA THR D 58 -21.67 35.48 24.60
C THR D 58 -21.89 36.55 23.53
N LEU D 59 -20.83 36.89 22.80
CA LEU D 59 -20.89 37.95 21.79
C LEU D 59 -21.59 37.44 20.57
N TYR D 60 -21.31 36.19 20.21
CA TYR D 60 -22.04 35.54 19.13
C TYR D 60 -23.56 35.59 19.44
N GLN D 61 -23.96 35.22 20.64
CA GLN D 61 -25.34 35.35 21.05
C GLN D 61 -25.91 36.74 20.71
N ALA D 62 -25.24 37.81 21.15
CA ALA D 62 -25.81 39.16 20.96
C ALA D 62 -25.71 39.58 19.47
N PHE D 63 -24.62 39.23 18.83
CA PHE D 63 -24.43 39.57 17.44
C PHE D 63 -25.53 38.95 16.54
N ASN D 64 -25.64 37.63 16.55
CA ASN D 64 -26.71 36.93 15.82
C ASN D 64 -28.15 37.19 16.35
N GLY D 65 -28.31 37.48 17.64
CA GLY D 65 -29.63 37.90 18.12
C GLY D 65 -30.12 39.26 17.54
N LEU D 66 -29.30 39.91 16.72
CA LEU D 66 -29.76 41.16 16.07
C LEU D 66 -30.74 40.75 14.99
N LYS D 67 -30.64 39.53 14.50
CA LYS D 67 -31.58 39.03 13.50
C LYS D 67 -33.02 38.89 14.00
N ASN D 68 -33.17 39.00 15.33
CA ASN D 68 -34.47 39.10 16.00
C ASN D 68 -35.08 40.49 15.95
N LYS D 69 -34.36 41.47 15.40
CA LYS D 69 -34.92 42.80 15.24
C LYS D 69 -34.99 43.16 13.79
N ASN D 70 -34.27 42.45 12.94
CA ASN D 70 -34.34 42.68 11.53
C ASN D 70 -34.21 41.32 10.94
N SER D 71 -35.30 40.84 10.39
CA SER D 71 -35.43 39.45 10.07
C SER D 71 -34.70 39.22 8.75
N GLN D 72 -34.39 40.32 8.04
CA GLN D 72 -33.58 40.27 6.80
C GLN D 72 -32.05 40.33 6.99
N LEU D 73 -31.59 40.64 8.20
CA LEU D 73 -30.13 40.75 8.47
C LEU D 73 -29.44 39.39 8.25
N LYS D 74 -28.42 39.33 7.40
CA LYS D 74 -27.55 38.14 7.38
C LYS D 74 -26.21 38.40 8.17
N THR D 75 -25.73 37.37 8.88
CA THR D 75 -24.48 37.39 9.63
C THR D 75 -23.43 36.40 9.06
N LEU D 76 -22.17 36.77 9.05
CA LEU D 76 -21.15 35.84 8.71
C LEU D 76 -20.03 35.93 9.72
N LEU D 77 -19.23 34.87 9.77
CA LEU D 77 -18.18 34.74 10.73
C LEU D 77 -16.93 34.76 9.92
N ALA D 78 -16.04 35.72 10.12
CA ALA D 78 -14.81 35.69 9.32
C ALA D 78 -13.80 34.81 10.02
N ILE D 79 -13.03 34.09 9.25
CA ILE D 79 -11.89 33.40 9.80
C ILE D 79 -10.61 33.94 9.17
N GLY D 80 -9.61 34.20 10.03
CA GLY D 80 -8.32 34.61 9.50
C GLY D 80 -7.99 36.00 9.94
N GLY D 81 -7.73 36.84 8.93
CA GLY D 81 -7.32 38.21 9.13
C GLY D 81 -5.79 38.32 9.05
N TRP D 82 -5.28 39.54 9.13
CA TRP D 82 -3.86 39.78 9.01
C TRP D 82 -3.02 39.02 10.02
N ASN D 83 -3.31 39.21 11.29
CA ASN D 83 -2.48 38.65 12.36
C ASN D 83 -2.40 37.11 12.30
N PHE D 84 -3.53 36.48 11.96
CA PHE D 84 -3.62 35.02 11.84
C PHE D 84 -2.56 34.48 10.83
N GLY D 85 -2.29 35.21 9.77
CA GLY D 85 -1.26 34.77 8.82
C GLY D 85 -1.73 33.55 8.03
N THR D 86 -0.78 32.81 7.45
CA THR D 86 -1.09 31.76 6.51
C THR D 86 -0.97 30.31 7.03
N ALA D 87 -0.05 30.08 7.95
CA ALA D 87 0.36 28.69 8.27
C ALA D 87 -0.85 27.76 8.54
N PRO D 88 -1.82 28.19 9.38
CA PRO D 88 -2.90 27.20 9.60
C PRO D 88 -3.80 26.93 8.34
N PHE D 89 -3.89 27.90 7.42
CA PHE D 89 -4.68 27.70 6.23
C PHE D 89 -3.96 26.69 5.35
N THR D 90 -2.67 26.91 5.17
CA THR D 90 -1.82 26.08 4.36
C THR D 90 -1.87 24.63 4.81
N ALA D 91 -1.64 24.40 6.10
CA ALA D 91 -1.71 23.06 6.65
C ALA D 91 -3.08 22.46 6.35
N MET D 92 -4.13 23.26 6.47
CA MET D 92 -5.51 22.73 6.44
C MET D 92 -5.93 22.33 5.03
N VAL D 93 -5.45 23.04 4.03
CA VAL D 93 -5.95 22.77 2.71
C VAL D 93 -5.12 21.68 2.05
N SER D 94 -4.02 21.28 2.68
CA SER D 94 -3.06 20.44 2.02
C SER D 94 -3.45 18.94 1.84
N THR D 95 -4.50 18.50 2.55
CA THR D 95 -5.04 17.14 2.43
C THR D 95 -6.56 17.16 2.38
N PRO D 96 -7.16 16.27 1.55
CA PRO D 96 -8.63 16.16 1.50
C PRO D 96 -9.21 15.91 2.86
N GLU D 97 -8.45 15.24 3.73
CA GLU D 97 -8.91 14.89 5.07
C GLU D 97 -9.01 16.14 5.97
N ASN D 98 -7.94 16.97 5.96
CA ASN D 98 -7.94 18.26 6.66
C ASN D 98 -9.08 19.19 6.19
N ARG D 99 -9.25 19.29 4.88
CA ARG D 99 -10.35 20.07 4.37
C ARG D 99 -11.70 19.58 4.87
N GLN D 100 -11.85 18.26 4.92
CA GLN D 100 -13.13 17.64 5.33
C GLN D 100 -13.39 17.92 6.80
N THR D 101 -12.34 17.71 7.62
CA THR D 101 -12.35 18.04 9.04
C THR D 101 -12.72 19.53 9.24
N PHE D 102 -12.08 20.41 8.46
CA PHE D 102 -12.38 21.82 8.62
C PHE D 102 -13.83 22.12 8.26
N ILE D 103 -14.24 21.64 7.07
CA ILE D 103 -15.58 21.95 6.58
C ILE D 103 -16.64 21.38 7.49
N THR D 104 -16.47 20.14 7.95
CA THR D 104 -17.48 19.61 8.87
C THR D 104 -17.60 20.47 10.14
N SER D 105 -16.46 21.00 10.62
CA SER D 105 -16.47 21.80 11.92
C SER D 105 -17.17 23.13 11.62
N VAL D 106 -16.92 23.67 10.42
CA VAL D 106 -17.57 24.92 10.06
C VAL D 106 -19.09 24.76 10.05
N ILE D 107 -19.58 23.71 9.36
CA ILE D 107 -21.06 23.48 9.33
C ILE D 107 -21.63 23.42 10.75
N LYS D 108 -20.97 22.64 11.59
CA LYS D 108 -21.46 22.44 12.91
C LYS D 108 -21.43 23.77 13.72
N PHE D 109 -20.27 24.45 13.67
CA PHE D 109 -20.02 25.72 14.41
C PHE D 109 -21.01 26.80 13.99
N LEU D 110 -21.19 26.97 12.67
CA LEU D 110 -22.12 28.00 12.21
C LEU D 110 -23.56 27.75 12.60
N ARG D 111 -24.02 26.48 12.62
CA ARG D 111 -25.44 26.20 12.95
C ARG D 111 -25.63 26.35 14.44
N GLN D 112 -24.66 25.84 15.18
CA GLN D 112 -24.69 25.94 16.60
C GLN D 112 -24.88 27.40 17.10
N TYR D 113 -24.11 28.31 16.52
CA TYR D 113 -24.05 29.67 17.03
C TYR D 113 -24.92 30.66 16.25
N GLU D 114 -25.43 30.18 15.09
CA GLU D 114 -26.49 30.86 14.32
C GLU D 114 -25.96 31.95 13.40
N PHE D 115 -24.83 31.65 12.75
CA PHE D 115 -24.34 32.43 11.66
C PHE D 115 -24.94 31.88 10.36
N ASP D 116 -25.17 32.77 9.39
CA ASP D 116 -25.64 32.42 8.07
C ASP D 116 -24.54 32.05 7.09
N GLY D 117 -23.27 32.15 7.49
CA GLY D 117 -22.24 31.84 6.52
C GLY D 117 -20.82 32.06 7.02
N LEU D 118 -19.86 31.78 6.16
CA LEU D 118 -18.47 31.92 6.55
C LEU D 118 -17.74 32.89 5.60
N ASP D 119 -16.95 33.80 6.15
CA ASP D 119 -16.08 34.65 5.35
C ASP D 119 -14.61 34.26 5.46
N PHE D 120 -13.95 33.89 4.37
CA PHE D 120 -12.55 33.52 4.42
C PHE D 120 -11.72 34.74 4.33
N ASP D 121 -10.91 35.02 5.36
CA ASP D 121 -10.00 36.17 5.31
C ASP D 121 -8.59 35.71 5.41
N TRP D 122 -8.19 34.99 4.38
CA TRP D 122 -6.90 34.37 4.36
C TRP D 122 -5.98 35.37 3.69
N GLU D 123 -5.01 35.87 4.44
CA GLU D 123 -4.18 36.92 3.89
C GLU D 123 -2.74 36.43 3.79
N TYR D 124 -2.37 35.88 2.64
CA TYR D 124 -3.18 35.68 1.43
C TYR D 124 -2.70 34.33 0.86
N PRO D 125 -3.58 33.60 0.11
CA PRO D 125 -3.04 32.35 -0.45
C PRO D 125 -1.86 32.70 -1.35
N GLY D 126 -0.83 31.88 -1.32
CA GLY D 126 0.34 32.13 -2.15
C GLY D 126 1.25 33.31 -1.79
N SER D 127 1.03 33.90 -0.60
CA SER D 127 1.94 34.96 -0.08
C SER D 127 2.15 34.85 1.42
N ARG D 128 3.10 35.63 1.97
CA ARG D 128 3.29 35.68 3.43
C ARG D 128 3.50 34.25 3.94
N GLY D 129 4.40 33.56 3.24
CA GLY D 129 4.82 32.20 3.55
C GLY D 129 3.96 31.10 2.94
N SER D 130 2.79 31.45 2.39
CA SER D 130 1.96 30.41 1.83
C SER D 130 2.53 30.06 0.43
N PRO D 131 2.72 28.73 0.12
CA PRO D 131 3.39 28.25 -1.12
C PRO D 131 2.49 28.32 -2.41
N PRO D 132 3.09 28.33 -3.64
CA PRO D 132 2.37 28.57 -4.92
C PRO D 132 1.09 27.73 -5.10
N GLN D 133 1.12 26.50 -4.61
CA GLN D 133 0.06 25.56 -4.85
C GLN D 133 -1.24 25.90 -4.09
N ASP D 134 -1.12 26.81 -3.10
CA ASP D 134 -2.28 27.21 -2.27
C ASP D 134 -3.26 28.00 -3.11
N LYS D 135 -2.76 28.67 -4.15
CA LYS D 135 -3.66 29.35 -5.11
C LYS D 135 -4.78 28.36 -5.58
N HIS D 136 -4.35 27.21 -6.14
CA HIS D 136 -5.29 26.17 -6.58
C HIS D 136 -6.06 25.58 -5.42
N LEU D 137 -5.37 25.31 -4.31
CA LEU D 137 -6.04 24.62 -3.16
C LEU D 137 -7.13 25.46 -2.52
N PHE D 138 -6.99 26.78 -2.66
CA PHE D 138 -8.00 27.65 -2.11
C PHE D 138 -9.29 27.53 -2.91
N THR D 139 -9.14 27.50 -4.23
CA THR D 139 -10.27 27.14 -5.10
C THR D 139 -10.84 25.78 -4.72
N VAL D 140 -9.97 24.80 -4.53
CA VAL D 140 -10.50 23.51 -4.15
C VAL D 140 -11.29 23.62 -2.85
N LEU D 141 -10.70 24.29 -1.86
CA LEU D 141 -11.34 24.44 -0.57
C LEU D 141 -12.72 25.05 -0.71
N VAL D 142 -12.75 26.20 -1.38
CA VAL D 142 -13.99 26.93 -1.55
C VAL D 142 -15.02 26.08 -2.29
N GLN D 143 -14.64 25.50 -3.44
CA GLN D 143 -15.55 24.58 -4.14
C GLN D 143 -16.13 23.52 -3.19
N GLU D 144 -15.26 22.76 -2.53
CA GLU D 144 -15.74 21.70 -1.63
C GLU D 144 -16.61 22.27 -0.54
N MET D 145 -16.28 23.49 -0.12
CA MET D 145 -17.06 24.13 0.92
C MET D 145 -18.45 24.46 0.41
N ARG D 146 -18.49 25.05 -0.78
CA ARG D 146 -19.77 25.36 -1.43
C ARG D 146 -20.70 24.09 -1.54
N GLU D 147 -20.16 23.00 -2.10
CA GLU D 147 -20.94 21.76 -2.27
C GLU D 147 -21.50 21.25 -0.97
N ALA D 148 -20.67 21.26 0.07
CA ALA D 148 -21.09 20.76 1.38
C ALA D 148 -22.23 21.55 1.99
N PHE D 149 -22.31 22.86 1.71
CA PHE D 149 -23.41 23.68 2.23
C PHE D 149 -24.67 23.42 1.43
N GLU D 150 -24.48 23.17 0.11
CA GLU D 150 -25.59 22.83 -0.79
C GLU D 150 -26.25 21.53 -0.31
N GLN D 151 -25.41 20.51 -0.12
CA GLN D 151 -25.81 19.24 0.45
C GLN D 151 -26.57 19.38 1.75
N GLU D 152 -25.99 20.14 2.67
CA GLU D 152 -26.48 20.22 4.03
C GLU D 152 -27.83 20.89 4.11
N ALA D 153 -28.11 21.74 3.14
CA ALA D 153 -29.33 22.55 3.06
C ALA D 153 -30.55 21.68 2.75
N LYS D 154 -30.37 20.83 1.73
CA LYS D 154 -31.43 19.91 1.38
C LYS D 154 -31.58 18.73 2.34
N GLN D 155 -30.56 18.46 3.15
CA GLN D 155 -30.74 17.45 4.23
C GLN D 155 -31.27 18.00 5.58
N ILE D 156 -31.39 19.32 5.74
CA ILE D 156 -32.16 19.86 6.89
C ILE D 156 -33.27 20.84 6.53
N ASN D 157 -33.55 20.99 5.23
CA ASN D 157 -34.61 21.88 4.71
C ASN D 157 -34.67 23.25 5.40
N LYS D 158 -33.55 23.96 5.19
CA LYS D 158 -33.26 25.31 5.64
C LYS D 158 -32.36 25.92 4.55
N PRO D 159 -32.48 27.26 4.32
CA PRO D 159 -31.60 27.90 3.29
C PRO D 159 -30.10 27.62 3.53
N ARG D 160 -29.37 27.37 2.43
CA ARG D 160 -27.95 27.08 2.39
C ARG D 160 -27.08 28.14 3.13
N LEU D 161 -26.07 27.69 3.88
CA LEU D 161 -25.04 28.61 4.42
C LEU D 161 -24.32 29.29 3.26
N MET D 162 -23.94 30.56 3.43
CA MET D 162 -23.13 31.28 2.42
C MET D 162 -21.64 31.16 2.62
N VAL D 163 -20.89 31.28 1.53
CA VAL D 163 -19.45 31.38 1.60
C VAL D 163 -18.90 32.57 0.80
N THR D 164 -18.15 33.43 1.49
CA THR D 164 -17.60 34.70 0.95
C THR D 164 -16.08 34.80 1.20
N ALA D 165 -15.43 35.78 0.63
CA ALA D 165 -14.03 35.87 0.92
C ALA D 165 -13.56 37.32 0.84
N ALA D 166 -12.79 37.75 1.85
CA ALA D 166 -12.10 39.02 1.78
C ALA D 166 -10.83 38.79 0.97
N VAL D 167 -10.59 39.59 -0.06
CA VAL D 167 -9.45 39.32 -0.96
C VAL D 167 -8.56 40.50 -1.19
N ALA D 168 -7.32 40.21 -1.61
CA ALA D 168 -6.29 41.20 -1.81
C ALA D 168 -6.64 42.28 -2.78
N ALA D 169 -6.00 43.46 -2.61
CA ALA D 169 -6.12 44.57 -3.52
C ALA D 169 -4.80 44.92 -4.23
N GLY D 170 -3.68 44.46 -3.70
CA GLY D 170 -2.39 44.55 -4.35
C GLY D 170 -2.31 43.56 -5.52
N ILE D 171 -1.84 44.06 -6.67
CA ILE D 171 -1.98 43.31 -7.92
C ILE D 171 -1.07 42.08 -7.89
N SER D 172 0.15 42.23 -7.37
CA SER D 172 1.05 41.07 -7.14
C SER D 172 0.35 39.99 -6.28
N ASN D 173 -0.31 40.41 -5.21
CA ASN D 173 -1.02 39.47 -4.36
C ASN D 173 -2.22 38.78 -5.02
N ILE D 174 -2.91 39.48 -5.93
CA ILE D 174 -4.00 38.87 -6.67
C ILE D 174 -3.49 37.77 -7.64
N GLN D 175 -2.40 38.08 -8.34
CA GLN D 175 -1.77 37.20 -9.31
C GLN D 175 -1.31 35.90 -8.70
N SER D 176 -0.64 35.97 -7.54
CA SER D 176 -0.22 34.75 -6.84
C SER D 176 -1.30 34.08 -5.97
N GLY D 177 -2.45 34.74 -5.79
CA GLY D 177 -3.38 34.27 -4.81
C GLY D 177 -4.63 33.57 -5.29
N TYR D 178 -5.14 33.97 -6.45
CA TYR D 178 -6.50 33.57 -6.78
C TYR D 178 -6.66 33.10 -8.26
N GLU D 179 -7.39 32.02 -8.45
CA GLU D 179 -7.84 31.61 -9.80
C GLU D 179 -9.17 32.28 -9.94
N ILE D 180 -9.16 33.48 -10.50
CA ILE D 180 -10.33 34.35 -10.38
C ILE D 180 -11.60 33.80 -10.99
N PRO D 181 -11.57 33.39 -12.28
CA PRO D 181 -12.86 32.95 -12.87
C PRO D 181 -13.46 31.73 -12.13
N GLN D 182 -12.60 30.76 -11.78
CA GLN D 182 -13.03 29.51 -11.10
C GLN D 182 -13.54 29.77 -9.69
N LEU D 183 -12.70 30.44 -8.90
CA LEU D 183 -13.07 30.89 -7.54
C LEU D 183 -14.41 31.64 -7.48
N SER D 184 -14.62 32.50 -8.47
CA SER D 184 -15.82 33.33 -8.51
C SER D 184 -17.15 32.60 -8.66
N GLN D 185 -17.10 31.34 -9.11
CA GLN D 185 -18.35 30.58 -9.29
C GLN D 185 -18.85 30.11 -7.93
N TYR D 186 -17.90 29.76 -7.08
CA TYR D 186 -18.26 29.14 -5.83
C TYR D 186 -18.60 30.17 -4.76
N LEU D 187 -17.89 31.31 -4.79
CA LEU D 187 -18.08 32.33 -3.73
C LEU D 187 -19.41 33.00 -3.92
N ASP D 188 -20.12 33.26 -2.82
CA ASP D 188 -21.32 34.05 -2.92
C ASP D 188 -20.97 35.51 -3.19
N TYR D 189 -19.89 36.01 -2.59
CA TYR D 189 -19.46 37.44 -2.68
C TYR D 189 -17.98 37.61 -2.56
N ILE D 190 -17.46 38.64 -3.18
CA ILE D 190 -16.05 38.87 -3.20
C ILE D 190 -15.80 40.27 -2.58
N HIS D 191 -15.22 40.29 -1.37
CA HIS D 191 -15.05 41.52 -0.57
C HIS D 191 -13.67 42.02 -0.87
N VAL D 192 -13.54 43.03 -1.72
CA VAL D 192 -12.19 43.43 -2.14
C VAL D 192 -11.69 44.49 -1.14
N MET D 193 -10.48 44.28 -0.62
CA MET D 193 -9.95 45.19 0.43
C MET D 193 -9.27 46.42 -0.18
N THR D 194 -10.12 47.30 -0.75
CA THR D 194 -9.70 48.52 -1.46
C THR D 194 -9.40 49.65 -0.43
N TYR D 195 -8.39 49.39 0.40
CA TYR D 195 -7.92 50.31 1.39
C TYR D 195 -6.57 49.81 1.87
N ASP D 196 -5.91 50.59 2.74
CA ASP D 196 -4.48 50.38 2.96
C ASP D 196 -3.68 50.47 1.68
N LEU D 197 -4.18 51.26 0.76
CA LEU D 197 -3.52 51.48 -0.53
C LEU D 197 -2.28 52.36 -0.41
N HIS D 198 -2.23 53.26 0.58
CA HIS D 198 -1.00 54.02 0.92
C HIS D 198 -0.90 54.10 2.44
N GLY D 199 0.28 54.37 2.96
CA GLY D 199 0.50 54.44 4.39
C GLY D 199 1.95 54.82 4.61
N SER D 200 2.32 55.07 5.86
CA SER D 200 3.67 55.55 6.19
C SER D 200 4.80 54.65 5.72
N TRP D 201 4.48 53.37 5.47
CA TRP D 201 5.53 52.46 5.04
C TRP D 201 6.19 52.95 3.70
N GLU D 202 5.51 53.84 2.96
CA GLU D 202 5.99 54.34 1.69
C GLU D 202 7.03 55.51 1.83
N GLY D 203 7.14 56.14 3.01
CA GLY D 203 8.03 57.30 3.19
C GLY D 203 7.49 58.60 2.60
N TYR D 204 6.26 58.59 2.09
CA TYR D 204 5.62 59.80 1.53
C TYR D 204 4.17 59.77 1.92
N THR D 205 3.53 60.93 2.02
CA THR D 205 2.09 60.96 2.27
C THR D 205 1.27 60.39 1.12
N GLY D 206 0.15 59.78 1.46
CA GLY D 206 -0.75 59.20 0.43
C GLY D 206 -2.07 58.80 1.06
N GLU D 207 -3.06 58.60 0.22
CA GLU D 207 -4.41 58.30 0.63
C GLU D 207 -4.66 56.80 0.92
N ASN D 208 -5.46 56.52 1.93
CA ASN D 208 -5.79 55.18 2.37
C ASN D 208 -6.62 54.45 1.29
N SER D 209 -7.50 55.20 0.67
CA SER D 209 -8.44 54.60 -0.25
C SER D 209 -8.81 55.62 -1.36
N PRO D 210 -7.83 56.04 -2.21
CA PRO D 210 -8.21 57.01 -3.25
C PRO D 210 -9.08 56.32 -4.27
N LEU D 211 -10.14 56.99 -4.72
CA LEU D 211 -10.97 56.47 -5.80
C LEU D 211 -10.13 56.35 -7.07
N TYR D 212 -9.36 57.39 -7.38
CA TYR D 212 -8.64 57.43 -8.67
C TYR D 212 -7.17 57.61 -8.45
N LYS D 213 -6.42 57.36 -9.51
CA LYS D 213 -5.00 57.61 -9.44
C LYS D 213 -4.66 59.11 -9.32
N TYR D 214 -3.49 59.38 -8.77
CA TYR D 214 -2.92 60.71 -8.74
C TYR D 214 -2.27 60.95 -10.10
N PRO D 215 -2.45 62.17 -10.67
CA PRO D 215 -1.80 62.52 -11.97
C PRO D 215 -0.31 62.08 -12.10
N THR D 216 0.47 62.30 -11.04
CA THR D 216 1.83 61.77 -10.83
C THR D 216 2.09 60.28 -11.06
N ASP D 217 1.09 59.44 -10.84
CA ASP D 217 1.33 57.99 -10.70
C ASP D 217 1.76 57.29 -11.98
N THR D 218 2.85 56.52 -11.89
CA THR D 218 3.22 55.59 -12.99
C THR D 218 3.71 54.18 -12.60
N GLY D 219 3.78 53.34 -13.63
CA GLY D 219 4.13 51.94 -13.42
C GLY D 219 3.11 51.37 -12.43
N SER D 220 3.62 50.71 -11.40
CA SER D 220 2.74 50.03 -10.47
C SER D 220 1.95 51.01 -9.58
N ASN D 221 2.49 52.22 -9.40
CA ASN D 221 1.79 53.20 -8.59
C ASN D 221 0.42 53.54 -9.08
N ALA D 222 0.15 53.30 -10.36
CA ALA D 222 -1.18 53.63 -10.91
C ALA D 222 -2.24 52.55 -10.63
N TYR D 223 -1.80 51.44 -10.04
CA TYR D 223 -2.70 50.34 -9.68
C TYR D 223 -3.34 50.55 -8.27
N LEU D 224 -2.76 51.48 -7.48
CA LEU D 224 -3.11 51.80 -6.09
C LEU D 224 -4.34 52.70 -5.85
N ASN D 225 -5.47 52.32 -6.40
CA ASN D 225 -6.69 53.09 -6.25
C ASN D 225 -7.88 52.20 -6.50
N VAL D 226 -9.02 52.62 -5.97
CA VAL D 226 -10.20 51.77 -5.95
C VAL D 226 -10.58 51.34 -7.39
N ASP D 227 -10.66 52.33 -8.29
CA ASP D 227 -11.01 52.17 -9.71
C ASP D 227 -10.17 51.08 -10.34
N TYR D 228 -8.85 51.24 -10.40
CA TYR D 228 -8.03 50.22 -11.01
C TYR D 228 -8.25 48.81 -10.45
N VAL D 229 -8.37 48.70 -9.12
CA VAL D 229 -8.43 47.38 -8.44
C VAL D 229 -9.78 46.69 -8.69
N MET D 230 -10.85 47.42 -8.50
CA MET D 230 -12.11 46.83 -8.80
C MET D 230 -12.11 46.38 -10.28
N ASN D 231 -11.67 47.24 -11.20
CA ASN D 231 -11.68 46.87 -12.63
C ASN D 231 -10.72 45.75 -12.95
N TYR D 232 -9.65 45.64 -12.17
CA TYR D 232 -8.81 44.45 -12.32
C TYR D 232 -9.59 43.16 -11.98
N TRP D 233 -10.40 43.18 -10.92
CA TRP D 233 -11.19 41.99 -10.57
C TRP D 233 -12.24 41.64 -11.67
N LYS D 234 -13.02 42.61 -12.10
CA LYS D 234 -13.98 42.43 -13.18
C LYS D 234 -13.34 41.86 -14.49
N ASP D 235 -12.21 42.44 -14.90
CA ASP D 235 -11.55 42.11 -16.17
C ASP D 235 -10.81 40.76 -16.20
N ASN D 236 -10.53 40.16 -15.03
CA ASN D 236 -9.90 38.86 -15.04
C ASN D 236 -10.75 37.68 -14.57
N GLY D 237 -12.07 37.87 -14.52
CA GLY D 237 -13.01 36.79 -14.49
C GLY D 237 -14.13 36.89 -13.48
N ALA D 238 -14.18 37.99 -12.74
CA ALA D 238 -15.14 38.08 -11.63
C ALA D 238 -16.33 38.90 -12.01
N PRO D 239 -17.53 38.32 -11.79
CA PRO D 239 -18.77 39.01 -12.13
C PRO D 239 -19.03 40.19 -11.23
N ALA D 240 -19.38 41.30 -11.87
CA ALA D 240 -19.58 42.58 -11.22
C ALA D 240 -20.54 42.54 -10.03
N GLU D 241 -21.64 41.80 -10.09
CA GLU D 241 -22.58 41.81 -8.95
C GLU D 241 -22.15 40.92 -7.78
N LYS D 242 -21.04 40.22 -7.97
CA LYS D 242 -20.44 39.51 -6.85
C LYS D 242 -19.28 40.37 -6.24
N LEU D 243 -18.74 41.33 -6.99
CA LEU D 243 -17.64 42.17 -6.50
C LEU D 243 -18.17 43.25 -5.57
N ILE D 244 -17.71 43.22 -4.30
CA ILE D 244 -18.05 44.19 -3.24
C ILE D 244 -16.86 45.15 -2.92
N VAL D 245 -17.15 46.46 -2.91
CA VAL D 245 -16.13 47.49 -2.80
C VAL D 245 -15.82 47.77 -1.31
N GLY D 246 -14.55 47.67 -0.90
CA GLY D 246 -14.20 47.99 0.50
C GLY D 246 -14.09 49.48 0.78
N PHE D 247 -14.78 49.95 1.80
CA PHE D 247 -14.71 51.30 2.29
C PHE D 247 -14.16 51.26 3.70
N PRO D 248 -13.19 52.13 4.00
CA PRO D 248 -12.62 52.25 5.33
C PRO D 248 -13.20 53.42 6.15
N THR D 249 -13.52 53.17 7.41
CA THR D 249 -14.00 54.19 8.30
C THR D 249 -12.82 54.59 9.19
N TYR D 250 -11.61 54.59 8.63
CA TYR D 250 -10.44 55.02 9.39
C TYR D 250 -9.50 55.60 8.36
N GLY D 251 -8.48 56.29 8.84
CA GLY D 251 -7.47 56.85 7.96
C GLY D 251 -6.08 56.45 8.44
N HIS D 252 -5.10 56.61 7.58
CA HIS D 252 -3.68 56.39 7.95
C HIS D 252 -3.06 57.74 8.23
N ASN D 253 -2.25 57.82 9.27
CA ASN D 253 -1.51 59.05 9.57
C ASN D 253 0.01 58.87 9.49
N PHE D 254 0.75 59.99 9.57
CA PHE D 254 2.12 60.01 9.13
C PHE D 254 2.75 61.15 9.91
N ILE D 255 4.00 60.99 10.30
CA ILE D 255 4.84 62.09 10.77
C ILE D 255 5.44 62.79 9.55
N LEU D 256 5.19 64.08 9.43
CA LEU D 256 5.71 64.82 8.27
C LEU D 256 7.17 65.18 8.54
N SER D 257 8.05 65.01 7.55
CA SER D 257 9.48 65.39 7.71
C SER D 257 9.64 66.92 7.76
N ASN D 258 8.74 67.62 7.10
CA ASN D 258 8.74 69.09 7.09
C ASN D 258 7.28 69.58 7.21
N PRO D 259 6.91 70.12 8.39
CA PRO D 259 5.51 70.52 8.59
C PRO D 259 5.01 71.64 7.66
N SER D 260 5.90 72.26 6.85
CA SER D 260 5.41 73.23 5.83
C SER D 260 5.18 72.56 4.49
N ASN D 261 5.58 71.30 4.40
CA ASN D 261 5.40 70.53 3.16
C ASN D 261 4.27 69.44 3.37
N THR D 262 3.05 69.73 2.90
CA THR D 262 1.83 69.05 3.42
C THR D 262 0.88 68.51 2.39
N GLY D 263 1.34 68.43 1.15
CA GLY D 263 0.55 67.87 0.06
C GLY D 263 0.65 66.35 -0.04
N ILE D 264 0.02 65.84 -1.09
CA ILE D 264 0.14 64.47 -1.47
C ILE D 264 1.54 64.19 -2.01
N GLY D 265 2.16 63.13 -1.53
CA GLY D 265 3.50 62.79 -1.91
C GLY D 265 4.57 63.54 -1.12
N ALA D 266 4.19 64.24 -0.06
CA ALA D 266 5.13 64.91 0.82
C ALA D 266 5.91 63.91 1.66
N PRO D 267 7.21 64.18 1.94
CA PRO D 267 8.08 63.24 2.70
C PRO D 267 7.71 63.12 4.18
N THR D 268 7.78 61.88 4.67
CA THR D 268 7.38 61.57 6.02
C THR D 268 8.46 60.76 6.67
N SER D 269 8.51 60.81 7.98
CA SER D 269 9.49 60.03 8.71
C SER D 269 8.93 58.84 9.47
N GLY D 270 7.69 58.43 9.21
CA GLY D 270 7.22 57.27 9.93
C GLY D 270 5.75 57.38 10.23
N ALA D 271 5.25 56.39 10.94
CA ALA D 271 3.83 56.32 11.19
C ALA D 271 3.43 57.43 12.17
N GLY D 272 2.22 57.96 11.94
CA GLY D 272 1.58 58.89 12.86
C GLY D 272 1.21 58.28 14.21
N PRO D 273 0.93 59.15 15.21
CA PRO D 273 0.66 58.61 16.56
C PRO D 273 -0.63 57.76 16.63
N ALA D 274 -0.57 56.73 17.48
CA ALA D 274 -1.78 55.98 17.86
C ALA D 274 -2.87 56.94 18.42
N GLY D 275 -4.13 56.69 18.08
CA GLY D 275 -5.22 57.51 18.62
C GLY D 275 -5.46 57.13 20.06
N PRO D 276 -6.18 57.92 20.79
CA PRO D 276 -6.39 57.64 22.23
C PRO D 276 -7.42 56.53 22.55
N TYR D 277 -8.19 56.13 21.56
CA TYR D 277 -9.23 55.13 21.70
C TYR D 277 -8.87 53.77 21.03
N ALA D 278 -8.52 53.77 19.74
CA ALA D 278 -8.14 52.52 19.06
C ALA D 278 -6.70 52.16 19.37
N LYS D 279 -5.90 53.16 19.70
CA LYS D 279 -4.53 52.89 20.16
C LYS D 279 -3.76 52.12 19.09
N GLU D 280 -3.96 52.49 17.85
CA GLU D 280 -3.38 51.78 16.71
C GLU D 280 -2.34 52.72 16.04
N SER D 281 -1.08 52.40 16.22
CA SER D 281 0.00 53.08 15.48
C SER D 281 -0.30 53.30 13.99
N GLY D 282 -0.20 54.52 13.48
CA GLY D 282 -0.41 54.75 12.04
C GLY D 282 -1.86 54.84 11.59
N ILE D 283 -2.80 54.71 12.54
CA ILE D 283 -4.24 54.63 12.19
C ILE D 283 -5.11 55.41 13.13
N TRP D 284 -6.01 56.26 12.60
CA TRP D 284 -6.99 56.89 13.42
C TRP D 284 -8.36 56.42 12.92
N ALA D 285 -9.25 56.07 13.86
CA ALA D 285 -10.65 55.83 13.53
C ALA D 285 -11.23 57.18 13.06
N TYR D 286 -12.31 57.13 12.30
CA TYR D 286 -12.95 58.34 11.82
C TYR D 286 -13.29 59.26 13.01
N TYR D 287 -13.81 58.67 14.08
CA TYR D 287 -14.15 59.50 15.21
C TYR D 287 -12.92 60.12 15.86
N GLU D 288 -11.77 59.43 15.81
CA GLU D 288 -10.54 60.04 16.33
C GLU D 288 -10.08 61.19 15.40
N ILE D 289 -10.36 61.09 14.12
CA ILE D 289 -10.01 62.13 13.17
C ILE D 289 -10.86 63.38 13.38
N CYS D 290 -12.15 63.19 13.75
CA CYS D 290 -13.03 64.30 14.11
C CYS D 290 -12.52 65.07 15.24
N THR D 291 -11.96 64.40 16.26
CA THR D 291 -11.29 65.14 17.33
C THR D 291 -10.12 65.99 16.78
N PHE D 292 -9.37 65.42 15.84
CA PHE D 292 -8.19 66.13 15.28
C PHE D 292 -8.72 67.38 14.54
N LEU D 293 -9.78 67.24 13.76
CA LEU D 293 -10.45 68.41 13.11
C LEU D 293 -10.98 69.43 14.13
N LYS D 294 -11.60 68.94 15.17
CA LYS D 294 -12.20 69.81 16.16
C LYS D 294 -11.11 70.63 16.87
N ASN D 295 -9.90 70.08 16.98
CA ASN D 295 -8.82 70.85 17.65
C ASN D 295 -7.99 71.76 16.72
N GLY D 296 -8.46 71.91 15.49
CA GLY D 296 -8.03 73.01 14.60
C GLY D 296 -7.16 72.53 13.45
N ALA D 297 -7.20 71.22 13.12
CA ALA D 297 -6.37 70.79 12.04
C ALA D 297 -6.82 71.48 10.73
N THR D 298 -5.85 71.75 9.88
CA THR D 298 -6.09 72.27 8.54
C THR D 298 -6.64 71.19 7.64
N GLN D 299 -7.73 71.44 6.96
CA GLN D 299 -8.39 70.41 6.14
C GLN D 299 -8.01 70.58 4.69
N GLY D 300 -7.73 69.48 3.98
CA GLY D 300 -7.40 69.56 2.57
C GLY D 300 -8.27 68.62 1.79
N TRP D 301 -8.24 68.75 0.44
CA TRP D 301 -9.00 67.89 -0.43
C TRP D 301 -8.13 67.44 -1.56
N ASP D 302 -8.01 66.14 -1.74
CA ASP D 302 -7.24 65.60 -2.82
C ASP D 302 -8.17 65.44 -4.02
N ALA D 303 -8.26 66.50 -4.84
CA ALA D 303 -9.26 66.55 -5.91
C ALA D 303 -9.11 65.44 -6.95
N PRO D 304 -7.88 65.18 -7.42
CA PRO D 304 -7.80 64.09 -8.45
C PRO D 304 -8.28 62.75 -7.90
N GLN D 305 -8.06 62.50 -6.60
CA GLN D 305 -8.41 61.19 -6.04
C GLN D 305 -9.71 61.16 -5.26
N GLU D 306 -10.34 62.30 -5.04
CA GLU D 306 -11.63 62.39 -4.38
C GLU D 306 -11.67 62.02 -2.88
N VAL D 307 -10.59 62.27 -2.12
CA VAL D 307 -10.60 61.94 -0.70
C VAL D 307 -10.00 63.08 0.11
N PRO D 308 -10.42 63.27 1.37
CA PRO D 308 -9.84 64.38 2.11
C PRO D 308 -8.46 64.02 2.77
N TYR D 309 -7.80 65.00 3.41
CA TYR D 309 -6.65 64.76 4.28
C TYR D 309 -6.60 65.96 5.16
N ALA D 310 -5.84 65.90 6.25
CA ALA D 310 -5.82 66.98 7.23
C ALA D 310 -4.45 66.97 7.86
N TYR D 311 -4.04 68.09 8.44
CA TYR D 311 -2.70 68.10 9.03
C TYR D 311 -2.63 69.17 10.06
N GLN D 312 -1.72 69.00 11.00
CA GLN D 312 -1.47 69.96 12.03
C GLN D 312 -0.08 69.63 12.62
N GLY D 313 0.75 70.68 12.83
CA GLY D 313 2.10 70.47 13.31
C GLY D 313 2.78 69.48 12.37
N ASN D 314 3.40 68.46 12.93
CA ASN D 314 3.96 67.43 12.06
C ASN D 314 3.11 66.15 11.85
N VAL D 315 1.79 66.23 12.03
CA VAL D 315 0.95 65.08 11.78
C VAL D 315 0.03 65.27 10.55
N TRP D 316 -0.02 64.30 9.67
CA TRP D 316 -0.85 64.38 8.51
C TRP D 316 -1.68 63.11 8.49
N VAL D 317 -2.94 63.17 8.01
CA VAL D 317 -3.80 61.98 7.95
C VAL D 317 -4.55 61.96 6.64
N GLY D 318 -4.58 60.83 5.96
CA GLY D 318 -5.40 60.73 4.73
C GLY D 318 -6.52 59.76 5.07
N TYR D 319 -7.77 60.08 4.71
CA TYR D 319 -8.91 59.32 5.19
C TYR D 319 -10.13 59.43 4.28
N ASP D 320 -11.29 59.02 4.81
CA ASP D 320 -12.54 59.12 4.10
C ASP D 320 -13.54 59.86 4.91
N ASN D 321 -14.32 60.72 4.25
CA ASN D 321 -15.41 61.38 4.96
C ASN D 321 -16.75 61.17 4.25
N ILE D 322 -17.77 61.89 4.66
CA ILE D 322 -19.10 61.70 4.08
C ILE D 322 -19.08 61.93 2.55
N LYS D 323 -18.47 63.04 2.16
CA LYS D 323 -18.26 63.40 0.76
C LYS D 323 -17.53 62.35 -0.06
N SER D 324 -16.38 61.86 0.40
CA SER D 324 -15.70 60.82 -0.38
C SER D 324 -16.57 59.55 -0.39
N PHE D 325 -17.27 59.27 0.70
CA PHE D 325 -18.02 57.99 0.76
C PHE D 325 -19.13 58.03 -0.26
N ASP D 326 -19.81 59.17 -0.26
CA ASP D 326 -20.80 59.46 -1.27
C ASP D 326 -20.27 59.36 -2.72
N ILE D 327 -19.15 60.01 -3.04
CA ILE D 327 -18.66 59.95 -4.42
C ILE D 327 -18.36 58.52 -4.84
N LYS D 328 -17.79 57.72 -3.93
CA LYS D 328 -17.49 56.32 -4.24
C LYS D 328 -18.76 55.45 -4.37
N ALA D 329 -19.77 55.74 -3.56
CA ALA D 329 -21.05 55.07 -3.68
C ALA D 329 -21.63 55.30 -5.09
N GLN D 330 -21.66 56.57 -5.53
CA GLN D 330 -22.19 56.86 -6.92
C GLN D 330 -21.36 56.12 -7.96
N TRP D 331 -20.05 56.15 -7.79
CA TRP D 331 -19.20 55.41 -8.70
C TRP D 331 -19.51 53.88 -8.72
N LEU D 332 -19.87 53.30 -7.57
CA LEU D 332 -20.01 51.85 -7.61
C LEU D 332 -21.32 51.50 -8.28
N LYS D 333 -22.37 52.24 -7.98
CA LYS D 333 -23.67 52.11 -8.61
C LYS D 333 -23.54 52.23 -10.14
N HIS D 334 -22.79 53.23 -10.59
CA HIS D 334 -22.63 53.46 -11.99
C HIS D 334 -21.89 52.30 -12.68
N ASN D 335 -21.00 51.59 -11.98
CA ASN D 335 -20.30 50.40 -12.57
C ASN D 335 -20.96 49.03 -12.28
N LYS D 336 -22.16 49.09 -11.68
CA LYS D 336 -22.99 47.91 -11.30
C LYS D 336 -22.30 46.78 -10.47
N PHE D 337 -21.61 47.20 -9.40
CA PHE D 337 -20.99 46.25 -8.48
C PHE D 337 -22.05 45.91 -7.51
N GLY D 338 -21.86 44.84 -6.76
CA GLY D 338 -22.90 44.30 -5.87
C GLY D 338 -23.20 45.09 -4.66
N GLY D 339 -22.34 46.07 -4.35
CA GLY D 339 -22.50 46.90 -3.12
C GLY D 339 -21.20 47.22 -2.38
N ALA D 340 -21.32 47.58 -1.12
CA ALA D 340 -20.17 48.06 -0.40
C ALA D 340 -19.90 47.23 0.83
N MET D 341 -18.63 47.09 1.16
CA MET D 341 -18.19 46.39 2.35
C MET D 341 -17.46 47.49 3.18
N VAL D 342 -17.69 47.51 4.50
CA VAL D 342 -17.09 48.47 5.42
C VAL D 342 -16.20 47.85 6.52
N TRP D 343 -14.95 48.29 6.60
CA TRP D 343 -14.11 47.97 7.73
C TRP D 343 -13.89 49.28 8.48
N ALA D 344 -14.41 49.46 9.69
CA ALA D 344 -15.20 48.50 10.43
C ALA D 344 -16.28 49.34 11.13
N ILE D 345 -17.39 48.71 11.49
CA ILE D 345 -18.50 49.44 12.03
C ILE D 345 -18.08 50.15 13.29
N ASP D 346 -17.10 49.58 14.00
CA ASP D 346 -16.70 50.09 15.30
C ASP D 346 -15.76 51.30 15.24
N LEU D 347 -15.33 51.66 14.02
CA LEU D 347 -14.41 52.81 13.82
C LEU D 347 -15.15 54.03 13.31
N ASP D 348 -16.42 53.85 12.90
CA ASP D 348 -17.33 54.95 12.53
C ASP D 348 -17.68 55.70 13.83
N ASP D 349 -18.22 56.92 13.72
CA ASP D 349 -18.61 57.66 14.92
C ASP D 349 -19.96 57.05 15.37
N PHE D 350 -19.94 55.78 15.77
CA PHE D 350 -21.11 55.09 16.24
C PHE D 350 -21.93 55.78 17.36
N THR D 351 -21.32 56.57 18.27
CA THR D 351 -22.14 57.26 19.26
C THR D 351 -22.69 58.59 18.73
N GLY D 352 -22.11 59.09 17.64
CA GLY D 352 -22.48 60.41 17.18
C GLY D 352 -21.82 61.55 17.93
N THR D 353 -21.10 61.29 19.01
CA THR D 353 -20.64 62.43 19.85
C THR D 353 -19.36 63.14 19.44
N PHE D 354 -18.53 62.55 18.61
CA PHE D 354 -17.24 63.22 18.20
C PHE D 354 -17.40 64.15 17.01
N CYS D 355 -18.21 63.79 16.04
CA CYS D 355 -18.22 64.49 14.76
C CYS D 355 -19.40 65.45 14.61
N ASN D 356 -20.41 65.29 15.49
CA ASN D 356 -21.70 65.98 15.36
C ASN D 356 -22.29 65.81 14.00
N GLN D 357 -22.18 64.62 13.41
CA GLN D 357 -22.90 64.28 12.18
C GLN D 357 -23.96 63.20 12.38
N GLY D 358 -24.33 62.93 13.63
CA GLY D 358 -25.32 61.88 13.88
C GLY D 358 -24.62 60.53 14.04
N LYS D 359 -25.39 59.50 14.34
CA LYS D 359 -24.83 58.19 14.63
C LYS D 359 -24.42 57.49 13.35
N PHE D 360 -23.25 56.85 13.33
CA PHE D 360 -22.80 56.19 12.09
C PHE D 360 -22.84 57.09 10.88
N PRO D 361 -22.23 58.26 10.99
CA PRO D 361 -22.34 59.15 9.83
C PRO D 361 -21.83 58.52 8.58
N LEU D 362 -20.75 57.77 8.65
CA LEU D 362 -20.19 57.31 7.37
C LEU D 362 -20.98 56.12 6.70
N ILE D 363 -21.45 55.19 7.51
CA ILE D 363 -22.10 54.01 6.94
C ILE D 363 -23.56 54.35 6.55
N SER D 364 -24.24 55.17 7.35
CA SER D 364 -25.47 55.89 6.94
C SER D 364 -25.40 56.49 5.55
N THR D 365 -24.23 57.07 5.23
CA THR D 365 -24.08 57.69 3.94
C THR D 365 -24.16 56.58 2.92
N LEU D 366 -23.65 55.40 3.24
CA LEU D 366 -23.67 54.30 2.27
C LEU D 366 -25.09 53.72 2.15
N LYS D 367 -25.79 53.63 3.27
CA LYS D 367 -27.15 53.16 3.35
C LYS D 367 -28.05 54.05 2.45
N LYS D 368 -28.19 55.36 2.74
CA LYS D 368 -28.98 56.29 1.88
C LYS D 368 -28.57 56.14 0.41
N ALA D 369 -27.30 56.33 0.09
CA ALA D 369 -26.85 56.36 -1.30
C ALA D 369 -27.07 55.08 -2.07
N LEU D 370 -27.18 53.97 -1.36
CA LEU D 370 -27.23 52.68 -2.01
C LEU D 370 -28.69 52.16 -2.09
N GLY D 371 -29.64 52.96 -1.59
CA GLY D 371 -31.06 52.71 -1.83
C GLY D 371 -31.75 52.11 -0.62
N LEU D 372 -30.94 51.73 0.36
CA LEU D 372 -31.39 50.97 1.49
C LEU D 372 -32.10 51.79 2.53
N GLN D 373 -32.32 53.08 2.29
CA GLN D 373 -33.06 53.88 3.29
C GLN D 373 -34.49 53.32 3.49
N SER D 374 -35.02 52.60 2.48
CA SER D 374 -36.37 52.05 2.59
C SER D 374 -36.37 50.66 3.22
N ALA D 375 -35.50 49.78 2.69
CA ALA D 375 -35.37 48.33 3.05
C ALA D 375 -35.71 47.96 4.50
N SER D 376 -36.55 46.93 4.66
CA SER D 376 -37.28 46.70 5.93
C SER D 376 -36.37 46.40 7.11
N CYS D 377 -36.79 46.91 8.28
CA CYS D 377 -36.17 46.57 9.56
C CYS D 377 -37.23 46.08 10.57
N THR D 378 -37.63 44.83 10.41
CA THR D 378 -38.81 44.23 11.06
C THR D 378 -38.49 42.89 11.75
N ALA D 379 -39.01 42.70 12.99
CA ALA D 379 -38.96 41.42 13.72
C ALA D 379 -39.53 40.22 12.94
N PRO D 380 -39.39 38.98 13.48
CA PRO D 380 -40.16 37.90 12.84
C PRO D 380 -41.25 37.34 13.80
N ALA E 4 0.74 -31.16 -53.01
CA ALA E 4 0.49 -31.75 -51.68
C ALA E 4 -0.50 -30.87 -50.90
N TYR E 5 -0.59 -29.55 -51.24
CA TYR E 5 -1.52 -28.61 -50.55
C TYR E 5 -2.46 -28.01 -51.51
N GLN E 6 -3.70 -27.78 -51.09
CA GLN E 6 -4.67 -27.09 -51.92
C GLN E 6 -4.68 -25.61 -51.58
N LEU E 7 -4.96 -24.75 -52.58
CA LEU E 7 -5.24 -23.31 -52.34
C LEU E 7 -6.60 -23.05 -52.96
N THR E 8 -7.60 -22.93 -52.10
CA THR E 8 -9.00 -22.73 -52.49
C THR E 8 -9.46 -21.27 -52.32
N CYS E 9 -10.00 -20.70 -53.41
CA CYS E 9 -10.35 -19.29 -53.36
C CYS E 9 -11.81 -19.02 -53.66
N TYR E 10 -12.48 -18.32 -52.77
CA TYR E 10 -13.86 -17.96 -53.01
C TYR E 10 -13.96 -16.65 -53.85
N PHE E 11 -14.85 -16.66 -54.86
CA PHE E 11 -15.22 -15.56 -55.69
C PHE E 11 -16.64 -15.16 -55.35
N THR E 12 -16.92 -13.88 -55.22
CA THR E 12 -18.29 -13.52 -54.90
C THR E 12 -18.96 -12.79 -56.08
N ASN E 13 -20.22 -13.16 -56.38
CA ASN E 13 -20.90 -12.64 -57.57
C ASN E 13 -21.57 -11.31 -57.40
N TRP E 14 -21.39 -10.68 -56.24
CA TRP E 14 -21.78 -9.28 -56.10
C TRP E 14 -20.56 -8.31 -56.13
N ALA E 15 -19.34 -8.84 -56.22
CA ALA E 15 -18.15 -7.96 -56.38
C ALA E 15 -18.21 -7.19 -57.69
N GLN E 16 -18.97 -7.71 -58.65
CA GLN E 16 -19.15 -7.09 -59.99
C GLN E 16 -19.76 -5.71 -59.88
N TYR E 17 -20.36 -5.36 -58.73
CA TYR E 17 -21.08 -4.08 -58.60
C TYR E 17 -20.29 -3.01 -57.93
N ARG E 18 -19.10 -3.30 -57.42
CA ARG E 18 -18.31 -2.31 -56.73
C ARG E 18 -17.82 -1.22 -57.69
N PRO E 19 -17.60 0.01 -57.17
CA PRO E 19 -17.15 1.08 -58.09
C PRO E 19 -15.70 1.00 -58.54
N GLY E 20 -15.47 1.37 -59.78
CA GLY E 20 -14.10 1.68 -60.24
C GLY E 20 -13.14 0.50 -59.94
N LEU E 21 -12.09 0.79 -59.23
CA LEU E 21 -11.02 -0.18 -59.00
C LEU E 21 -11.46 -1.41 -58.13
N GLY E 22 -12.60 -1.30 -57.45
CA GLY E 22 -13.11 -2.46 -56.68
C GLY E 22 -13.87 -3.48 -57.54
N ARG E 23 -14.24 -3.11 -58.76
CA ARG E 23 -15.13 -3.99 -59.51
C ARG E 23 -14.34 -5.28 -59.79
N PHE E 24 -14.90 -6.48 -59.51
CA PHE E 24 -14.13 -7.71 -59.72
C PHE E 24 -15.06 -8.72 -60.44
N MET E 25 -14.59 -9.27 -61.55
CA MET E 25 -15.31 -10.16 -62.48
C MET E 25 -14.50 -11.45 -62.56
N PRO E 26 -15.10 -12.58 -62.98
CA PRO E 26 -14.30 -13.84 -63.14
C PRO E 26 -13.03 -13.65 -63.95
N ASP E 27 -13.12 -12.79 -64.97
CA ASP E 27 -11.98 -12.44 -65.80
C ASP E 27 -10.76 -11.84 -65.05
N ASP E 28 -10.97 -11.25 -63.87
CA ASP E 28 -9.88 -10.71 -63.04
C ASP E 28 -9.13 -11.81 -62.23
N ILE E 29 -9.61 -13.05 -62.28
CA ILE E 29 -8.96 -14.13 -61.54
C ILE E 29 -7.79 -14.68 -62.36
N ASN E 30 -6.62 -14.70 -61.77
CA ASN E 30 -5.46 -15.23 -62.44
C ASN E 30 -5.64 -16.76 -62.35
N PRO E 31 -5.69 -17.45 -63.51
CA PRO E 31 -6.01 -18.89 -63.45
C PRO E 31 -4.90 -19.77 -62.87
N CYS E 32 -3.70 -19.23 -62.65
CA CYS E 32 -2.59 -19.99 -62.03
C CYS E 32 -2.51 -19.79 -60.54
N LEU E 33 -3.37 -18.94 -60.00
CA LEU E 33 -3.10 -18.50 -58.64
C LEU E 33 -3.55 -19.56 -57.59
N CYS E 34 -4.79 -20.06 -57.69
CA CYS E 34 -5.36 -21.00 -56.73
C CYS E 34 -5.52 -22.33 -57.46
N THR E 35 -5.76 -23.42 -56.71
CA THR E 35 -5.90 -24.77 -57.30
C THR E 35 -7.36 -25.02 -57.44
N HIS E 36 -8.16 -24.35 -56.62
CA HIS E 36 -9.65 -24.53 -56.72
C HIS E 36 -10.29 -23.15 -56.63
N LEU E 37 -11.41 -22.96 -57.32
CA LEU E 37 -12.10 -21.73 -57.22
C LEU E 37 -13.50 -22.05 -56.86
N ILE E 38 -14.07 -21.26 -55.98
CA ILE E 38 -15.43 -21.51 -55.59
C ILE E 38 -16.29 -20.31 -55.80
N TYR E 39 -17.46 -20.54 -56.41
CA TYR E 39 -18.32 -19.48 -56.86
C TYR E 39 -19.42 -19.30 -55.90
N ALA E 40 -19.43 -18.13 -55.25
CA ALA E 40 -20.44 -17.79 -54.27
C ALA E 40 -21.42 -16.83 -54.88
N PHE E 41 -22.73 -17.13 -54.96
CA PHE E 41 -23.43 -18.35 -54.53
C PHE E 41 -24.54 -18.73 -55.52
N ALA E 42 -24.82 -20.04 -55.65
CA ALA E 42 -26.09 -20.47 -56.22
C ALA E 42 -27.15 -20.36 -55.13
N GLY E 43 -28.41 -20.38 -55.56
CA GLY E 43 -29.51 -20.37 -54.63
C GLY E 43 -30.40 -21.59 -54.85
N MET E 44 -31.64 -21.50 -54.40
CA MET E 44 -32.55 -22.65 -54.45
C MET E 44 -34.02 -22.30 -54.69
N GLN E 45 -34.65 -23.03 -55.62
CA GLN E 45 -36.11 -22.89 -55.90
C GLN E 45 -36.81 -24.25 -56.01
N ASN E 46 -37.87 -24.46 -55.22
CA ASN E 46 -38.59 -25.78 -55.19
C ASN E 46 -37.64 -26.95 -55.10
N ASN E 47 -36.74 -26.90 -54.13
CA ASN E 47 -35.71 -27.93 -53.91
C ASN E 47 -34.82 -28.16 -55.07
N GLU E 48 -34.71 -27.13 -55.90
CA GLU E 48 -33.79 -27.15 -57.05
C GLU E 48 -32.69 -26.04 -57.04
N ILE E 49 -31.45 -26.44 -57.31
CA ILE E 49 -30.34 -25.47 -57.39
C ILE E 49 -30.57 -24.45 -58.51
N THR E 50 -30.39 -23.18 -58.18
CA THR E 50 -30.67 -22.12 -59.12
C THR E 50 -29.62 -21.00 -59.07
N THR E 51 -29.61 -20.10 -60.06
CA THR E 51 -28.80 -18.84 -60.08
C THR E 51 -29.41 -17.81 -59.16
N ILE E 52 -28.67 -16.73 -58.82
CA ILE E 52 -29.26 -15.66 -58.00
C ILE E 52 -29.05 -14.26 -58.59
N GLU E 53 -28.04 -14.10 -59.46
CA GLU E 53 -27.81 -12.81 -60.19
C GLU E 53 -28.23 -12.99 -61.64
N TRP E 54 -28.88 -11.96 -62.18
CA TRP E 54 -29.35 -11.92 -63.55
C TRP E 54 -28.30 -12.31 -64.56
N ASN E 55 -27.02 -12.06 -64.28
CA ASN E 55 -25.97 -12.51 -65.22
C ASN E 55 -25.12 -13.71 -64.78
N ASP E 56 -25.64 -14.52 -63.85
CA ASP E 56 -24.86 -15.67 -63.36
C ASP E 56 -24.35 -16.54 -64.48
N VAL E 57 -25.16 -16.78 -65.50
CA VAL E 57 -24.71 -17.77 -66.51
C VAL E 57 -23.52 -17.25 -67.30
N THR E 58 -23.63 -15.99 -67.67
CA THR E 58 -22.47 -15.33 -68.30
C THR E 58 -21.23 -15.38 -67.40
N LEU E 59 -21.38 -15.05 -66.12
CA LEU E 59 -20.25 -15.22 -65.18
C LEU E 59 -19.73 -16.67 -65.07
N TYR E 60 -20.65 -17.66 -65.06
CA TYR E 60 -20.26 -19.08 -64.99
C TYR E 60 -19.36 -19.44 -66.08
N GLN E 61 -19.69 -18.98 -67.29
CA GLN E 61 -18.90 -19.24 -68.48
C GLN E 61 -17.53 -18.62 -68.45
N ALA E 62 -17.45 -17.41 -67.90
CA ALA E 62 -16.09 -16.80 -67.83
C ALA E 62 -15.35 -17.52 -66.70
N PHE E 63 -16.07 -17.81 -65.61
CA PHE E 63 -15.46 -18.50 -64.44
C PHE E 63 -14.87 -19.86 -64.84
N ASN E 64 -15.70 -20.68 -65.45
CA ASN E 64 -15.24 -22.03 -65.86
C ASN E 64 -14.39 -22.03 -67.11
N GLY E 65 -14.57 -20.99 -67.91
CA GLY E 65 -13.63 -20.70 -69.01
C GLY E 65 -12.19 -20.53 -68.60
N LEU E 66 -11.91 -20.31 -67.30
CA LEU E 66 -10.50 -20.15 -66.86
C LEU E 66 -9.76 -21.47 -66.97
N LYS E 67 -10.54 -22.55 -67.07
CA LYS E 67 -9.94 -23.89 -67.21
C LYS E 67 -9.36 -24.12 -68.60
N ASN E 68 -9.69 -23.25 -69.55
CA ASN E 68 -8.99 -23.22 -70.83
C ASN E 68 -7.55 -22.76 -70.70
N LYS E 69 -7.19 -22.11 -69.60
CA LYS E 69 -5.81 -21.67 -69.42
C LYS E 69 -5.03 -22.51 -68.42
N ASN E 70 -5.76 -23.19 -67.53
CA ASN E 70 -5.14 -24.10 -66.54
C ASN E 70 -5.94 -25.40 -66.49
N SER E 71 -5.40 -26.44 -67.12
CA SER E 71 -6.12 -27.71 -67.31
C SER E 71 -6.41 -28.31 -65.93
N GLN E 72 -5.51 -28.05 -64.97
CA GLN E 72 -5.59 -28.64 -63.63
C GLN E 72 -6.56 -27.93 -62.66
N LEU E 73 -7.09 -26.75 -63.04
CA LEU E 73 -7.93 -25.92 -62.18
C LEU E 73 -9.27 -26.54 -61.91
N LYS E 74 -9.71 -26.60 -60.66
CA LYS E 74 -11.07 -27.08 -60.48
C LYS E 74 -11.99 -26.03 -59.97
N THR E 75 -13.26 -26.10 -60.34
CA THR E 75 -14.19 -25.07 -59.89
C THR E 75 -15.36 -25.72 -59.19
N LEU E 76 -15.90 -25.09 -58.16
CA LEU E 76 -17.06 -25.59 -57.49
C LEU E 76 -18.13 -24.52 -57.40
N LEU E 77 -19.35 -24.92 -57.22
CA LEU E 77 -20.37 -23.91 -56.98
C LEU E 77 -20.82 -23.98 -55.55
N ALA E 78 -20.87 -22.84 -54.87
CA ALA E 78 -21.24 -22.87 -53.48
C ALA E 78 -22.68 -22.46 -53.41
N ILE E 79 -23.45 -23.11 -52.54
CA ILE E 79 -24.85 -22.79 -52.43
C ILE E 79 -25.01 -22.54 -50.98
N GLY E 80 -25.74 -21.48 -50.66
CA GLY E 80 -25.97 -21.17 -49.26
C GLY E 80 -25.45 -19.79 -48.89
N GLY E 81 -24.65 -19.71 -47.81
CA GLY E 81 -24.09 -18.46 -47.33
C GLY E 81 -24.96 -17.87 -46.24
N TRP E 82 -24.49 -16.86 -45.53
CA TRP E 82 -25.19 -16.32 -44.39
C TRP E 82 -26.58 -15.79 -44.69
N ASN E 83 -26.66 -14.87 -45.66
CA ASN E 83 -27.91 -14.28 -46.14
C ASN E 83 -28.98 -15.31 -46.50
N PHE E 84 -28.58 -16.39 -47.15
CA PHE E 84 -29.54 -17.41 -47.54
C PHE E 84 -30.30 -18.06 -46.36
N GLY E 85 -29.69 -18.12 -45.15
CA GLY E 85 -30.39 -18.61 -43.96
C GLY E 85 -30.56 -20.12 -44.00
N THR E 86 -31.49 -20.69 -43.20
CA THR E 86 -31.62 -22.18 -43.16
C THR E 86 -32.89 -22.81 -43.71
N ALA E 87 -34.01 -22.07 -43.68
CA ALA E 87 -35.32 -22.56 -44.18
C ALA E 87 -35.24 -23.47 -45.44
N PRO E 88 -34.53 -23.02 -46.50
CA PRO E 88 -34.59 -23.85 -47.68
C PRO E 88 -33.80 -25.10 -47.58
N PHE E 89 -32.72 -25.09 -46.79
CA PHE E 89 -31.99 -26.35 -46.62
C PHE E 89 -32.81 -27.30 -45.74
N THR E 90 -33.55 -26.77 -44.76
CA THR E 90 -34.34 -27.63 -43.85
C THR E 90 -35.42 -28.39 -44.63
N ALA E 91 -36.28 -27.61 -45.31
CA ALA E 91 -37.27 -28.15 -46.24
C ALA E 91 -36.66 -29.17 -47.21
N MET E 92 -35.53 -28.83 -47.79
CA MET E 92 -34.93 -29.73 -48.76
C MET E 92 -34.52 -31.06 -48.20
N VAL E 93 -34.00 -31.09 -46.96
CA VAL E 93 -33.44 -32.36 -46.42
C VAL E 93 -34.49 -33.30 -45.78
N SER E 94 -35.65 -32.74 -45.43
CA SER E 94 -36.67 -33.45 -44.67
C SER E 94 -37.19 -34.78 -45.30
N THR E 95 -37.25 -34.87 -46.64
CA THR E 95 -37.82 -36.08 -47.23
C THR E 95 -36.90 -36.60 -48.29
N PRO E 96 -36.76 -37.94 -48.42
CA PRO E 96 -35.86 -38.50 -49.44
C PRO E 96 -36.18 -38.04 -50.87
N GLU E 97 -37.42 -37.57 -51.07
CA GLU E 97 -37.85 -37.15 -52.41
C GLU E 97 -37.30 -35.76 -52.71
N ASN E 98 -37.51 -34.81 -51.78
CA ASN E 98 -36.82 -33.50 -51.80
C ASN E 98 -35.32 -33.58 -52.00
N ARG E 99 -34.64 -34.54 -51.38
CA ARG E 99 -33.20 -34.64 -51.56
C ARG E 99 -32.87 -35.22 -52.92
N GLN E 100 -33.66 -36.19 -53.37
CA GLN E 100 -33.51 -36.72 -54.74
C GLN E 100 -33.67 -35.62 -55.83
N THR E 101 -34.70 -34.80 -55.70
CA THR E 101 -34.96 -33.62 -56.56
C THR E 101 -33.72 -32.72 -56.58
N PHE E 102 -33.29 -32.29 -55.40
CA PHE E 102 -32.12 -31.43 -55.29
C PHE E 102 -30.91 -32.10 -55.91
N ILE E 103 -30.69 -33.36 -55.60
CA ILE E 103 -29.47 -34.01 -56.10
C ILE E 103 -29.47 -34.16 -57.63
N THR E 104 -30.62 -34.54 -58.17
CA THR E 104 -30.79 -34.60 -59.64
C THR E 104 -30.57 -33.20 -60.25
N SER E 105 -31.23 -32.18 -59.67
CA SER E 105 -31.03 -30.77 -60.11
C SER E 105 -29.54 -30.35 -60.03
N VAL E 106 -28.80 -30.86 -59.06
CA VAL E 106 -27.39 -30.44 -58.91
C VAL E 106 -26.53 -31.03 -59.99
N ILE E 107 -26.69 -32.32 -60.21
CA ILE E 107 -25.85 -33.02 -61.20
C ILE E 107 -25.96 -32.34 -62.59
N LYS E 108 -27.20 -31.95 -62.92
CA LYS E 108 -27.57 -31.43 -64.23
C LYS E 108 -26.99 -30.01 -64.40
N PHE E 109 -27.16 -29.21 -63.34
CA PHE E 109 -26.64 -27.84 -63.28
C PHE E 109 -25.09 -27.80 -63.44
N LEU E 110 -24.38 -28.58 -62.66
CA LEU E 110 -22.94 -28.55 -62.72
C LEU E 110 -22.38 -29.08 -64.02
N ARG E 111 -22.96 -30.14 -64.55
CA ARG E 111 -22.51 -30.60 -65.88
C ARG E 111 -22.79 -29.55 -66.97
N GLN E 112 -23.98 -28.96 -66.92
CA GLN E 112 -24.44 -28.00 -67.90
C GLN E 112 -23.51 -26.79 -67.99
N TYR E 113 -23.10 -26.28 -66.81
CA TYR E 113 -22.26 -25.10 -66.74
C TYR E 113 -20.80 -25.38 -66.50
N GLU E 114 -20.46 -26.66 -66.36
CA GLU E 114 -19.08 -27.09 -66.31
C GLU E 114 -18.35 -26.72 -65.00
N PHE E 115 -19.10 -26.84 -63.91
CA PHE E 115 -18.52 -26.91 -62.57
C PHE E 115 -17.95 -28.30 -62.26
N ASP E 116 -16.79 -28.35 -61.61
CA ASP E 116 -16.31 -29.62 -61.08
C ASP E 116 -16.89 -30.14 -59.77
N GLY E 117 -17.83 -29.44 -59.15
CA GLY E 117 -18.29 -29.90 -57.87
C GLY E 117 -19.21 -28.92 -57.21
N LEU E 118 -19.75 -29.34 -56.08
CA LEU E 118 -20.62 -28.50 -55.29
C LEU E 118 -20.02 -28.30 -53.92
N ASP E 119 -20.17 -27.09 -53.40
CA ASP E 119 -19.70 -26.78 -52.06
C ASP E 119 -20.90 -26.37 -51.22
N PHE E 120 -21.25 -27.11 -50.17
CA PHE E 120 -22.33 -26.66 -49.26
C PHE E 120 -21.96 -25.58 -48.28
N ASP E 121 -22.79 -24.57 -48.14
CA ASP E 121 -22.52 -23.44 -47.26
C ASP E 121 -23.72 -23.12 -46.45
N TRP E 122 -24.23 -24.18 -45.84
CA TRP E 122 -25.37 -24.10 -44.95
C TRP E 122 -24.92 -23.50 -43.63
N GLU E 123 -25.49 -22.38 -43.25
CA GLU E 123 -25.10 -21.75 -41.99
C GLU E 123 -26.29 -21.59 -41.08
N TYR E 124 -26.54 -22.52 -40.15
CA TYR E 124 -25.80 -23.79 -40.06
C TYR E 124 -26.79 -24.95 -39.78
N PRO E 125 -26.42 -26.19 -40.10
CA PRO E 125 -27.37 -27.22 -39.63
C PRO E 125 -27.54 -27.10 -38.09
N GLY E 126 -28.79 -27.09 -37.61
CA GLY E 126 -29.03 -27.07 -36.16
C GLY E 126 -28.95 -25.74 -35.47
N SER E 127 -28.73 -24.66 -36.21
CA SER E 127 -28.73 -23.32 -35.62
C SER E 127 -29.58 -22.37 -36.44
N ARG E 128 -29.81 -21.17 -35.94
CA ARG E 128 -30.52 -20.12 -36.71
C ARG E 128 -31.90 -20.51 -37.26
N GLY E 129 -32.66 -21.27 -36.47
CA GLY E 129 -34.01 -21.64 -36.86
C GLY E 129 -34.09 -23.01 -37.52
N SER E 130 -32.94 -23.67 -37.68
CA SER E 130 -32.90 -25.03 -38.21
C SER E 130 -32.96 -26.05 -37.06
N PRO E 131 -33.95 -26.95 -37.08
CA PRO E 131 -34.27 -28.02 -36.10
C PRO E 131 -33.11 -28.95 -35.80
N PRO E 132 -33.16 -29.73 -34.67
CA PRO E 132 -31.99 -30.53 -34.32
C PRO E 132 -31.80 -31.75 -35.20
N GLN E 133 -32.84 -32.21 -35.90
CA GLN E 133 -32.73 -33.35 -36.83
C GLN E 133 -31.88 -33.06 -38.09
N ASP E 134 -31.63 -31.77 -38.35
CA ASP E 134 -30.82 -31.37 -39.50
C ASP E 134 -29.38 -31.80 -39.44
N LYS E 135 -28.82 -31.87 -38.21
CA LYS E 135 -27.47 -32.37 -38.02
C LYS E 135 -27.27 -33.72 -38.69
N HIS E 136 -28.21 -34.64 -38.48
CA HIS E 136 -28.07 -35.97 -39.07
C HIS E 136 -28.56 -35.94 -40.52
N LEU E 137 -29.61 -35.20 -40.80
CA LEU E 137 -30.12 -35.13 -42.20
C LEU E 137 -29.05 -34.51 -43.19
N PHE E 138 -28.32 -33.50 -42.73
CA PHE E 138 -27.19 -32.99 -43.50
C PHE E 138 -26.22 -34.12 -43.83
N THR E 139 -25.88 -34.96 -42.84
CA THR E 139 -25.05 -36.15 -43.16
C THR E 139 -25.70 -37.05 -44.22
N VAL E 140 -27.02 -37.20 -44.18
CA VAL E 140 -27.74 -38.10 -45.10
C VAL E 140 -27.66 -37.50 -46.49
N LEU E 141 -27.93 -36.20 -46.56
CA LEU E 141 -27.73 -35.42 -47.78
C LEU E 141 -26.38 -35.64 -48.39
N VAL E 142 -25.35 -35.36 -47.61
CA VAL E 142 -24.02 -35.41 -48.17
C VAL E 142 -23.66 -36.83 -48.64
N GLN E 143 -23.91 -37.83 -47.79
CA GLN E 143 -23.87 -39.25 -48.25
C GLN E 143 -24.68 -39.52 -49.53
N GLU E 144 -25.93 -39.06 -49.60
CA GLU E 144 -26.73 -39.36 -50.81
C GLU E 144 -26.06 -38.74 -52.06
N MET E 145 -25.60 -37.49 -51.92
CA MET E 145 -24.92 -36.78 -53.01
C MET E 145 -23.62 -37.42 -53.39
N ARG E 146 -22.81 -37.76 -52.42
CA ARG E 146 -21.57 -38.39 -52.80
C ARG E 146 -21.86 -39.69 -53.63
N GLU E 147 -22.91 -40.42 -53.22
CA GLU E 147 -23.23 -41.70 -53.89
C GLU E 147 -23.78 -41.49 -55.31
N ALA E 148 -24.71 -40.54 -55.45
CA ALA E 148 -25.17 -40.09 -56.77
C ALA E 148 -24.01 -39.65 -57.71
N PHE E 149 -23.11 -38.83 -57.20
CA PHE E 149 -21.92 -38.43 -57.95
C PHE E 149 -21.08 -39.62 -58.42
N GLU E 150 -20.86 -40.62 -57.54
CA GLU E 150 -20.13 -41.86 -57.92
C GLU E 150 -20.85 -42.61 -59.07
N GLN E 151 -22.17 -42.70 -58.93
CA GLN E 151 -23.07 -43.38 -59.87
C GLN E 151 -23.14 -42.68 -61.23
N GLU E 152 -23.38 -41.35 -61.22
CA GLU E 152 -23.27 -40.53 -62.43
C GLU E 152 -21.93 -40.70 -63.16
N ALA E 153 -20.84 -40.82 -62.44
CA ALA E 153 -19.55 -40.83 -63.12
C ALA E 153 -19.21 -42.17 -63.72
N LYS E 154 -19.94 -43.20 -63.28
CA LYS E 154 -19.84 -44.53 -63.90
C LYS E 154 -20.53 -44.49 -65.26
N GLN E 155 -21.75 -43.95 -65.27
CA GLN E 155 -22.63 -43.99 -66.44
C GLN E 155 -22.28 -43.02 -67.56
N ILE E 156 -21.39 -42.06 -67.33
CA ILE E 156 -20.88 -41.19 -68.40
C ILE E 156 -19.36 -41.19 -68.47
N ASN E 157 -18.76 -42.01 -67.62
CA ASN E 157 -17.31 -41.99 -67.32
C ASN E 157 -16.49 -40.75 -67.72
N LYS E 158 -16.72 -39.68 -66.97
CA LYS E 158 -15.74 -38.59 -66.78
C LYS E 158 -15.43 -38.72 -65.27
N PRO E 159 -14.28 -38.17 -64.76
CA PRO E 159 -14.16 -38.15 -63.28
C PRO E 159 -15.42 -37.62 -62.54
N ARG E 160 -15.60 -38.09 -61.32
CA ARG E 160 -16.79 -37.78 -60.51
C ARG E 160 -16.79 -36.27 -60.11
N LEU E 161 -17.97 -35.70 -59.88
CA LEU E 161 -18.16 -34.38 -59.35
C LEU E 161 -17.73 -34.41 -57.86
N MET E 162 -17.16 -33.31 -57.34
CA MET E 162 -16.75 -33.23 -55.93
C MET E 162 -17.85 -32.72 -55.07
N VAL E 163 -17.82 -33.09 -53.79
CA VAL E 163 -18.72 -32.45 -52.82
C VAL E 163 -17.89 -31.96 -51.63
N THR E 164 -18.08 -30.69 -51.24
CA THR E 164 -17.31 -30.09 -50.15
C THR E 164 -18.28 -29.28 -49.29
N ALA E 165 -17.79 -28.70 -48.19
CA ALA E 165 -18.67 -27.87 -47.38
C ALA E 165 -17.81 -26.90 -46.63
N ALA E 166 -18.37 -25.72 -46.39
CA ALA E 166 -17.76 -24.71 -45.55
C ALA E 166 -18.43 -24.91 -44.19
N VAL E 167 -17.60 -25.01 -43.14
CA VAL E 167 -18.15 -25.37 -41.83
C VAL E 167 -17.87 -24.38 -40.74
N ALA E 168 -18.73 -24.42 -39.70
CA ALA E 168 -18.63 -23.50 -38.61
C ALA E 168 -17.26 -23.59 -37.87
N ALA E 169 -16.82 -22.45 -37.36
CA ALA E 169 -15.68 -22.39 -36.47
C ALA E 169 -16.08 -22.31 -34.99
N GLY E 170 -17.32 -21.90 -34.74
CA GLY E 170 -17.81 -21.73 -33.36
C GLY E 170 -18.07 -23.10 -32.74
N ILE E 171 -17.51 -23.34 -31.56
CA ILE E 171 -17.54 -24.68 -30.98
C ILE E 171 -19.00 -25.12 -30.75
N SER E 172 -19.83 -24.26 -30.22
CA SER E 172 -21.21 -24.60 -30.08
C SER E 172 -21.94 -24.93 -31.40
N ASN E 173 -21.57 -24.24 -32.49
CA ASN E 173 -22.23 -24.49 -33.75
C ASN E 173 -21.73 -25.78 -34.34
N ILE E 174 -20.47 -26.11 -34.10
CA ILE E 174 -19.91 -27.34 -34.60
C ILE E 174 -20.63 -28.50 -33.89
N GLN E 175 -20.86 -28.38 -32.57
CA GLN E 175 -21.50 -29.47 -31.79
C GLN E 175 -22.94 -29.73 -32.19
N SER E 176 -23.73 -28.68 -32.34
CA SER E 176 -25.11 -28.85 -32.78
C SER E 176 -25.27 -28.95 -34.27
N GLY E 177 -24.16 -28.92 -35.04
CA GLY E 177 -24.24 -28.92 -36.50
C GLY E 177 -23.75 -30.13 -37.27
N TYR E 178 -22.75 -30.85 -36.77
CA TYR E 178 -22.11 -31.84 -37.64
C TYR E 178 -21.80 -33.19 -36.98
N GLU E 179 -22.00 -34.25 -37.74
CA GLU E 179 -21.53 -35.52 -37.32
C GLU E 179 -20.19 -35.70 -37.95
N ILE E 180 -19.19 -35.21 -37.24
CA ILE E 180 -17.91 -35.11 -37.84
C ILE E 180 -17.36 -36.38 -38.40
N PRO E 181 -17.36 -37.49 -37.63
CA PRO E 181 -16.72 -38.66 -38.23
C PRO E 181 -17.46 -39.19 -39.51
N GLN E 182 -18.79 -39.17 -39.47
CA GLN E 182 -19.66 -39.59 -40.60
C GLN E 182 -19.50 -38.62 -41.81
N LEU E 183 -19.88 -37.35 -41.60
CA LEU E 183 -19.72 -36.28 -42.60
C LEU E 183 -18.40 -36.37 -43.30
N SER E 184 -17.34 -36.60 -42.54
CA SER E 184 -16.00 -36.56 -43.07
C SER E 184 -15.66 -37.58 -44.13
N GLN E 185 -16.33 -38.75 -44.11
CA GLN E 185 -16.02 -39.80 -45.11
C GLN E 185 -16.51 -39.43 -46.50
N TYR E 186 -17.65 -38.73 -46.53
CA TYR E 186 -18.34 -38.38 -47.74
C TYR E 186 -17.79 -37.11 -48.42
N LEU E 187 -17.42 -36.11 -47.63
CA LEU E 187 -16.85 -34.86 -48.16
C LEU E 187 -15.49 -35.01 -48.75
N ASP E 188 -15.26 -34.37 -49.89
CA ASP E 188 -13.89 -34.26 -50.39
C ASP E 188 -12.99 -33.32 -49.58
N TYR E 189 -13.54 -32.18 -49.13
CA TYR E 189 -12.75 -31.19 -48.40
C TYR E 189 -13.68 -30.49 -47.44
N ILE E 190 -13.13 -30.07 -46.31
CA ILE E 190 -13.93 -29.39 -45.30
C ILE E 190 -13.28 -28.01 -45.11
N HIS E 191 -14.03 -26.98 -45.45
CA HIS E 191 -13.45 -25.63 -45.50
C HIS E 191 -13.84 -24.99 -44.21
N VAL E 192 -12.93 -24.96 -43.24
CA VAL E 192 -13.31 -24.42 -41.91
C VAL E 192 -13.24 -22.89 -41.92
N MET E 193 -14.35 -22.25 -41.54
CA MET E 193 -14.43 -20.80 -41.56
C MET E 193 -13.77 -20.14 -40.37
N THR E 194 -12.43 -20.21 -40.35
CA THR E 194 -11.67 -19.73 -39.21
C THR E 194 -11.42 -18.25 -39.31
N TYR E 195 -12.48 -17.47 -39.37
CA TYR E 195 -12.38 -16.00 -39.34
C TYR E 195 -13.72 -15.53 -38.79
N ASP E 196 -13.94 -14.22 -38.75
CA ASP E 196 -15.03 -13.63 -37.95
C ASP E 196 -15.00 -14.10 -36.51
N LEU E 197 -13.80 -14.32 -35.96
CA LEU E 197 -13.71 -14.94 -34.64
C LEU E 197 -13.94 -13.89 -33.57
N HIS E 198 -13.69 -12.62 -33.91
CA HIS E 198 -14.03 -11.43 -33.10
C HIS E 198 -14.52 -10.29 -34.03
N GLY E 199 -15.29 -9.38 -33.44
CA GLY E 199 -15.94 -8.28 -34.17
C GLY E 199 -16.58 -7.28 -33.21
N SER E 200 -17.16 -6.22 -33.76
CA SER E 200 -17.64 -5.09 -32.96
C SER E 200 -18.78 -5.52 -32.05
N TRP E 201 -19.55 -6.52 -32.47
CA TRP E 201 -20.63 -7.12 -31.67
C TRP E 201 -20.26 -7.59 -30.25
N GLU E 202 -18.96 -7.79 -29.96
CA GLU E 202 -18.50 -8.15 -28.59
C GLU E 202 -18.31 -6.96 -27.68
N GLY E 203 -18.24 -5.76 -28.23
CA GLY E 203 -18.04 -4.53 -27.38
C GLY E 203 -16.61 -4.18 -27.02
N TYR E 204 -15.65 -4.93 -27.58
CA TYR E 204 -14.21 -4.72 -27.35
C TYR E 204 -13.41 -5.06 -28.63
N THR E 205 -12.24 -4.44 -28.79
CA THR E 205 -11.38 -4.80 -29.90
C THR E 205 -10.93 -6.25 -29.81
N GLY E 206 -10.84 -6.93 -30.95
CA GLY E 206 -10.38 -8.35 -31.02
C GLY E 206 -10.03 -8.65 -32.49
N GLU E 207 -9.25 -9.71 -32.73
CA GLU E 207 -8.76 -10.03 -34.04
C GLU E 207 -9.71 -10.90 -34.85
N ASN E 208 -9.70 -10.71 -36.13
CA ASN E 208 -10.66 -11.40 -36.99
C ASN E 208 -10.28 -12.89 -37.11
N SER E 209 -8.99 -13.15 -37.12
CA SER E 209 -8.51 -14.49 -37.37
C SER E 209 -7.19 -14.73 -36.62
N PRO E 210 -7.20 -14.57 -35.29
CA PRO E 210 -5.93 -14.81 -34.59
C PRO E 210 -5.49 -16.25 -34.66
N LEU E 211 -4.19 -16.49 -34.80
CA LEU E 211 -3.68 -17.86 -34.88
C LEU E 211 -3.84 -18.58 -33.50
N TYR E 212 -3.46 -17.94 -32.40
CA TYR E 212 -3.49 -18.51 -31.05
C TYR E 212 -4.38 -17.63 -30.16
N LYS E 213 -4.77 -18.14 -28.98
CA LYS E 213 -5.54 -17.40 -28.00
C LYS E 213 -4.70 -16.21 -27.53
N TYR E 214 -5.39 -15.17 -27.07
CA TYR E 214 -4.75 -14.05 -26.36
C TYR E 214 -4.43 -14.55 -24.94
N PRO E 215 -3.33 -14.12 -24.30
CA PRO E 215 -2.96 -14.76 -23.00
C PRO E 215 -4.11 -14.69 -21.96
N THR E 216 -4.82 -13.56 -22.01
CA THR E 216 -6.02 -13.25 -21.26
C THR E 216 -7.35 -14.00 -21.61
N ASP E 217 -7.46 -14.65 -22.76
CA ASP E 217 -8.74 -15.29 -23.13
C ASP E 217 -8.99 -16.46 -22.17
N THR E 218 -10.20 -16.63 -21.62
CA THR E 218 -10.46 -17.75 -20.69
C THR E 218 -11.81 -18.35 -21.03
N GLY E 219 -12.09 -19.55 -20.51
CA GLY E 219 -13.39 -20.16 -20.75
C GLY E 219 -13.63 -20.27 -22.27
N SER E 220 -14.84 -20.02 -22.72
CA SER E 220 -15.07 -20.19 -24.18
C SER E 220 -14.40 -19.13 -25.11
N ASN E 221 -13.99 -18.00 -24.56
CA ASN E 221 -13.21 -17.08 -25.38
C ASN E 221 -11.88 -17.64 -25.82
N ALA E 222 -11.39 -18.69 -25.12
CA ALA E 222 -10.09 -19.27 -25.41
C ALA E 222 -10.12 -20.25 -26.57
N TYR E 223 -11.32 -20.46 -27.10
CA TYR E 223 -11.54 -21.29 -28.27
C TYR E 223 -11.59 -20.46 -29.56
N LEU E 224 -11.57 -19.14 -29.44
CA LEU E 224 -11.81 -18.24 -30.62
C LEU E 224 -10.52 -17.94 -31.40
N ASN E 225 -9.92 -18.97 -31.99
CA ASN E 225 -8.60 -18.79 -32.63
C ASN E 225 -8.32 -19.96 -33.50
N VAL E 226 -7.45 -19.80 -34.48
CA VAL E 226 -7.37 -20.84 -35.54
C VAL E 226 -6.83 -22.17 -34.96
N ASP E 227 -5.87 -22.05 -34.08
CA ASP E 227 -5.24 -23.20 -33.50
C ASP E 227 -6.26 -24.07 -32.72
N TYR E 228 -7.06 -23.46 -31.84
CA TYR E 228 -8.06 -24.27 -31.17
C TYR E 228 -9.07 -24.90 -32.11
N VAL E 229 -9.62 -24.11 -33.06
CA VAL E 229 -10.67 -24.63 -33.99
C VAL E 229 -10.17 -25.79 -34.89
N MET E 230 -9.03 -25.63 -35.54
CA MET E 230 -8.57 -26.67 -36.44
C MET E 230 -8.23 -27.98 -35.68
N ASN E 231 -7.56 -27.86 -34.54
CA ASN E 231 -7.26 -29.01 -33.70
C ASN E 231 -8.55 -29.63 -33.19
N TYR E 232 -9.60 -28.85 -32.90
CA TYR E 232 -10.91 -29.41 -32.58
C TYR E 232 -11.55 -30.31 -33.67
N TRP E 233 -11.65 -29.77 -34.89
CA TRP E 233 -12.14 -30.58 -36.02
C TRP E 233 -11.31 -31.88 -36.18
N LYS E 234 -9.99 -31.73 -36.11
CA LYS E 234 -9.12 -32.89 -36.32
C LYS E 234 -9.30 -33.91 -35.18
N ASP E 235 -9.47 -33.43 -33.94
CA ASP E 235 -9.53 -34.31 -32.78
C ASP E 235 -10.89 -34.98 -32.73
N ASN E 236 -11.90 -34.35 -33.28
CA ASN E 236 -13.19 -34.97 -33.23
C ASN E 236 -13.63 -35.76 -34.47
N GLY E 237 -12.69 -36.22 -35.27
CA GLY E 237 -13.08 -37.15 -36.32
C GLY E 237 -12.77 -36.84 -37.78
N ALA E 238 -12.25 -35.63 -38.07
CA ALA E 238 -11.93 -35.22 -39.45
C ALA E 238 -10.50 -35.42 -39.78
N PRO E 239 -10.24 -36.08 -40.92
CA PRO E 239 -8.86 -36.35 -41.25
C PRO E 239 -8.11 -35.06 -41.66
N ALA E 240 -6.92 -34.87 -41.12
CA ALA E 240 -6.25 -33.62 -41.23
C ALA E 240 -6.11 -33.26 -42.73
N GLU E 241 -5.86 -34.27 -43.57
CA GLU E 241 -5.68 -34.05 -45.03
C GLU E 241 -6.91 -33.44 -45.75
N LYS E 242 -8.08 -33.57 -45.14
CA LYS E 242 -9.26 -33.04 -45.74
C LYS E 242 -9.64 -31.69 -45.13
N LEU E 243 -9.00 -31.30 -44.02
CA LEU E 243 -9.36 -30.05 -43.36
C LEU E 243 -8.57 -28.93 -44.07
N ILE E 244 -9.31 -27.93 -44.52
CA ILE E 244 -8.70 -26.76 -45.18
C ILE E 244 -8.88 -25.54 -44.25
N VAL E 245 -7.81 -24.80 -43.95
CA VAL E 245 -7.87 -23.70 -43.01
C VAL E 245 -8.48 -22.43 -43.68
N GLY E 246 -9.41 -21.73 -43.05
CA GLY E 246 -9.89 -20.44 -43.61
C GLY E 246 -8.99 -19.23 -43.37
N PHE E 247 -8.71 -18.47 -44.44
CA PHE E 247 -7.82 -17.24 -44.42
C PHE E 247 -8.67 -16.08 -44.95
N PRO E 248 -8.78 -15.01 -44.18
CA PRO E 248 -9.59 -13.94 -44.73
C PRO E 248 -8.68 -12.84 -45.32
N THR E 249 -9.10 -12.31 -46.45
CA THR E 249 -8.45 -11.16 -47.01
C THR E 249 -9.18 -9.83 -46.63
N TYR E 250 -9.67 -9.77 -45.41
CA TYR E 250 -10.33 -8.57 -44.95
C TYR E 250 -10.11 -8.49 -43.43
N GLY E 251 -10.38 -7.35 -42.79
CA GLY E 251 -10.39 -7.28 -41.34
C GLY E 251 -11.71 -6.72 -40.84
N HIS E 252 -11.90 -6.78 -39.53
CA HIS E 252 -13.05 -6.16 -38.85
C HIS E 252 -12.60 -4.87 -38.20
N ASN E 253 -13.44 -3.84 -38.34
CA ASN E 253 -13.06 -2.56 -37.79
C ASN E 253 -14.07 -2.09 -36.74
N PHE E 254 -13.66 -1.15 -35.87
CA PHE E 254 -14.40 -0.85 -34.64
C PHE E 254 -14.29 0.66 -34.37
N ILE E 255 -15.24 1.24 -33.66
CA ILE E 255 -15.00 2.59 -33.09
C ILE E 255 -14.49 2.38 -31.63
N LEU E 256 -13.31 2.88 -31.30
CA LEU E 256 -12.84 2.88 -29.91
C LEU E 256 -13.75 3.75 -29.01
N SER E 257 -14.08 3.29 -27.79
CA SER E 257 -14.80 4.16 -26.83
C SER E 257 -13.90 5.31 -26.36
N ASN E 258 -12.60 5.07 -26.30
CA ASN E 258 -11.60 6.06 -25.92
C ASN E 258 -10.38 5.99 -26.80
N PRO E 259 -10.17 7.01 -27.61
CA PRO E 259 -9.01 7.06 -28.47
C PRO E 259 -7.67 6.71 -27.81
N SER E 260 -7.58 6.86 -26.48
CA SER E 260 -6.31 6.62 -25.74
C SER E 260 -6.04 5.13 -25.44
N ASN E 261 -7.07 4.30 -25.55
CA ASN E 261 -6.92 2.86 -25.34
C ASN E 261 -7.07 2.08 -26.64
N THR E 262 -5.94 1.69 -27.19
CA THR E 262 -5.88 1.11 -28.51
C THR E 262 -5.38 -0.34 -28.51
N GLY E 263 -5.36 -1.00 -27.35
CA GLY E 263 -4.93 -2.38 -27.31
C GLY E 263 -5.97 -3.41 -27.71
N ILE E 264 -5.55 -4.67 -27.64
CA ILE E 264 -6.49 -5.74 -27.76
C ILE E 264 -7.40 -5.65 -26.50
N GLY E 265 -8.70 -5.86 -26.65
CA GLY E 265 -9.65 -5.85 -25.54
C GLY E 265 -10.01 -4.42 -25.10
N ALA E 266 -9.61 -3.41 -25.87
CA ALA E 266 -10.08 -2.03 -25.61
C ALA E 266 -11.57 -1.88 -25.90
N PRO E 267 -12.27 -1.12 -25.05
CA PRO E 267 -13.74 -1.00 -25.23
C PRO E 267 -14.14 -0.27 -26.53
N THR E 268 -15.21 -0.70 -27.15
CA THR E 268 -15.61 -0.09 -28.43
C THR E 268 -17.12 0.24 -28.38
N SER E 269 -17.56 1.22 -29.20
CA SER E 269 -19.00 1.67 -29.25
C SER E 269 -19.82 1.21 -30.44
N GLY E 270 -19.14 0.56 -31.40
CA GLY E 270 -19.80 -0.14 -32.47
C GLY E 270 -18.82 -0.43 -33.61
N ALA E 271 -19.40 -0.83 -34.72
CA ALA E 271 -18.69 -1.17 -35.90
C ALA E 271 -17.97 0.06 -36.47
N GLY E 272 -16.80 -0.13 -37.05
CA GLY E 272 -16.15 0.92 -37.79
C GLY E 272 -16.87 1.24 -39.09
N PRO E 273 -16.40 2.26 -39.79
CA PRO E 273 -17.06 2.81 -41.01
C PRO E 273 -16.96 1.85 -42.17
N ALA E 274 -18.01 1.80 -42.98
CA ALA E 274 -18.01 1.01 -44.22
C ALA E 274 -16.89 1.50 -45.12
N GLY E 275 -16.13 0.59 -45.73
CA GLY E 275 -15.06 1.04 -46.66
C GLY E 275 -15.71 1.61 -47.97
N PRO E 276 -14.95 2.38 -48.77
CA PRO E 276 -15.60 2.99 -49.93
C PRO E 276 -15.91 2.09 -51.06
N TYR E 277 -15.29 0.93 -51.14
CA TYR E 277 -15.51 0.09 -52.30
C TYR E 277 -16.43 -1.04 -51.92
N ALA E 278 -16.12 -1.76 -50.83
CA ALA E 278 -16.95 -2.89 -50.46
C ALA E 278 -18.22 -2.41 -49.72
N LYS E 279 -18.13 -1.24 -49.09
CA LYS E 279 -19.24 -0.62 -48.34
C LYS E 279 -19.90 -1.56 -47.35
N GLU E 280 -19.07 -2.29 -46.59
CA GLU E 280 -19.65 -3.19 -45.59
C GLU E 280 -19.21 -2.63 -44.24
N SER E 281 -20.20 -2.31 -43.46
CA SER E 281 -20.02 -1.72 -42.16
C SER E 281 -19.28 -2.71 -41.24
N GLY E 282 -18.25 -2.28 -40.51
CA GLY E 282 -17.45 -3.23 -39.71
C GLY E 282 -16.47 -4.18 -40.44
N ILE E 283 -16.40 -4.09 -41.77
CA ILE E 283 -15.43 -4.85 -42.60
C ILE E 283 -14.68 -3.92 -43.55
N TRP E 284 -13.36 -4.10 -43.59
CA TRP E 284 -12.58 -3.52 -44.64
C TRP E 284 -11.89 -4.59 -45.45
N ALA E 285 -11.98 -4.51 -46.76
CA ALA E 285 -11.17 -5.35 -47.64
C ALA E 285 -9.65 -5.09 -47.36
N TYR E 286 -8.79 -6.07 -47.59
CA TYR E 286 -7.37 -5.83 -47.36
C TYR E 286 -6.96 -4.53 -48.09
N TYR E 287 -7.43 -4.34 -49.33
CA TYR E 287 -6.95 -3.14 -50.09
C TYR E 287 -7.48 -1.85 -49.53
N GLU E 288 -8.64 -1.88 -48.82
CA GLU E 288 -9.18 -0.72 -48.12
C GLU E 288 -8.32 -0.49 -46.89
N ILE E 289 -7.85 -1.57 -46.27
CA ILE E 289 -6.97 -1.40 -45.08
C ILE E 289 -5.65 -0.71 -45.47
N CYS E 290 -5.15 -1.09 -46.62
CA CYS E 290 -3.90 -0.51 -47.06
C CYS E 290 -4.01 1.00 -47.24
N THR E 291 -5.17 1.48 -47.68
CA THR E 291 -5.35 2.92 -47.84
C THR E 291 -5.30 3.55 -46.48
N PHE E 292 -6.01 2.96 -45.52
CA PHE E 292 -5.96 3.39 -44.12
C PHE E 292 -4.48 3.44 -43.61
N LEU E 293 -3.65 2.45 -43.92
CA LEU E 293 -2.28 2.50 -43.45
C LEU E 293 -1.40 3.57 -44.15
N LYS E 294 -1.66 3.81 -45.43
CA LYS E 294 -0.85 4.66 -46.21
C LYS E 294 -1.06 6.15 -45.83
N ASN E 295 -2.29 6.51 -45.43
CA ASN E 295 -2.61 7.84 -44.88
C ASN E 295 -2.18 8.01 -43.38
N GLY E 296 -1.33 7.11 -42.86
CA GLY E 296 -0.73 7.28 -41.55
C GLY E 296 -1.46 6.73 -40.32
N ALA E 297 -2.30 5.70 -40.46
CA ALA E 297 -2.72 4.94 -39.28
C ALA E 297 -1.52 4.30 -38.55
N THR E 298 -1.61 4.20 -37.25
CA THR E 298 -0.55 3.59 -36.45
C THR E 298 -0.72 2.08 -36.55
N GLN E 299 0.36 1.37 -36.92
CA GLN E 299 0.36 -0.07 -37.02
C GLN E 299 0.72 -0.68 -35.68
N GLY E 300 0.05 -1.76 -35.29
CA GLY E 300 0.45 -2.56 -34.16
C GLY E 300 0.58 -4.02 -34.60
N TRP E 301 1.20 -4.82 -33.72
CA TRP E 301 1.31 -6.24 -33.91
C TRP E 301 0.82 -6.94 -32.59
N ASP E 302 -0.19 -7.80 -32.70
CA ASP E 302 -0.71 -8.54 -31.59
C ASP E 302 0.21 -9.77 -31.50
N ALA E 303 1.29 -9.65 -30.75
CA ALA E 303 2.36 -10.68 -30.77
C ALA E 303 1.90 -12.09 -30.36
N PRO E 304 1.09 -12.20 -29.28
CA PRO E 304 0.69 -13.55 -28.89
C PRO E 304 -0.13 -14.21 -30.00
N GLN E 305 -0.89 -13.42 -30.74
CA GLN E 305 -1.83 -13.97 -31.70
C GLN E 305 -1.32 -14.04 -33.11
N GLU E 306 -0.18 -13.41 -33.33
CA GLU E 306 0.54 -13.44 -34.61
C GLU E 306 -0.24 -12.73 -35.75
N VAL E 307 -0.86 -11.60 -35.45
CA VAL E 307 -1.66 -10.86 -36.45
C VAL E 307 -1.58 -9.35 -36.22
N PRO E 308 -1.67 -8.56 -37.28
CA PRO E 308 -1.48 -7.11 -37.16
C PRO E 308 -2.77 -6.45 -36.69
N TYR E 309 -2.68 -5.24 -36.15
CA TYR E 309 -3.86 -4.39 -36.07
C TYR E 309 -3.41 -2.98 -36.41
N ALA E 310 -4.36 -2.06 -36.64
CA ALA E 310 -4.00 -0.66 -36.90
C ALA E 310 -5.06 0.29 -36.36
N TYR E 311 -4.69 1.52 -36.01
CA TYR E 311 -5.71 2.44 -35.50
C TYR E 311 -5.38 3.87 -35.85
N GLN E 312 -6.42 4.69 -35.87
CA GLN E 312 -6.25 6.15 -36.15
C GLN E 312 -7.46 6.89 -35.61
N GLY E 313 -7.23 7.86 -34.72
CA GLY E 313 -8.36 8.61 -34.11
C GLY E 313 -9.16 7.54 -33.41
N ASN E 314 -10.45 7.43 -33.68
CA ASN E 314 -11.21 6.45 -32.93
C ASN E 314 -11.56 5.16 -33.75
N VAL E 315 -10.77 4.89 -34.77
CA VAL E 315 -11.04 3.76 -35.64
C VAL E 315 -9.91 2.73 -35.46
N TRP E 316 -10.33 1.48 -35.26
CA TRP E 316 -9.40 0.40 -34.97
C TRP E 316 -9.76 -0.72 -35.88
N VAL E 317 -8.76 -1.34 -36.47
CA VAL E 317 -9.03 -2.47 -37.35
C VAL E 317 -8.14 -3.68 -37.00
N GLY E 318 -8.71 -4.89 -36.93
CA GLY E 318 -7.90 -6.10 -36.71
C GLY E 318 -7.96 -6.92 -37.98
N TYR E 319 -6.80 -7.31 -38.54
CA TYR E 319 -6.83 -7.92 -39.91
C TYR E 319 -5.73 -8.93 -40.09
N ASP E 320 -5.44 -9.27 -41.34
CA ASP E 320 -4.33 -10.16 -41.73
C ASP E 320 -3.43 -9.53 -42.82
N ASN E 321 -2.12 -9.74 -42.73
CA ASN E 321 -1.27 -9.14 -43.69
C ASN E 321 -0.37 -10.27 -44.24
N ILE E 322 0.65 -9.93 -44.96
CA ILE E 322 1.54 -10.97 -45.57
C ILE E 322 2.23 -11.81 -44.48
N LYS E 323 2.73 -11.11 -43.46
CA LYS E 323 3.46 -11.76 -42.36
C LYS E 323 2.52 -12.72 -41.67
N SER E 324 1.27 -12.32 -41.44
CA SER E 324 0.39 -13.19 -40.70
C SER E 324 -0.06 -14.37 -41.59
N PHE E 325 -0.29 -14.14 -42.87
CA PHE E 325 -0.57 -15.24 -43.80
C PHE E 325 0.60 -16.22 -43.84
N ASP E 326 1.82 -15.68 -43.87
CA ASP E 326 2.98 -16.58 -43.95
C ASP E 326 3.15 -17.37 -42.61
N ILE E 327 2.97 -16.72 -41.47
CA ILE E 327 3.09 -17.45 -40.21
C ILE E 327 2.04 -18.56 -40.17
N LYS E 328 0.79 -18.25 -40.55
CA LYS E 328 -0.29 -19.27 -40.51
C LYS E 328 -0.07 -20.39 -41.51
N ALA E 329 0.49 -20.05 -42.67
CA ALA E 329 0.81 -21.11 -43.64
C ALA E 329 1.92 -22.07 -43.10
N GLN E 330 2.98 -21.60 -42.41
CA GLN E 330 3.99 -22.52 -41.83
C GLN E 330 3.31 -23.42 -40.80
N TRP E 331 2.42 -22.82 -40.02
CA TRP E 331 1.77 -23.56 -38.99
C TRP E 331 0.89 -24.66 -39.62
N LEU E 332 0.17 -24.35 -40.71
CA LEU E 332 -0.74 -25.37 -41.21
C LEU E 332 0.03 -26.51 -41.88
N LYS E 333 1.19 -26.19 -42.48
CA LYS E 333 1.99 -27.25 -43.08
C LYS E 333 2.54 -28.15 -41.97
N HIS E 334 3.12 -27.55 -40.93
CA HIS E 334 3.62 -28.31 -39.81
C HIS E 334 2.54 -29.22 -39.15
N ASN E 335 1.30 -28.76 -39.08
CA ASN E 335 0.20 -29.56 -38.61
C ASN E 335 -0.43 -30.51 -39.68
N LYS E 336 0.14 -30.51 -40.92
CA LYS E 336 -0.29 -31.43 -41.99
C LYS E 336 -1.75 -31.30 -42.37
N PHE E 337 -2.30 -30.07 -42.28
CA PHE E 337 -3.67 -29.86 -42.80
C PHE E 337 -3.68 -29.98 -44.34
N GLY E 338 -4.85 -30.08 -44.97
CA GLY E 338 -4.85 -30.23 -46.42
C GLY E 338 -4.48 -29.00 -47.28
N GLY E 339 -4.62 -27.78 -46.73
CA GLY E 339 -4.30 -26.56 -47.49
C GLY E 339 -5.06 -25.38 -46.93
N ALA E 340 -5.26 -24.37 -47.76
CA ALA E 340 -5.81 -23.08 -47.25
C ALA E 340 -6.96 -22.74 -48.12
N MET E 341 -8.01 -22.15 -47.56
CA MET E 341 -9.15 -21.65 -48.31
C MET E 341 -9.19 -20.13 -48.05
N VAL E 342 -9.51 -19.32 -49.05
CA VAL E 342 -9.49 -17.83 -48.89
C VAL E 342 -10.82 -17.17 -49.15
N TRP E 343 -11.34 -16.43 -48.17
CA TRP E 343 -12.50 -15.61 -48.46
C TRP E 343 -12.07 -14.13 -48.40
N ALA E 344 -12.03 -13.42 -49.55
CA ALA E 344 -12.40 -13.85 -50.91
C ALA E 344 -11.40 -13.20 -51.86
N ILE E 345 -11.32 -13.75 -53.07
CA ILE E 345 -10.30 -13.33 -53.99
C ILE E 345 -10.50 -11.85 -54.36
N ASP E 346 -11.74 -11.37 -54.24
CA ASP E 346 -12.06 -10.00 -54.61
C ASP E 346 -11.81 -9.01 -53.52
N LEU E 347 -11.34 -9.46 -52.36
CA LEU E 347 -10.99 -8.53 -51.29
C LEU E 347 -9.49 -8.34 -51.15
N ASP E 348 -8.69 -9.21 -51.77
CA ASP E 348 -7.23 -9.06 -51.78
C ASP E 348 -6.89 -7.83 -52.70
N ASP E 349 -5.65 -7.35 -52.73
CA ASP E 349 -5.34 -6.22 -53.61
C ASP E 349 -5.09 -6.76 -55.04
N PHE E 350 -6.18 -7.15 -55.71
CA PHE E 350 -6.05 -7.78 -57.00
C PHE E 350 -5.51 -6.85 -58.09
N THR E 351 -5.73 -5.55 -57.96
CA THR E 351 -5.18 -4.67 -59.02
C THR E 351 -3.72 -4.34 -58.74
N GLY E 352 -3.24 -4.56 -57.52
CA GLY E 352 -1.88 -4.18 -57.19
C GLY E 352 -1.71 -2.68 -56.88
N THR E 353 -2.77 -1.87 -57.02
CA THR E 353 -2.67 -0.39 -56.90
C THR E 353 -2.85 0.16 -55.49
N PHE E 354 -3.30 -0.65 -54.51
CA PHE E 354 -3.57 -0.08 -53.17
C PHE E 354 -2.44 -0.31 -52.14
N CYS E 355 -1.73 -1.42 -52.28
CA CYS E 355 -0.82 -1.90 -51.20
C CYS E 355 0.63 -1.81 -51.58
N ASN E 356 0.91 -1.67 -52.86
CA ASN E 356 2.30 -1.64 -53.38
C ASN E 356 3.00 -2.96 -53.03
N GLN E 357 2.26 -4.06 -53.09
CA GLN E 357 2.86 -5.34 -52.81
C GLN E 357 2.66 -6.29 -53.97
N GLY E 358 2.43 -5.75 -55.18
CA GLY E 358 2.15 -6.60 -56.38
C GLY E 358 0.69 -7.06 -56.41
N LYS E 359 0.35 -7.92 -57.35
CA LYS E 359 -1.05 -8.37 -57.53
C LYS E 359 -1.42 -9.46 -56.50
N PHE E 360 -2.63 -9.44 -55.94
CA PHE E 360 -3.05 -10.46 -54.97
C PHE E 360 -1.98 -10.75 -53.96
N PRO E 361 -1.47 -9.72 -53.27
CA PRO E 361 -0.39 -10.00 -52.33
C PRO E 361 -0.68 -11.06 -51.27
N LEU E 362 -1.89 -11.07 -50.73
CA LEU E 362 -2.17 -12.01 -49.66
C LEU E 362 -2.19 -13.43 -50.24
N ILE E 363 -2.93 -13.62 -51.32
CA ILE E 363 -3.09 -14.98 -51.86
C ILE E 363 -1.79 -15.51 -52.51
N SER E 364 -1.03 -14.62 -53.14
CA SER E 364 0.28 -14.98 -53.67
C SER E 364 1.20 -15.40 -52.56
N THR E 365 1.00 -14.89 -51.34
CA THR E 365 1.83 -15.32 -50.20
C THR E 365 1.57 -16.77 -49.94
N LEU E 366 0.32 -17.17 -50.09
CA LEU E 366 -0.08 -18.53 -49.79
C LEU E 366 0.36 -19.48 -50.90
N LYS E 367 0.20 -19.06 -52.16
CA LYS E 367 0.79 -19.78 -53.24
C LYS E 367 2.26 -20.12 -52.97
N LYS E 368 3.09 -19.14 -52.60
CA LYS E 368 4.49 -19.41 -52.39
C LYS E 368 4.70 -20.38 -51.20
N ALA E 369 4.07 -20.05 -50.08
CA ALA E 369 4.31 -20.75 -48.82
C ALA E 369 3.87 -22.21 -48.85
N LEU E 370 2.85 -22.49 -49.64
CA LEU E 370 2.32 -23.79 -49.78
C LEU E 370 3.04 -24.64 -50.83
N GLY E 371 4.21 -24.24 -51.31
CA GLY E 371 4.86 -25.07 -52.33
C GLY E 371 4.18 -25.08 -53.71
N LEU E 372 3.29 -24.12 -54.00
CA LEU E 372 2.60 -24.11 -55.30
C LEU E 372 3.21 -23.19 -56.39
N GLN E 373 4.40 -22.64 -56.13
CA GLN E 373 5.10 -21.86 -57.14
C GLN E 373 5.27 -22.76 -58.39
N SER E 374 5.64 -24.02 -58.17
CA SER E 374 5.89 -24.99 -59.26
C SER E 374 4.62 -25.60 -59.92
N ALA E 375 3.41 -25.19 -59.53
CA ALA E 375 2.22 -25.91 -60.03
C ALA E 375 2.01 -25.59 -61.49
N SER E 376 1.50 -26.56 -62.26
CA SER E 376 1.35 -26.39 -63.72
C SER E 376 0.26 -25.31 -63.96
N CYS E 377 0.53 -24.45 -64.95
CA CYS E 377 -0.53 -23.60 -65.51
C CYS E 377 -0.58 -23.68 -67.06
N THR E 378 -1.21 -24.73 -67.59
CA THR E 378 -1.15 -25.00 -69.05
C THR E 378 -2.47 -25.51 -69.56
N ALA E 379 -2.80 -25.02 -70.74
CA ALA E 379 -4.03 -25.28 -71.43
C ALA E 379 -4.17 -26.76 -71.82
N PRO E 380 -5.42 -27.22 -72.10
CA PRO E 380 -5.54 -28.49 -72.88
C PRO E 380 -4.92 -28.34 -74.28
N ALA F 4 -22.98 -25.30 30.82
CA ALA F 4 -22.23 -25.11 32.12
C ALA F 4 -20.70 -24.85 31.88
N TYR F 5 -20.09 -25.49 30.88
CA TYR F 5 -18.68 -25.17 30.53
C TYR F 5 -18.52 -24.63 29.11
N GLN F 6 -17.63 -23.65 28.95
CA GLN F 6 -17.29 -23.10 27.62
C GLN F 6 -16.07 -23.79 27.04
N LEU F 7 -16.04 -23.95 25.70
CA LEU F 7 -14.81 -24.39 24.97
C LEU F 7 -14.46 -23.34 23.93
N THR F 8 -13.47 -22.53 24.26
CA THR F 8 -13.09 -21.38 23.50
C THR F 8 -11.80 -21.68 22.70
N CYS F 9 -11.83 -21.51 21.39
CA CYS F 9 -10.68 -21.90 20.54
C CYS F 9 -10.18 -20.69 19.73
N TYR F 10 -8.91 -20.35 19.84
CA TYR F 10 -8.31 -19.37 18.90
C TYR F 10 -8.01 -19.88 17.50
N PHE F 11 -8.34 -19.07 16.50
CA PHE F 11 -7.94 -19.20 15.10
C PHE F 11 -6.88 -18.13 14.79
N THR F 12 -5.80 -18.45 14.06
CA THR F 12 -4.80 -17.41 13.74
C THR F 12 -4.84 -17.11 12.25
N ASN F 13 -4.76 -15.82 11.89
CA ASN F 13 -4.89 -15.44 10.48
C ASN F 13 -3.56 -15.56 9.70
N TRP F 14 -2.48 -16.06 10.31
CA TRP F 14 -1.29 -16.31 9.55
C TRP F 14 -1.16 -17.81 9.26
N ALA F 15 -2.02 -18.65 9.88
CA ALA F 15 -2.09 -20.12 9.55
C ALA F 15 -2.37 -20.37 8.07
N GLN F 16 -2.99 -19.40 7.38
CA GLN F 16 -3.27 -19.53 5.93
C GLN F 16 -1.99 -19.64 5.09
N TYR F 17 -0.85 -19.21 5.63
CA TYR F 17 0.41 -19.15 4.80
C TYR F 17 1.24 -20.43 4.90
N ARG F 18 0.78 -21.38 5.73
CA ARG F 18 1.55 -22.61 5.96
C ARG F 18 1.43 -23.47 4.71
N PRO F 19 2.50 -24.20 4.36
CA PRO F 19 2.46 -25.02 3.14
C PRO F 19 1.64 -26.29 3.23
N GLY F 20 1.20 -26.80 2.09
CA GLY F 20 0.62 -28.11 2.05
C GLY F 20 -0.53 -28.35 3.03
N LEU F 21 -0.53 -29.54 3.67
CA LEU F 21 -1.50 -29.86 4.73
C LEU F 21 -1.55 -28.88 5.92
N GLY F 22 -0.54 -28.04 6.09
CA GLY F 22 -0.57 -27.05 7.20
C GLY F 22 -1.52 -25.87 7.01
N ARG F 23 -1.84 -25.52 5.75
CA ARG F 23 -2.66 -24.34 5.46
C ARG F 23 -3.98 -24.49 6.16
N PHE F 24 -4.41 -23.51 6.92
CA PHE F 24 -5.62 -23.63 7.68
C PHE F 24 -6.41 -22.33 7.49
N MET F 25 -7.65 -22.50 7.04
CA MET F 25 -8.53 -21.38 6.71
C MET F 25 -9.75 -21.53 7.57
N PRO F 26 -10.54 -20.44 7.71
CA PRO F 26 -11.78 -20.56 8.51
C PRO F 26 -12.65 -21.72 8.07
N ASP F 27 -12.63 -22.06 6.80
CA ASP F 27 -13.40 -23.22 6.33
C ASP F 27 -13.03 -24.58 6.98
N ASP F 28 -11.88 -24.63 7.67
CA ASP F 28 -11.37 -25.90 8.18
C ASP F 28 -11.84 -26.04 9.63
N ILE F 29 -12.49 -24.99 10.14
CA ILE F 29 -13.14 -25.02 11.45
C ILE F 29 -14.42 -25.86 11.40
N ASN F 30 -14.53 -26.82 12.31
CA ASN F 30 -15.80 -27.53 12.49
C ASN F 30 -16.69 -26.64 13.39
N PRO F 31 -17.81 -26.18 12.84
CA PRO F 31 -18.66 -25.27 13.58
C PRO F 31 -19.31 -25.84 14.89
N CYS F 32 -19.29 -27.17 15.11
CA CYS F 32 -19.85 -27.77 16.33
C CYS F 32 -18.78 -28.05 17.34
N LEU F 33 -17.52 -27.76 17.01
CA LEU F 33 -16.43 -28.19 17.86
C LEU F 33 -16.23 -27.30 19.07
N CYS F 34 -16.24 -25.98 18.89
CA CYS F 34 -16.10 -25.07 20.04
C CYS F 34 -17.41 -24.31 20.34
N THR F 35 -17.47 -23.63 21.48
CA THR F 35 -18.65 -22.85 21.82
C THR F 35 -18.34 -21.39 21.47
N HIS F 36 -17.04 -21.03 21.57
CA HIS F 36 -16.54 -19.70 21.18
C HIS F 36 -15.33 -19.88 20.26
N LEU F 37 -15.26 -19.09 19.19
CA LEU F 37 -14.06 -18.96 18.35
C LEU F 37 -13.53 -17.53 18.44
N ILE F 38 -12.24 -17.40 18.71
CA ILE F 38 -11.60 -16.12 18.74
C ILE F 38 -10.65 -15.92 17.56
N TYR F 39 -10.86 -14.83 16.84
CA TYR F 39 -10.02 -14.47 15.69
C TYR F 39 -8.81 -13.64 16.10
N ALA F 40 -7.63 -14.24 16.02
CA ALA F 40 -6.35 -13.62 16.27
C ALA F 40 -5.72 -13.21 14.93
N PHE F 41 -5.46 -11.93 14.65
CA PHE F 41 -5.60 -10.76 15.51
C PHE F 41 -6.11 -9.61 14.64
N ALA F 42 -6.80 -8.65 15.26
CA ALA F 42 -7.03 -7.31 14.66
C ALA F 42 -5.89 -6.44 15.18
N GLY F 43 -5.62 -5.31 14.51
CA GLY F 43 -4.60 -4.38 14.98
C GLY F 43 -5.23 -3.01 15.32
N MET F 44 -4.40 -1.97 15.23
CA MET F 44 -4.83 -0.63 15.63
C MET F 44 -4.14 0.46 14.81
N GLN F 45 -4.89 1.30 14.12
CA GLN F 45 -4.30 2.54 13.54
C GLN F 45 -5.01 3.84 14.07
N ASN F 46 -4.24 4.80 14.59
CA ASN F 46 -4.80 6.06 15.16
C ASN F 46 -5.98 5.79 16.09
N ASN F 47 -5.72 4.95 17.11
CA ASN F 47 -6.68 4.59 18.15
C ASN F 47 -7.98 3.95 17.65
N GLU F 48 -7.97 3.44 16.43
CA GLU F 48 -9.11 2.71 15.90
C GLU F 48 -8.74 1.22 15.56
N ILE F 49 -9.70 0.33 15.74
CA ILE F 49 -9.45 -1.06 15.49
C ILE F 49 -9.38 -1.24 13.94
N THR F 50 -8.52 -2.15 13.51
CA THR F 50 -8.26 -2.36 12.10
C THR F 50 -7.81 -3.78 11.80
N THR F 51 -7.94 -4.20 10.53
CA THR F 51 -7.47 -5.49 10.06
C THR F 51 -5.96 -5.48 10.04
N ILE F 52 -5.32 -6.66 9.89
CA ILE F 52 -3.86 -6.67 9.63
C ILE F 52 -3.37 -7.43 8.39
N GLU F 53 -4.13 -8.42 7.91
CA GLU F 53 -3.83 -9.12 6.69
C GLU F 53 -4.74 -8.60 5.58
N TRP F 54 -4.21 -8.65 4.37
CA TRP F 54 -4.85 -8.12 3.19
C TRP F 54 -6.26 -8.72 3.01
N ASN F 55 -6.46 -9.99 3.40
CA ASN F 55 -7.74 -10.67 3.19
C ASN F 55 -8.55 -10.83 4.40
N ASP F 56 -8.21 -10.11 5.46
CA ASP F 56 -8.99 -10.26 6.67
C ASP F 56 -10.52 -10.15 6.43
N VAL F 57 -10.98 -9.23 5.58
CA VAL F 57 -12.41 -9.02 5.48
C VAL F 57 -13.07 -10.28 4.93
N THR F 58 -12.50 -10.82 3.84
CA THR F 58 -12.92 -12.14 3.37
C THR F 58 -12.92 -13.23 4.46
N LEU F 59 -11.82 -13.32 5.21
CA LEU F 59 -11.73 -14.31 6.27
C LEU F 59 -12.81 -14.09 7.35
N TYR F 60 -13.09 -12.83 7.68
CA TYR F 60 -14.11 -12.51 8.70
C TYR F 60 -15.49 -13.07 8.33
N GLN F 61 -15.83 -12.97 7.04
CA GLN F 61 -17.12 -13.41 6.55
C GLN F 61 -17.24 -14.89 6.64
N ALA F 62 -16.16 -15.56 6.21
CA ALA F 62 -16.11 -17.03 6.24
C ALA F 62 -16.15 -17.50 7.70
N PHE F 63 -15.41 -16.80 8.54
CA PHE F 63 -15.27 -17.15 9.94
C PHE F 63 -16.64 -16.95 10.63
N ASN F 64 -17.30 -15.79 10.43
CA ASN F 64 -18.54 -15.54 11.13
C ASN F 64 -19.70 -16.20 10.40
N GLY F 65 -19.47 -16.57 9.14
CA GLY F 65 -20.44 -17.37 8.39
C GLY F 65 -20.60 -18.78 8.95
N LEU F 66 -19.74 -19.18 9.90
CA LEU F 66 -19.85 -20.51 10.47
C LEU F 66 -21.07 -20.55 11.40
N LYS F 67 -21.53 -19.38 11.85
CA LYS F 67 -22.76 -19.28 12.62
C LYS F 67 -24.05 -19.66 11.84
N ASN F 68 -24.00 -19.66 10.51
CA ASN F 68 -25.11 -20.20 9.72
C ASN F 68 -25.26 -21.74 9.90
N LYS F 69 -24.25 -22.38 10.48
CA LYS F 69 -24.30 -23.80 10.77
C LYS F 69 -24.45 -24.12 12.23
N ASN F 70 -24.03 -23.22 13.11
CA ASN F 70 -24.29 -23.41 14.54
C ASN F 70 -24.79 -22.13 15.20
N SER F 71 -26.12 -22.01 15.24
CA SER F 71 -26.83 -20.85 15.80
C SER F 71 -26.37 -20.45 17.20
N GLN F 72 -25.78 -21.39 17.97
CA GLN F 72 -25.28 -21.10 19.35
C GLN F 72 -23.85 -20.54 19.39
N LEU F 73 -23.06 -20.88 18.36
CA LEU F 73 -21.65 -20.48 18.24
C LEU F 73 -21.48 -18.96 18.44
N LYS F 74 -20.58 -18.54 19.30
CA LYS F 74 -20.26 -17.12 19.48
C LYS F 74 -18.84 -16.84 18.95
N THR F 75 -18.62 -15.69 18.31
CA THR F 75 -17.31 -15.30 17.76
C THR F 75 -16.77 -14.00 18.36
N LEU F 76 -15.47 -13.97 18.69
CA LEU F 76 -14.82 -12.78 19.20
C LEU F 76 -13.63 -12.46 18.29
N LEU F 77 -13.27 -11.19 18.21
CA LEU F 77 -12.08 -10.70 17.51
C LEU F 77 -11.12 -10.34 18.58
N ALA F 78 -9.92 -10.88 18.51
CA ALA F 78 -8.90 -10.57 19.51
C ALA F 78 -8.06 -9.44 18.97
N ILE F 79 -7.58 -8.57 19.85
CA ILE F 79 -6.75 -7.49 19.35
C ILE F 79 -5.48 -7.49 20.17
N GLY F 80 -4.32 -7.28 19.53
CA GLY F 80 -3.07 -7.33 20.30
C GLY F 80 -2.21 -8.54 19.91
N GLY F 81 -1.77 -9.27 20.93
CA GLY F 81 -0.91 -10.42 20.78
C GLY F 81 0.51 -10.05 21.12
N TRP F 82 1.40 -11.02 21.17
CA TRP F 82 2.78 -10.76 21.58
C TRP F 82 3.54 -9.81 20.66
N ASN F 83 3.47 -10.05 19.34
CA ASN F 83 4.22 -9.24 18.41
C ASN F 83 3.81 -7.78 18.50
N PHE F 84 2.50 -7.57 18.70
CA PHE F 84 1.85 -6.27 18.66
C PHE F 84 2.47 -5.34 19.69
N GLY F 85 2.97 -5.89 20.79
CA GLY F 85 3.64 -5.08 21.79
C GLY F 85 2.67 -4.24 22.66
N THR F 86 3.20 -3.23 23.35
CA THR F 86 2.40 -2.45 24.32
C THR F 86 2.08 -1.02 23.91
N ALA F 87 2.96 -0.44 23.07
CA ALA F 87 2.93 1.01 22.72
C ALA F 87 1.55 1.51 22.25
N PRO F 88 0.95 0.88 21.24
CA PRO F 88 -0.36 1.41 20.87
C PRO F 88 -1.42 1.33 21.96
N PHE F 89 -1.37 0.29 22.80
CA PHE F 89 -2.34 0.17 23.88
C PHE F 89 -2.18 1.39 24.82
N THR F 90 -0.96 1.65 25.30
CA THR F 90 -0.59 2.78 26.17
C THR F 90 -1.10 4.13 25.71
N ALA F 91 -0.65 4.54 24.53
CA ALA F 91 -1.15 5.71 23.89
C ALA F 91 -2.70 5.72 23.86
N MET F 92 -3.34 4.59 23.57
CA MET F 92 -4.81 4.58 23.43
C MET F 92 -5.59 4.75 24.75
N VAL F 93 -5.05 4.22 25.84
CA VAL F 93 -5.81 4.22 27.09
C VAL F 93 -5.56 5.51 27.85
N SER F 94 -4.55 6.26 27.43
CA SER F 94 -4.01 7.40 28.16
C SER F 94 -4.90 8.68 28.24
N THR F 95 -5.89 8.82 27.37
CA THR F 95 -6.82 9.93 27.45
C THR F 95 -8.19 9.34 27.19
N PRO F 96 -9.21 9.86 27.88
CA PRO F 96 -10.59 9.37 27.70
C PRO F 96 -11.08 9.56 26.26
N GLU F 97 -10.49 10.55 25.59
CA GLU F 97 -10.80 10.82 24.19
C GLU F 97 -10.30 9.66 23.30
N ASN F 98 -9.06 9.24 23.51
CA ASN F 98 -8.50 8.15 22.72
C ASN F 98 -9.28 6.87 23.00
N ARG F 99 -9.66 6.68 24.26
CA ARG F 99 -10.53 5.56 24.61
C ARG F 99 -11.90 5.55 23.89
N GLN F 100 -12.49 6.72 23.75
CA GLN F 100 -13.82 6.82 23.14
C GLN F 100 -13.72 6.67 21.62
N THR F 101 -12.65 7.24 21.03
CA THR F 101 -12.32 6.97 19.63
C THR F 101 -12.26 5.45 19.47
N PHE F 102 -11.56 4.79 20.39
CA PHE F 102 -11.35 3.35 20.27
C PHE F 102 -12.66 2.60 20.47
N ILE F 103 -13.36 2.87 21.58
CA ILE F 103 -14.54 2.05 21.88
C ILE F 103 -15.55 2.19 20.76
N THR F 104 -15.65 3.39 20.23
CA THR F 104 -16.56 3.67 19.13
C THR F 104 -16.16 2.91 17.87
N SER F 105 -14.86 2.77 17.61
CA SER F 105 -14.46 2.05 16.37
C SER F 105 -14.82 0.58 16.50
N VAL F 106 -14.65 0.07 17.74
CA VAL F 106 -14.83 -1.34 18.03
C VAL F 106 -16.29 -1.73 17.81
N ILE F 107 -17.20 -0.93 18.37
CA ILE F 107 -18.65 -1.16 18.20
C ILE F 107 -19.05 -1.29 16.73
N LYS F 108 -18.56 -0.36 15.93
CA LYS F 108 -18.90 -0.28 14.51
C LYS F 108 -18.24 -1.46 13.76
N PHE F 109 -16.96 -1.71 14.05
CA PHE F 109 -16.21 -2.85 13.48
C PHE F 109 -16.87 -4.20 13.71
N LEU F 110 -17.10 -4.52 14.97
CA LEU F 110 -17.70 -5.77 15.33
C LEU F 110 -19.06 -5.94 14.72
N ARG F 111 -19.88 -4.88 14.70
CA ARG F 111 -21.27 -5.02 14.18
C ARG F 111 -21.24 -5.12 12.68
N GLN F 112 -20.34 -4.36 12.07
CA GLN F 112 -20.21 -4.38 10.62
C GLN F 112 -19.78 -5.75 10.11
N TYR F 113 -18.84 -6.40 10.81
CA TYR F 113 -18.34 -7.72 10.35
C TYR F 113 -18.91 -8.96 11.04
N GLU F 114 -19.74 -8.73 12.07
CA GLU F 114 -20.62 -9.74 12.66
C GLU F 114 -19.93 -10.58 13.74
N PHE F 115 -19.10 -9.90 14.51
CA PHE F 115 -18.49 -10.48 15.68
C PHE F 115 -19.39 -10.23 16.86
N ASP F 116 -19.40 -11.17 17.80
CA ASP F 116 -20.19 -11.04 18.99
C ASP F 116 -19.40 -10.46 20.10
N GLY F 117 -18.18 -9.96 19.85
CA GLY F 117 -17.36 -9.48 20.98
C GLY F 117 -15.91 -9.22 20.67
N LEU F 118 -15.20 -8.67 21.64
CA LEU F 118 -13.82 -8.34 21.50
C LEU F 118 -13.07 -9.05 22.57
N ASP F 119 -11.87 -9.52 22.26
CA ASP F 119 -11.03 -10.15 23.23
C ASP F 119 -9.74 -9.35 23.26
N PHE F 120 -9.38 -8.85 24.42
CA PHE F 120 -8.19 -8.04 24.55
C PHE F 120 -7.01 -8.91 24.79
N ASP F 121 -6.00 -8.84 23.92
CA ASP F 121 -4.80 -9.63 24.17
C ASP F 121 -3.62 -8.69 24.27
N TRP F 122 -3.64 -7.90 25.33
CA TRP F 122 -2.60 -6.90 25.56
C TRP F 122 -1.56 -7.61 26.32
N GLU F 123 -0.38 -7.65 25.76
CA GLU F 123 0.67 -8.39 26.43
C GLU F 123 1.87 -7.49 26.70
N TYR F 124 1.95 -6.91 27.90
CA TYR F 124 0.94 -6.96 28.95
C TYR F 124 0.84 -5.58 29.55
N PRO F 125 -0.34 -5.21 30.14
CA PRO F 125 -0.33 -3.90 30.81
C PRO F 125 0.74 -3.92 31.92
N GLY F 126 1.57 -2.87 31.98
CA GLY F 126 2.56 -2.75 33.06
C GLY F 126 3.87 -3.51 32.84
N SER F 127 4.01 -4.15 31.67
CA SER F 127 5.29 -4.82 31.32
C SER F 127 5.66 -4.45 29.90
N ARG F 128 6.81 -4.96 29.44
CA ARG F 128 7.33 -4.76 28.08
C ARG F 128 7.17 -3.32 27.59
N GLY F 129 7.52 -2.37 28.46
CA GLY F 129 7.60 -0.95 28.07
C GLY F 129 6.34 -0.15 28.37
N SER F 130 5.34 -0.83 28.91
CA SER F 130 4.12 -0.20 29.36
C SER F 130 4.30 0.22 30.81
N PRO F 131 4.02 1.53 31.13
CA PRO F 131 4.22 2.14 32.44
C PRO F 131 3.14 1.75 33.48
N PRO F 132 3.47 1.88 34.80
CA PRO F 132 2.61 1.39 35.90
C PRO F 132 1.16 1.89 35.89
N GLN F 133 0.91 3.04 35.29
CA GLN F 133 -0.45 3.58 35.28
C GLN F 133 -1.41 2.79 34.39
N ASP F 134 -0.85 2.03 33.45
CA ASP F 134 -1.64 1.20 32.50
C ASP F 134 -2.38 0.08 33.21
N LYS F 135 -1.86 -0.33 34.35
CA LYS F 135 -2.60 -1.22 35.25
C LYS F 135 -4.01 -0.70 35.51
N HIS F 136 -4.11 0.50 36.15
CA HIS F 136 -5.44 1.13 36.39
C HIS F 136 -6.23 1.44 35.10
N LEU F 137 -5.50 1.90 34.08
CA LEU F 137 -6.14 2.41 32.86
C LEU F 137 -6.76 1.32 32.02
N PHE F 138 -6.21 0.11 32.16
CA PHE F 138 -6.78 -1.08 31.51
C PHE F 138 -8.13 -1.41 32.16
N THR F 139 -8.21 -1.34 33.49
CA THR F 139 -9.52 -1.53 34.14
C THR F 139 -10.51 -0.46 33.65
N VAL F 140 -10.02 0.76 33.55
CA VAL F 140 -10.87 1.84 33.06
C VAL F 140 -11.42 1.52 31.67
N LEU F 141 -10.51 1.10 30.78
CA LEU F 141 -10.86 0.72 29.42
C LEU F 141 -11.94 -0.36 29.40
N VAL F 142 -11.72 -1.38 30.19
CA VAL F 142 -12.63 -2.49 30.19
C VAL F 142 -14.02 -2.00 30.66
N GLN F 143 -14.02 -1.28 31.77
CA GLN F 143 -15.22 -0.65 32.35
C GLN F 143 -15.96 0.23 31.33
N GLU F 144 -15.25 1.19 30.75
CA GLU F 144 -15.86 2.04 29.73
C GLU F 144 -16.43 1.22 28.58
N MET F 145 -15.76 0.12 28.23
CA MET F 145 -16.19 -0.64 27.08
C MET F 145 -17.39 -1.49 27.42
N ARG F 146 -17.31 -2.13 28.58
CA ARG F 146 -18.44 -2.88 29.08
C ARG F 146 -19.67 -1.95 29.15
N GLU F 147 -19.52 -0.79 29.81
CA GLU F 147 -20.63 0.19 29.92
C GLU F 147 -21.20 0.57 28.54
N ALA F 148 -20.33 0.90 27.59
CA ALA F 148 -20.75 1.29 26.25
C ALA F 148 -21.43 0.15 25.46
N PHE F 149 -21.05 -1.10 25.74
CA PHE F 149 -21.67 -2.21 25.03
C PHE F 149 -23.11 -2.39 25.54
N GLU F 150 -23.30 -2.15 26.84
CA GLU F 150 -24.60 -2.26 27.51
C GLU F 150 -25.55 -1.18 26.99
N GLN F 151 -25.04 0.03 26.82
CA GLN F 151 -25.78 1.14 26.18
C GLN F 151 -26.24 0.81 24.75
N GLU F 152 -25.30 0.34 23.93
CA GLU F 152 -25.57 0.03 22.50
C GLU F 152 -26.59 -1.10 22.32
N ALA F 153 -26.66 -2.02 23.29
CA ALA F 153 -27.57 -3.18 23.22
C ALA F 153 -29.05 -2.82 23.40
N LYS F 154 -29.29 -1.97 24.42
CA LYS F 154 -30.60 -1.35 24.66
C LYS F 154 -30.99 -0.46 23.50
N GLN F 155 -30.00 0.15 22.84
CA GLN F 155 -30.27 1.16 21.80
C GLN F 155 -30.51 0.60 20.40
N ILE F 156 -30.27 -0.69 20.17
CA ILE F 156 -30.57 -1.33 18.85
C ILE F 156 -31.29 -2.66 19.01
N ASN F 157 -31.53 -3.02 20.27
CA ASN F 157 -32.27 -4.23 20.67
C ASN F 157 -31.80 -5.55 20.05
N LYS F 158 -30.48 -5.71 20.08
CA LYS F 158 -29.83 -6.99 19.88
C LYS F 158 -29.10 -7.25 21.22
N PRO F 159 -28.73 -8.52 21.51
CA PRO F 159 -27.91 -8.78 22.71
C PRO F 159 -26.58 -7.98 22.75
N ARG F 160 -26.19 -7.56 23.94
CA ARG F 160 -24.93 -6.85 24.19
C ARG F 160 -23.71 -7.55 23.55
N LEU F 161 -22.74 -6.76 23.08
CA LEU F 161 -21.44 -7.33 22.69
C LEU F 161 -20.69 -7.87 23.94
N MET F 162 -19.83 -8.88 23.76
CA MET F 162 -19.02 -9.41 24.89
C MET F 162 -17.67 -8.75 24.91
N VAL F 163 -17.12 -8.50 26.09
CA VAL F 163 -15.71 -8.14 26.17
C VAL F 163 -15.01 -9.20 27.01
N THR F 164 -13.91 -9.76 26.49
CA THR F 164 -13.12 -10.80 27.22
C THR F 164 -11.66 -10.40 27.21
N ALA F 165 -10.79 -11.06 27.97
CA ALA F 165 -9.36 -10.79 27.85
C ALA F 165 -8.50 -12.06 28.00
N ALA F 166 -7.42 -12.13 27.21
CA ALA F 166 -6.32 -13.10 27.47
C ALA F 166 -5.36 -12.43 28.41
N VAL F 167 -4.99 -13.15 29.44
CA VAL F 167 -4.21 -12.60 30.51
C VAL F 167 -3.06 -13.48 30.89
N ALA F 168 -2.05 -12.85 31.52
CA ALA F 168 -0.80 -13.48 31.87
C ALA F 168 -0.90 -14.62 32.86
N ALA F 169 0.08 -15.53 32.74
CA ALA F 169 0.28 -16.60 33.72
C ALA F 169 1.50 -16.42 34.61
N GLY F 170 2.47 -15.61 34.18
CA GLY F 170 3.67 -15.32 34.98
C GLY F 170 3.25 -14.48 36.19
N ILE F 171 3.71 -14.88 37.38
CA ILE F 171 3.23 -14.24 38.63
C ILE F 171 3.59 -12.75 38.74
N SER F 172 4.87 -12.42 38.53
CA SER F 172 5.26 -11.01 38.38
C SER F 172 4.44 -10.18 37.36
N ASN F 173 4.22 -10.72 36.16
CA ASN F 173 3.39 -10.03 35.19
C ASN F 173 1.93 -9.84 35.63
N ILE F 174 1.42 -10.74 36.47
CA ILE F 174 0.04 -10.58 36.93
C ILE F 174 0.00 -9.41 37.94
N GLN F 175 1.05 -9.31 38.76
CA GLN F 175 1.16 -8.33 39.84
C GLN F 175 1.23 -6.93 39.27
N SER F 176 2.15 -6.68 38.34
CA SER F 176 2.24 -5.38 37.73
C SER F 176 1.14 -5.10 36.70
N GLY F 177 0.30 -6.08 36.40
CA GLY F 177 -0.60 -5.92 35.27
C GLY F 177 -2.07 -5.72 35.50
N TYR F 178 -2.61 -6.37 36.52
CA TYR F 178 -4.06 -6.39 36.62
C TYR F 178 -4.54 -6.05 38.04
N GLU F 179 -5.65 -5.30 38.10
CA GLU F 179 -6.38 -5.01 39.35
C GLU F 179 -7.46 -6.05 39.36
N ILE F 180 -7.11 -7.23 39.85
CA ILE F 180 -7.93 -8.42 39.58
C ILE F 180 -9.42 -8.29 39.96
N PRO F 181 -9.71 -7.85 41.22
CA PRO F 181 -11.09 -7.84 41.70
C PRO F 181 -11.98 -6.91 40.86
N GLN F 182 -11.44 -5.77 40.47
CA GLN F 182 -12.15 -4.75 39.69
C GLN F 182 -12.32 -5.12 38.22
N LEU F 183 -11.22 -5.58 37.60
CA LEU F 183 -11.24 -6.15 36.24
C LEU F 183 -12.26 -7.27 36.05
N SER F 184 -12.31 -8.25 36.97
CA SER F 184 -13.26 -9.38 36.88
C SER F 184 -14.72 -9.00 36.86
N GLN F 185 -15.09 -7.92 37.54
CA GLN F 185 -16.47 -7.42 37.51
C GLN F 185 -16.87 -7.14 36.09
N TYR F 186 -15.96 -6.49 35.37
CA TYR F 186 -16.27 -5.99 34.03
C TYR F 186 -16.05 -6.98 32.86
N LEU F 187 -15.11 -7.92 32.99
CA LEU F 187 -14.92 -8.93 31.92
C LEU F 187 -16.02 -9.98 31.88
N ASP F 188 -16.40 -10.42 30.68
CA ASP F 188 -17.25 -11.56 30.57
C ASP F 188 -16.48 -12.86 30.91
N TYR F 189 -15.30 -13.07 30.31
CA TYR F 189 -14.39 -14.22 30.60
C TYR F 189 -12.94 -13.83 30.68
N ILE F 190 -12.16 -14.61 31.39
CA ILE F 190 -10.79 -14.30 31.58
C ILE F 190 -10.03 -15.54 31.02
N HIS F 191 -9.44 -15.40 29.82
CA HIS F 191 -8.65 -16.47 29.22
C HIS F 191 -7.20 -16.42 29.71
N VAL F 192 -6.86 -17.27 30.67
CA VAL F 192 -5.54 -17.26 31.25
C VAL F 192 -4.57 -18.13 30.44
N MET F 193 -3.39 -17.58 30.17
CA MET F 193 -2.49 -18.17 29.21
C MET F 193 -1.60 -19.18 29.87
N THR F 194 -2.20 -20.27 30.34
CA THR F 194 -1.49 -21.29 31.11
C THR F 194 -0.68 -22.24 30.21
N TYR F 195 0.34 -21.70 29.56
CA TYR F 195 1.23 -22.45 28.68
C TYR F 195 2.41 -21.55 28.42
N ASP F 196 3.40 -22.04 27.67
CA ASP F 196 4.69 -21.40 27.60
C ASP F 196 5.29 -21.23 28.99
N LEU F 197 4.87 -22.07 29.93
CA LEU F 197 5.40 -22.05 31.30
C LEU F 197 6.88 -22.47 31.38
N HIS F 198 7.40 -23.22 30.40
CA HIS F 198 8.86 -23.45 30.29
C HIS F 198 9.17 -23.52 28.78
N GLY F 199 10.42 -23.34 28.41
CA GLY F 199 10.88 -23.36 27.01
C GLY F 199 12.40 -23.31 27.04
N SER F 200 13.06 -23.37 25.89
CA SER F 200 14.55 -23.36 25.79
C SER F 200 15.30 -22.11 26.35
N TRP F 201 14.58 -21.00 26.51
CA TRP F 201 15.15 -19.80 27.14
C TRP F 201 15.73 -20.03 28.57
N GLU F 202 15.26 -21.08 29.25
CA GLU F 202 15.75 -21.53 30.56
C GLU F 202 17.09 -22.29 30.63
N GLY F 203 17.54 -22.92 29.55
CA GLY F 203 18.79 -23.73 29.58
C GLY F 203 18.56 -25.18 30.01
N TYR F 204 17.33 -25.55 30.27
CA TYR F 204 17.00 -26.93 30.62
C TYR F 204 15.62 -27.34 30.10
N THR F 205 15.43 -28.63 29.86
CA THR F 205 14.13 -29.10 29.33
C THR F 205 13.07 -28.86 30.37
N GLY F 206 11.83 -28.65 29.92
CA GLY F 206 10.70 -28.54 30.82
C GLY F 206 9.43 -28.51 30.00
N GLU F 207 8.31 -28.62 30.69
CA GLU F 207 7.05 -28.74 30.05
C GLU F 207 6.36 -27.42 29.73
N ASN F 208 5.61 -27.43 28.65
CA ASN F 208 4.97 -26.24 28.15
C ASN F 208 3.84 -25.85 29.09
N SER F 209 3.10 -26.85 29.57
CA SER F 209 1.93 -26.56 30.32
C SER F 209 1.69 -27.69 31.35
N PRO F 210 2.64 -27.89 32.29
CA PRO F 210 2.49 -28.91 33.34
C PRO F 210 1.37 -28.60 34.33
N LEU F 211 0.56 -29.59 34.70
CA LEU F 211 -0.58 -29.29 35.58
C LEU F 211 -0.16 -28.95 37.02
N TYR F 212 0.85 -29.64 37.51
CA TYR F 212 1.34 -29.47 38.90
C TYR F 212 2.82 -29.21 38.80
N LYS F 213 3.42 -28.78 39.89
CA LYS F 213 4.86 -28.54 39.94
C LYS F 213 5.61 -29.85 39.89
N TYR F 214 6.88 -29.76 39.56
CA TYR F 214 7.80 -30.90 39.62
C TYR F 214 8.32 -30.96 41.07
N PRO F 215 8.53 -32.17 41.64
CA PRO F 215 8.88 -32.28 43.09
C PRO F 215 10.11 -31.43 43.49
N THR F 216 11.03 -31.26 42.53
CA THR F 216 12.25 -30.47 42.64
C THR F 216 12.00 -28.94 42.70
N ASP F 217 10.84 -28.51 42.23
CA ASP F 217 10.51 -27.08 42.03
C ASP F 217 10.45 -26.31 43.37
N THR F 218 11.37 -25.35 43.53
CA THR F 218 11.37 -24.45 44.71
C THR F 218 11.43 -22.98 44.30
N GLY F 219 10.95 -22.13 45.20
CA GLY F 219 10.98 -20.69 44.98
C GLY F 219 9.96 -20.28 43.94
N SER F 220 10.35 -19.35 43.08
CA SER F 220 9.43 -18.86 42.07
C SER F 220 9.17 -19.93 40.99
N ASN F 221 10.14 -20.84 40.77
CA ASN F 221 9.93 -22.01 39.89
C ASN F 221 8.72 -22.89 40.22
N ALA F 222 8.33 -22.88 41.50
CA ALA F 222 7.21 -23.69 41.97
C ALA F 222 5.87 -23.10 41.53
N TYR F 223 5.88 -21.91 40.95
CA TYR F 223 4.65 -21.28 40.43
C TYR F 223 4.37 -21.56 38.94
N LEU F 224 5.38 -22.09 38.23
CA LEU F 224 5.29 -22.35 36.79
C LEU F 224 4.56 -23.66 36.44
N ASN F 225 3.29 -23.71 36.77
CA ASN F 225 2.42 -24.84 36.46
C ASN F 225 1.00 -24.32 36.53
N VAL F 226 0.08 -25.03 35.89
CA VAL F 226 -1.29 -24.57 35.72
C VAL F 226 -2.08 -24.38 37.03
N ASP F 227 -1.96 -25.36 37.93
CA ASP F 227 -2.69 -25.42 39.21
C ASP F 227 -2.41 -24.14 40.03
N TYR F 228 -1.15 -23.82 40.26
CA TYR F 228 -0.81 -22.56 40.92
C TYR F 228 -1.40 -21.31 40.22
N VAL F 229 -1.14 -21.18 38.93
CA VAL F 229 -1.59 -20.00 38.20
C VAL F 229 -3.09 -19.86 38.30
N MET F 230 -3.86 -20.93 38.09
CA MET F 230 -5.32 -20.73 38.17
C MET F 230 -5.78 -20.36 39.61
N ASN F 231 -5.08 -20.92 40.59
CA ASN F 231 -5.49 -20.68 41.95
C ASN F 231 -5.12 -19.26 42.38
N TYR F 232 -3.96 -18.80 41.90
CA TYR F 232 -3.53 -17.41 42.07
C TYR F 232 -4.58 -16.42 41.58
N TRP F 233 -5.12 -16.65 40.38
CA TRP F 233 -6.21 -15.87 39.94
C TRP F 233 -7.46 -15.97 40.82
N LYS F 234 -7.89 -17.18 41.19
CA LYS F 234 -9.08 -17.34 42.06
C LYS F 234 -8.88 -16.69 43.45
N ASP F 235 -7.70 -16.94 44.03
CA ASP F 235 -7.33 -16.42 45.33
C ASP F 235 -7.26 -14.88 45.39
N ASN F 236 -6.95 -14.23 44.27
CA ASN F 236 -6.70 -12.81 44.31
C ASN F 236 -7.79 -11.99 43.70
N GLY F 237 -8.95 -12.61 43.57
CA GLY F 237 -10.17 -11.88 43.32
C GLY F 237 -10.99 -12.24 42.10
N ALA F 238 -10.49 -13.12 41.24
CA ALA F 238 -11.33 -13.52 40.09
C ALA F 238 -12.22 -14.66 40.48
N PRO F 239 -13.49 -14.59 40.07
CA PRO F 239 -14.45 -15.67 40.31
C PRO F 239 -14.18 -16.89 39.44
N ALA F 240 -14.04 -18.04 40.10
CA ALA F 240 -13.77 -19.31 39.44
C ALA F 240 -14.55 -19.40 38.14
N GLU F 241 -15.83 -19.04 38.13
CA GLU F 241 -16.61 -19.19 36.90
C GLU F 241 -16.28 -18.27 35.69
N LYS F 242 -15.49 -17.24 35.90
CA LYS F 242 -15.09 -16.45 34.75
C LYS F 242 -13.72 -16.91 34.22
N LEU F 243 -12.98 -17.63 35.07
CA LEU F 243 -11.65 -18.11 34.72
C LEU F 243 -11.70 -19.27 33.71
N ILE F 244 -11.04 -19.07 32.55
CA ILE F 244 -10.92 -20.09 31.50
C ILE F 244 -9.49 -20.62 31.48
N VAL F 245 -9.36 -21.93 31.55
CA VAL F 245 -8.04 -22.51 31.57
C VAL F 245 -7.44 -22.61 30.14
N GLY F 246 -6.21 -22.12 29.96
CA GLY F 246 -5.48 -22.21 28.68
C GLY F 246 -4.89 -23.59 28.34
N PHE F 247 -5.28 -24.13 27.19
CA PHE F 247 -4.72 -25.41 26.73
C PHE F 247 -3.96 -25.21 25.43
N PRO F 248 -2.70 -25.64 25.39
CA PRO F 248 -1.94 -25.51 24.16
C PRO F 248 -2.04 -26.78 23.28
N THR F 249 -2.22 -26.59 21.96
CA THR F 249 -2.15 -27.71 21.02
C THR F 249 -0.82 -27.79 20.26
N TYR F 250 0.24 -27.40 20.92
CA TYR F 250 1.56 -27.43 20.41
C TYR F 250 2.51 -27.67 21.60
N GLY F 251 3.80 -27.83 21.30
CA GLY F 251 4.80 -28.15 22.31
C GLY F 251 6.01 -27.29 22.08
N HIS F 252 6.84 -27.12 23.09
CA HIS F 252 8.15 -26.46 22.93
C HIS F 252 9.27 -27.51 22.89
N ASN F 253 10.22 -27.32 22.00
CA ASN F 253 11.27 -28.30 21.85
C ASN F 253 12.66 -27.70 22.13
N PHE F 254 13.69 -28.53 22.25
CA PHE F 254 15.02 -28.09 22.73
C PHE F 254 16.10 -28.91 22.07
N ILE F 255 17.28 -28.35 21.87
CA ILE F 255 18.46 -29.16 21.63
C ILE F 255 19.01 -29.58 23.00
N LEU F 256 19.04 -30.88 23.30
CA LEU F 256 19.76 -31.48 24.44
C LEU F 256 21.24 -31.17 24.36
N SER F 257 21.84 -30.78 25.50
CA SER F 257 23.32 -30.59 25.59
C SER F 257 24.10 -31.92 25.52
N ASN F 258 23.56 -32.97 26.17
CA ASN F 258 24.05 -34.35 26.01
C ASN F 258 22.89 -35.32 25.73
N PRO F 259 22.88 -36.01 24.57
CA PRO F 259 21.71 -36.85 24.26
C PRO F 259 21.44 -38.00 25.23
N SER F 260 22.39 -38.26 26.13
CA SER F 260 22.19 -39.34 27.13
C SER F 260 21.31 -38.90 28.29
N ASN F 261 21.29 -37.60 28.59
CA ASN F 261 20.40 -37.08 29.66
C ASN F 261 19.14 -36.51 29.03
N THR F 262 17.98 -37.03 29.43
CA THR F 262 16.76 -36.78 28.70
C THR F 262 15.57 -36.58 29.62
N GLY F 263 15.79 -36.42 30.91
CA GLY F 263 14.67 -36.24 31.83
C GLY F 263 14.33 -34.77 31.94
N ILE F 264 13.29 -34.43 32.71
CA ILE F 264 13.00 -33.04 33.03
C ILE F 264 14.23 -32.32 33.66
N GLY F 265 14.46 -31.08 33.27
CA GLY F 265 15.59 -30.36 33.79
C GLY F 265 16.92 -30.75 33.15
N ALA F 266 16.91 -31.61 32.12
CA ALA F 266 18.19 -31.91 31.46
C ALA F 266 18.73 -30.66 30.75
N PRO F 267 20.05 -30.47 30.76
CA PRO F 267 20.52 -29.21 30.21
C PRO F 267 20.39 -29.12 28.67
N THR F 268 20.16 -27.90 28.18
CA THR F 268 19.94 -27.67 26.76
C THR F 268 20.78 -26.56 26.20
N SER F 269 21.22 -26.70 24.95
CA SER F 269 22.06 -25.70 24.27
C SER F 269 21.24 -24.68 23.50
N GLY F 270 19.93 -24.81 23.49
CA GLY F 270 19.16 -23.90 22.64
C GLY F 270 17.80 -24.46 22.24
N ALA F 271 17.11 -23.69 21.41
CA ALA F 271 15.73 -24.04 20.99
C ALA F 271 15.73 -25.19 19.97
N GLY F 272 14.70 -26.04 19.97
CA GLY F 272 14.68 -27.13 18.96
C GLY F 272 14.33 -26.61 17.57
N PRO F 273 14.49 -27.47 16.52
CA PRO F 273 14.19 -27.00 15.16
C PRO F 273 12.72 -26.57 14.94
N ALA F 274 12.59 -25.56 14.09
CA ALA F 274 11.28 -25.21 13.52
C ALA F 274 10.64 -26.48 12.86
N GLY F 275 9.31 -26.65 12.97
CA GLY F 275 8.63 -27.74 12.25
C GLY F 275 8.57 -27.41 10.77
N PRO F 276 8.26 -28.41 9.90
CA PRO F 276 8.21 -28.16 8.47
C PRO F 276 6.97 -27.40 8.06
N TYR F 277 5.98 -27.34 8.93
CA TYR F 277 4.72 -26.69 8.60
C TYR F 277 4.57 -25.36 9.27
N ALA F 278 4.68 -25.31 10.59
CA ALA F 278 4.43 -24.04 11.23
C ALA F 278 5.69 -23.18 11.18
N LYS F 279 6.83 -23.82 11.02
CA LYS F 279 8.08 -23.10 10.71
C LYS F 279 8.48 -22.19 11.86
N GLU F 280 8.31 -22.68 13.07
CA GLU F 280 8.41 -21.86 14.28
C GLU F 280 9.51 -22.43 15.22
N SER F 281 10.63 -21.72 15.33
CA SER F 281 11.77 -22.09 16.17
C SER F 281 11.26 -22.42 17.58
N GLY F 282 11.56 -23.63 18.11
CA GLY F 282 11.27 -23.97 19.53
C GLY F 282 9.87 -24.42 19.79
N ILE F 283 9.06 -24.51 18.72
CA ILE F 283 7.68 -24.91 18.82
C ILE F 283 7.25 -25.94 17.72
N TRP F 284 6.60 -27.02 18.14
CA TRP F 284 5.98 -27.94 17.19
C TRP F 284 4.53 -28.00 17.42
N ALA F 285 3.77 -27.93 16.32
CA ALA F 285 2.31 -28.12 16.38
C ALA F 285 2.08 -29.55 16.81
N TYR F 286 0.94 -29.86 17.40
CA TYR F 286 0.68 -31.26 17.72
C TYR F 286 0.85 -32.21 16.53
N TYR F 287 0.43 -31.77 15.35
CA TYR F 287 0.48 -32.70 14.24
C TYR F 287 1.91 -32.91 13.84
N GLU F 288 2.75 -31.87 14.00
CA GLU F 288 4.21 -32.01 13.77
C GLU F 288 4.87 -32.95 14.77
N ILE F 289 4.37 -32.93 16.00
CA ILE F 289 4.86 -33.84 17.04
C ILE F 289 4.53 -35.30 16.66
N CYS F 290 3.34 -35.54 16.11
CA CYS F 290 2.96 -36.89 15.67
C CYS F 290 3.91 -37.40 14.68
N THR F 291 4.30 -36.57 13.72
CA THR F 291 5.33 -36.99 12.79
C THR F 291 6.60 -37.48 13.51
N PHE F 292 7.04 -36.76 14.52
CA PHE F 292 8.27 -37.07 15.24
C PHE F 292 8.11 -38.39 15.98
N LEU F 293 6.93 -38.60 16.59
CA LEU F 293 6.59 -39.88 17.23
C LEU F 293 6.54 -41.04 16.22
N LYS F 294 6.01 -40.77 15.04
CA LYS F 294 5.80 -41.76 14.01
C LYS F 294 7.14 -42.22 13.44
N ASN F 295 8.13 -41.32 13.44
CA ASN F 295 9.47 -41.67 12.98
C ASN F 295 10.36 -42.29 14.10
N GLY F 296 9.74 -42.72 15.21
CA GLY F 296 10.45 -43.52 16.24
C GLY F 296 11.03 -42.77 17.46
N ALA F 297 10.61 -41.54 17.69
CA ALA F 297 10.96 -40.88 18.92
C ALA F 297 10.57 -41.71 20.14
N THR F 298 11.45 -41.71 21.14
CA THR F 298 11.20 -42.37 22.41
C THR F 298 10.21 -41.51 23.15
N GLN F 299 9.19 -42.14 23.72
CA GLN F 299 8.16 -41.42 24.46
C GLN F 299 8.41 -41.42 25.94
N GLY F 300 7.79 -40.48 26.65
CA GLY F 300 8.12 -40.29 28.05
C GLY F 300 6.89 -39.72 28.71
N TRP F 301 6.75 -39.97 30.01
CA TRP F 301 5.65 -39.44 30.76
C TRP F 301 6.16 -38.75 32.03
N ASP F 302 5.86 -37.48 32.17
CA ASP F 302 6.37 -36.65 33.28
C ASP F 302 5.36 -36.83 34.37
N ALA F 303 5.53 -37.91 35.14
CA ALA F 303 4.47 -38.41 36.04
C ALA F 303 3.91 -37.42 37.08
N PRO F 304 4.79 -36.63 37.71
CA PRO F 304 4.33 -35.59 38.67
C PRO F 304 3.47 -34.42 38.07
N GLN F 305 3.86 -33.98 36.87
CA GLN F 305 3.20 -32.87 36.20
C GLN F 305 2.05 -33.28 35.23
N GLU F 306 1.95 -34.59 34.95
CA GLU F 306 0.81 -35.11 34.21
C GLU F 306 0.79 -34.74 32.69
N VAL F 307 1.97 -34.66 32.08
CA VAL F 307 2.08 -34.34 30.66
C VAL F 307 3.20 -35.20 30.01
N PRO F 308 3.17 -35.35 28.65
CA PRO F 308 4.17 -36.20 27.94
C PRO F 308 5.43 -35.46 27.52
N TYR F 309 6.49 -36.18 27.15
CA TYR F 309 7.59 -35.55 26.47
C TYR F 309 8.11 -36.57 25.53
N ALA F 310 9.00 -36.19 24.62
CA ALA F 310 9.51 -37.22 23.70
C ALA F 310 10.87 -36.81 23.23
N TYR F 311 11.72 -37.75 22.81
CA TYR F 311 13.04 -37.33 22.37
C TYR F 311 13.69 -38.30 21.37
N GLN F 312 14.62 -37.80 20.56
CA GLN F 312 15.34 -38.57 19.60
C GLN F 312 16.64 -37.82 19.30
N GLY F 313 17.78 -38.49 19.49
CA GLY F 313 19.10 -37.85 19.20
C GLY F 313 19.19 -36.68 20.16
N ASN F 314 19.59 -35.51 19.67
CA ASN F 314 19.65 -34.35 20.52
C ASN F 314 18.39 -33.48 20.53
N VAL F 315 17.23 -34.00 20.08
CA VAL F 315 15.98 -33.17 20.14
C VAL F 315 15.02 -33.64 21.19
N TRP F 316 14.44 -32.74 21.99
CA TRP F 316 13.50 -33.17 23.05
C TRP F 316 12.30 -32.27 22.97
N VAL F 317 11.09 -32.80 23.20
CA VAL F 317 9.93 -31.94 23.17
C VAL F 317 9.00 -32.18 24.31
N GLY F 318 8.44 -31.11 24.90
CA GLY F 318 7.51 -31.29 26.00
C GLY F 318 6.22 -30.78 25.48
N TYR F 319 5.12 -31.53 25.65
CA TYR F 319 3.87 -31.15 25.00
C TYR F 319 2.69 -31.67 25.74
N ASP F 320 1.56 -31.72 25.04
CA ASP F 320 0.30 -32.21 25.59
C ASP F 320 -0.32 -33.19 24.62
N ASN F 321 -0.99 -34.22 25.12
CA ASN F 321 -1.64 -35.18 24.21
C ASN F 321 -3.03 -35.43 24.75
N ILE F 322 -3.73 -36.44 24.26
CA ILE F 322 -5.12 -36.66 24.70
C ILE F 322 -5.14 -36.99 26.20
N LYS F 323 -4.18 -37.80 26.63
CA LYS F 323 -4.11 -38.19 28.03
C LYS F 323 -4.03 -36.94 28.93
N SER F 324 -3.04 -36.07 28.67
CA SER F 324 -2.88 -34.90 29.53
C SER F 324 -4.05 -33.94 29.40
N PHE F 325 -4.59 -33.82 28.20
CA PHE F 325 -5.77 -32.95 28.03
C PHE F 325 -6.90 -33.46 28.90
N ASP F 326 -7.08 -34.77 28.94
CA ASP F 326 -8.14 -35.31 29.75
C ASP F 326 -7.89 -35.06 31.23
N ILE F 327 -6.73 -35.42 31.73
CA ILE F 327 -6.41 -35.11 33.12
C ILE F 327 -6.76 -33.62 33.47
N LYS F 328 -6.32 -32.68 32.63
CA LYS F 328 -6.54 -31.26 32.90
C LYS F 328 -8.00 -30.87 32.89
N ALA F 329 -8.76 -31.48 31.98
CA ALA F 329 -10.17 -31.17 31.86
C ALA F 329 -10.97 -31.61 33.12
N GLN F 330 -10.73 -32.84 33.61
CA GLN F 330 -11.26 -33.31 34.92
C GLN F 330 -10.88 -32.40 36.08
N TRP F 331 -9.58 -32.08 36.18
CA TRP F 331 -9.12 -31.11 37.15
C TRP F 331 -9.91 -29.79 37.05
N LEU F 332 -10.12 -29.29 35.84
CA LEU F 332 -10.80 -27.98 35.77
C LEU F 332 -12.28 -28.07 36.19
N LYS F 333 -12.94 -29.16 35.85
CA LYS F 333 -14.34 -29.37 36.25
C LYS F 333 -14.45 -29.44 37.79
N HIS F 334 -13.51 -30.18 38.37
CA HIS F 334 -13.46 -30.38 39.80
C HIS F 334 -13.26 -29.05 40.55
N ASN F 335 -12.63 -28.07 39.88
CA ASN F 335 -12.31 -26.82 40.55
C ASN F 335 -13.29 -25.77 40.13
N LYS F 336 -14.27 -26.19 39.34
CA LYS F 336 -15.43 -25.35 39.02
C LYS F 336 -15.11 -24.09 38.19
N PHE F 337 -13.95 -24.13 37.49
CA PHE F 337 -13.60 -23.08 36.51
C PHE F 337 -14.60 -23.03 35.33
N GLY F 338 -14.59 -21.93 34.58
CA GLY F 338 -15.62 -21.71 33.56
C GLY F 338 -15.54 -22.61 32.32
N GLY F 339 -14.40 -23.24 32.11
CA GLY F 339 -14.18 -24.03 30.87
C GLY F 339 -12.74 -23.86 30.37
N ALA F 340 -12.55 -24.10 29.07
CA ALA F 340 -11.22 -24.22 28.48
C ALA F 340 -11.12 -23.28 27.29
N MET F 341 -9.90 -22.79 27.12
CA MET F 341 -9.54 -21.96 26.02
C MET F 341 -8.37 -22.69 25.35
N VAL F 342 -8.39 -22.80 24.01
CA VAL F 342 -7.33 -23.48 23.25
C VAL F 342 -6.58 -22.58 22.26
N TRP F 343 -5.26 -22.51 22.42
CA TRP F 343 -4.35 -21.99 21.40
C TRP F 343 -3.57 -23.14 20.75
N ALA F 344 -3.80 -23.44 19.47
CA ALA F 344 -4.79 -22.76 18.66
C ALA F 344 -5.44 -23.83 17.85
N ILE F 345 -6.61 -23.53 17.30
CA ILE F 345 -7.34 -24.53 16.57
C ILE F 345 -6.54 -25.07 15.38
N ASP F 346 -5.63 -24.26 14.85
CA ASP F 346 -4.96 -24.62 13.59
C ASP F 346 -3.71 -25.46 13.84
N LEU F 347 -3.36 -25.65 15.10
CA LEU F 347 -2.18 -26.45 15.48
C LEU F 347 -2.56 -27.87 15.93
N ASP F 348 -3.85 -28.13 16.08
CA ASP F 348 -4.40 -29.46 16.36
C ASP F 348 -4.30 -30.27 15.04
N ASP F 349 -4.48 -31.59 15.10
CA ASP F 349 -4.41 -32.35 13.85
C ASP F 349 -5.76 -32.25 13.18
N PHE F 350 -6.00 -31.07 12.61
CA PHE F 350 -7.27 -30.76 12.00
C PHE F 350 -7.67 -31.61 10.81
N THR F 351 -6.74 -32.16 10.04
CA THR F 351 -7.16 -33.03 8.93
C THR F 351 -7.25 -34.50 9.38
N GLY F 352 -6.77 -34.79 10.58
CA GLY F 352 -6.79 -36.21 10.97
C GLY F 352 -5.69 -37.06 10.40
N THR F 353 -4.89 -36.53 9.49
CA THR F 353 -3.99 -37.39 8.71
C THR F 353 -2.63 -37.65 9.36
N PHE F 354 -2.27 -36.91 10.40
CA PHE F 354 -0.91 -37.08 10.95
C PHE F 354 -0.90 -38.05 12.08
N CYS F 355 -1.94 -38.00 12.90
CA CYS F 355 -1.93 -38.67 14.19
C CYS F 355 -2.73 -39.96 14.21
N ASN F 356 -3.55 -40.17 13.18
CA ASN F 356 -4.53 -41.26 13.15
C ASN F 356 -5.34 -41.32 14.43
N GLN F 357 -5.68 -40.16 14.97
CA GLN F 357 -6.63 -40.11 16.09
C GLN F 357 -7.94 -39.46 15.70
N GLY F 358 -8.24 -39.46 14.39
CA GLY F 358 -9.41 -38.69 13.86
C GLY F 358 -9.17 -37.18 13.88
N LYS F 359 -10.17 -36.43 13.43
CA LYS F 359 -10.00 -34.98 13.29
C LYS F 359 -10.00 -34.27 14.62
N PHE F 360 -9.12 -33.27 14.74
CA PHE F 360 -9.03 -32.46 15.95
C PHE F 360 -9.01 -33.35 17.22
N PRO F 361 -8.03 -34.28 17.33
CA PRO F 361 -8.00 -35.19 18.48
C PRO F 361 -7.93 -34.48 19.84
N LEU F 362 -7.15 -33.43 19.93
CA LEU F 362 -7.02 -32.74 21.19
C LEU F 362 -8.29 -31.95 21.54
N ILE F 363 -8.74 -31.16 20.60
CA ILE F 363 -9.86 -30.31 20.92
C ILE F 363 -11.09 -31.19 21.11
N SER F 364 -11.24 -32.26 20.35
CA SER F 364 -12.40 -33.16 20.54
C SER F 364 -12.46 -33.73 21.94
N THR F 365 -11.28 -34.04 22.49
CA THR F 365 -11.17 -34.49 23.86
C THR F 365 -11.76 -33.49 24.87
N LEU F 366 -11.54 -32.18 24.69
CA LEU F 366 -12.18 -31.22 25.59
C LEU F 366 -13.69 -31.12 25.36
N LYS F 367 -14.14 -31.14 24.10
CA LYS F 367 -15.57 -31.12 23.85
C LYS F 367 -16.23 -32.26 24.64
N LYS F 368 -15.62 -33.45 24.57
CA LYS F 368 -16.09 -34.67 25.25
C LYS F 368 -16.07 -34.48 26.77
N ALA F 369 -14.91 -34.13 27.30
CA ALA F 369 -14.68 -34.10 28.71
C ALA F 369 -15.53 -33.03 29.43
N LEU F 370 -15.93 -32.00 28.70
CA LEU F 370 -16.57 -30.83 29.28
C LEU F 370 -18.09 -30.91 29.04
N GLY F 371 -18.57 -32.09 28.61
CA GLY F 371 -20.01 -32.36 28.46
C GLY F 371 -20.68 -31.68 27.27
N LEU F 372 -19.93 -31.52 26.18
CA LEU F 372 -20.44 -30.79 25.03
C LEU F 372 -20.75 -31.68 23.84
N GLN F 373 -20.58 -33.00 24.01
CA GLN F 373 -20.78 -33.99 22.91
C GLN F 373 -22.08 -33.84 22.13
N SER F 374 -23.11 -33.48 22.88
CA SER F 374 -24.46 -33.47 22.40
C SER F 374 -24.94 -32.05 22.26
N ALA F 375 -24.08 -31.06 22.47
CA ALA F 375 -24.48 -29.65 22.28
C ALA F 375 -25.09 -29.44 20.88
N SER F 376 -26.14 -28.61 20.82
CA SER F 376 -26.86 -28.40 19.56
C SER F 376 -25.93 -27.91 18.45
N CYS F 377 -26.06 -28.49 17.25
CA CYS F 377 -25.36 -27.97 16.08
C CYS F 377 -26.23 -27.91 14.82
N THR F 378 -27.05 -26.86 14.75
CA THR F 378 -28.12 -26.71 13.74
C THR F 378 -28.24 -25.24 13.30
N ALA F 379 -28.57 -25.04 12.00
CA ALA F 379 -28.85 -23.71 11.38
C ALA F 379 -29.86 -22.79 12.15
N PRO F 380 -29.65 -21.45 12.11
CA PRO F 380 -30.77 -20.59 12.54
C PRO F 380 -31.81 -20.43 11.42
C1 GOL G . 0.11 40.16 26.53
O1 GOL G . -0.31 41.51 26.66
C2 GOL G . 1.06 39.68 27.67
O2 GOL G . 2.44 40.06 27.59
C3 GOL G . 1.08 38.17 27.57
O3 GOL G . 0.90 37.77 26.22
N1 DW0 H . 4.42 36.19 24.06
C2 DW0 H . 4.13 35.86 25.37
O2 DW0 H . 2.93 35.95 25.81
N3 DW0 H . 5.19 35.42 26.15
C4 DW0 H . 6.53 35.37 25.60
C5 DW0 H . 6.81 35.71 24.25
C6 DW0 H . 5.71 36.11 23.48
O6 DW0 H . 5.83 36.40 22.26
N7 DW0 H . 8.15 35.55 24.06
C8 DW0 H . 8.70 35.12 25.22
N9 DW0 H . 7.73 35.00 26.15
N10 DW0 H . 1.72 39.66 21.70
CA0 DW0 H . 2.00 38.26 22.09
CAA DW0 H . 9.03 35.75 22.81
CAB DW0 H . 3.88 42.31 18.54
CAC DW0 H . 4.86 35.07 27.58
CAD DW0 H . -0.77 42.40 22.61
OAF DW0 H . 3.45 39.55 20.18
OAH DW0 H . -0.08 39.93 23.17
CAJ DW0 H . 2.06 43.65 19.55
CAK DW0 H . 3.27 36.60 23.23
CAL DW0 H . 3.26 38.09 22.95
NAN DW0 H . 1.09 43.49 20.50
CAP DW0 H . 2.54 40.26 20.68
CAR DW0 H . 0.64 40.39 22.29
CAT DW0 H . 1.18 42.27 20.98
CAV DW0 H . 2.25 41.60 20.35
NAX DW0 H . 2.76 42.49 19.49
NAZ DW0 H . 0.38 41.67 21.94
N1 DW0 I . -0.58 27.79 24.18
C2 DW0 I . -1.24 29.00 24.40
O2 DW0 I . -0.67 29.87 25.05
N3 DW0 I . -2.54 29.22 23.85
C4 DW0 I . -3.13 28.23 23.08
C5 DW0 I . -2.46 27.02 22.87
C6 DW0 I . -1.20 26.80 23.39
O6 DW0 I . -0.66 25.72 23.16
N7 DW0 I . -3.26 26.28 22.13
C8 DW0 I . -4.40 26.95 21.89
N9 DW0 I . -4.32 28.15 22.47
N10 DW0 I . 0.56 29.68 22.11
CA0 DW0 I . 1.57 28.64 22.53
CAA DW0 I . -2.93 24.88 21.65
CAB DW0 I . -3.10 28.92 19.47
CAC DW0 I . -3.31 30.48 24.06
CAD DW0 I . -0.16 33.46 22.47
OAF DW0 I . -0.69 28.12 20.91
OAH DW0 I . 1.61 31.44 23.17
CAJ DW0 I . -3.17 31.41 20.00
CAK DW0 I . 0.81 27.57 24.74
CAL DW0 I . 1.81 28.53 24.06
NAN DW0 I . -2.43 32.30 20.70
CAP DW0 I . -0.55 29.29 21.27
CAR DW0 I . 0.67 31.07 22.48
CAT DW0 I . -1.38 31.62 21.25
CAV DW0 I . -1.50 30.26 20.87
NAX DW0 I . -2.60 30.19 20.11
NAZ DW0 I . -0.29 32.03 22.06
C1 GOL J . 9.72 -9.56 5.19
O1 GOL J . 9.61 -10.96 4.91
C2 GOL J . 10.39 -8.69 4.10
O2 GOL J . 11.77 -8.43 4.38
C3 GOL J . 9.69 -7.33 4.15
O3 GOL J . 9.18 -7.08 5.45
N1 DW0 K . 11.86 -4.33 8.35
C2 DW0 K . 11.72 -4.03 7.00
O2 DW0 K . 10.73 -4.45 6.37
N3 DW0 K . 12.73 -3.24 6.36
C4 DW0 K . 13.90 -2.78 7.08
C5 DW0 K . 14.03 -3.10 8.46
C6 DW0 K . 12.99 -3.89 9.09
O6 DW0 K . 12.95 -4.25 10.27
N7 DW0 K . 15.23 -2.52 8.83
C8 DW0 K . 15.80 -1.89 7.75
N9 DW0 K . 14.98 -2.04 6.71
N10 DW0 K . 9.97 -8.61 10.01
CA0 DW0 K . 9.83 -7.19 9.64
CAA DW0 K . 15.93 -2.51 10.22
CAB DW0 K . 12.39 -10.63 13.54
CAC DW0 K . 12.52 -2.92 4.92
CAD DW0 K . 8.56 -12.04 8.87
OAF DW0 K . 11.36 -8.09 11.75
OAH DW0 K . 8.57 -9.20 8.31
CAJ DW0 K . 11.15 -12.42 12.25
CAK DW0 K . 10.80 -5.10 9.04
CAL DW0 K . 11.10 -6.58 9.11
NAN DW0 K . 10.31 -12.54 11.21
CAP DW0 K . 10.78 -9.00 11.13
CAR DW0 K . 9.25 -9.58 9.27
CAT DW0 K . 10.12 -11.34 10.70
CAV DW0 K . 10.84 -10.37 11.48
NAX DW0 K . 11.46 -11.10 12.44
NAZ DW0 K . 9.33 -10.98 9.62
N1 DW0 L . 4.97 2.01 7.55
C2 DW0 L . 4.76 0.66 7.16
O2 DW0 L . 5.64 0.04 6.58
N3 DW0 L . 3.55 0.01 7.43
C4 DW0 L . 2.56 0.72 8.06
C5 DW0 L . 2.75 2.06 8.45
C6 DW0 L . 3.96 2.71 8.20
O6 DW0 L . 4.16 3.87 8.56
N7 DW0 L . 1.64 2.44 9.03
C8 DW0 L . 0.76 1.40 9.01
N9 DW0 L . 1.35 0.34 8.43
N10 DW0 L . 6.53 0.29 9.65
CA0 DW0 L . 7.26 1.59 9.42
CAA DW0 L . 1.35 3.82 9.64
CAB DW0 L . 2.38 0.01 11.67
CAC DW0 L . 3.23 -1.40 7.04
CAD DW0 L . 6.75 -3.52 9.18
OAF DW0 L . 4.77 1.47 10.62
OAH DW0 L . 8.14 -1.13 8.75
CAJ DW0 L . 3.01 -2.34 11.12
CAK DW0 L . 6.26 2.74 7.31
CAL DW0 L . 7.46 1.99 7.94
NAN DW0 L . 4.06 -2.96 10.53
CAP DW0 L . 5.24 0.36 10.29
CAR DW0 L . 7.03 -1.00 9.29
CAT DW0 L . 4.98 -2.05 10.17
CAV DW0 L . 4.48 -0.79 10.54
NAX DW0 L . 3.29 -1.03 11.13
NAZ DW0 L . 6.24 -2.16 9.55
C1 GOL M . -0.92 -34.93 -23.65
O1 GOL M . -0.76 -33.65 -24.21
C2 GOL M . -0.80 -35.01 -22.13
O2 GOL M . 0.48 -35.43 -21.63
C3 GOL M . -1.87 -35.99 -21.67
O3 GOL M . -2.39 -36.69 -22.81
N1 DW0 N . 0.50 -41.07 -21.92
C2 DW0 N . -0.11 -40.45 -20.82
O2 DW0 N . -1.07 -39.70 -21.05
N3 DW0 N . 0.37 -40.66 -19.50
C4 DW0 N . 1.50 -41.52 -19.29
C5 DW0 N . 2.12 -42.19 -20.41
C6 DW0 N . 1.59 -41.96 -21.72
O6 DW0 N . 2.02 -42.46 -22.76
N7 DW0 N . 3.13 -42.92 -19.87
C8 DW0 N . 3.17 -42.72 -18.53
N9 DW0 N . 2.16 -41.89 -18.17
N10 DW0 N . 0.54 -38.90 -26.48
CA0 DW0 N . -0.07 -39.81 -25.48
CAA DW0 N . 4.13 -43.81 -20.59
CAB DW0 N . 4.19 -39.53 -29.21
CAC DW0 N . -0.30 -39.95 -18.35
CAD DW0 N . -0.13 -35.41 -27.97
OAF DW0 N . 2.19 -40.40 -27.00
OAH DW0 N . -1.06 -37.37 -26.02
CAJ DW0 N . 3.26 -37.26 -29.73
CAK DW0 N . -0.04 -40.88 -23.33
CAL DW0 N . 0.76 -39.99 -24.22
NAN DW0 N . 2.24 -36.46 -29.34
CAP DW0 N . 1.68 -39.29 -27.23
CAR DW0 N . -0.06 -37.66 -26.70
CAT DW0 N . 1.58 -37.13 -28.39
CAV DW0 N . 2.19 -38.39 -28.18
NAX DW0 N . 3.21 -38.42 -29.02
NAZ DW0 N . 0.46 -36.74 -27.67
N1 DW0 O . -7.90 -45.20 -20.05
C2 DW0 O . -7.76 -43.93 -20.73
O2 DW0 O . -6.86 -43.16 -20.40
N3 DW0 O . -8.63 -43.56 -21.78
C4 DW0 O . -9.66 -44.44 -22.16
C5 DW0 O . -9.84 -45.67 -21.52
C6 DW0 O . -8.98 -46.08 -20.47
O6 DW0 O . -9.14 -47.18 -19.91
N7 DW0 O . -10.90 -46.20 -22.15
C8 DW0 O . -11.36 -45.37 -23.10
N9 DW0 O . -10.60 -44.27 -23.10
N10 DW0 O . -5.63 -45.80 -21.89
CA0 DW0 O . -5.12 -46.51 -20.66
CAA DW0 O . -11.52 -47.56 -21.87
CAB DW0 O . -9.15 -47.25 -24.58
CAC DW0 O . -8.58 -42.26 -22.52
CAD DW0 O . -5.03 -42.68 -24.07
OAF DW0 O . -7.24 -47.43 -22.23
OAH DW0 O . -4.11 -44.07 -21.79
CAJ DW0 O . -8.25 -45.07 -25.54
CAK DW0 O . -6.98 -45.61 -18.93
CAL DW0 O . -5.47 -45.76 -19.33
NAN DW0 O . -7.31 -44.16 -25.28
CAP DW0 O . -6.72 -46.37 -22.60
CAR DW0 O . -5.05 -44.60 -22.37
CAT DW0 O . -6.65 -44.54 -24.19
CAV DW0 O . -7.22 -45.74 -23.74
NAX DW0 O . -8.21 -46.02 -24.60
NAZ DW0 O . -5.58 -43.95 -23.52
C1 GOL P . -7.44 47.68 14.49
O1 GOL P . -7.99 47.96 15.78
C2 GOL P . -8.18 48.32 13.30
O2 GOL P . -9.41 47.68 13.02
C3 GOL P . -7.34 48.21 12.04
O3 GOL P . -6.02 47.69 12.26
N1 DW0 Q . -7.03 43.92 9.30
C2 DW0 Q . -7.34 45.26 8.95
O2 DW0 Q . -6.81 46.22 9.52
N3 DW0 Q . -8.27 45.49 7.94
C4 DW0 Q . -8.92 44.39 7.29
C5 DW0 Q . -8.61 43.05 7.66
C6 DW0 Q . -7.64 42.83 8.68
O6 DW0 Q . -7.29 41.70 9.05
N7 DW0 Q . -9.39 42.27 6.84
C8 DW0 Q . -10.16 43.06 6.05
N9 DW0 Q . -9.86 44.34 6.30
N10 DW0 Q . -5.70 43.03 14.00
CA0 DW0 Q . -5.34 43.38 12.61
CAA DW0 Q . -9.51 40.78 6.78
CAB DW0 Q . -7.19 38.98 15.54
CAC DW0 Q . -8.57 46.89 7.59
CAD DW0 Q . -5.72 44.68 17.47
OAF DW0 Q . -6.18 40.84 13.29
OAH DW0 Q . -5.15 45.16 14.86
CAJ DW0 Q . -7.04 40.50 17.59
CAK DW0 Q . -5.99 43.71 10.35
CAL DW0 Q . -6.51 43.22 11.67
NAN DW0 Q . -6.70 41.78 17.83
CAP DW0 Q . -6.14 41.66 14.26
CAR DW0 Q . -5.55 44.00 15.06
CAT DW0 Q . -6.33 42.33 16.66
CAV DW0 Q . -6.44 41.36 15.62
NAX DW0 Q . -6.89 40.28 16.23
NAZ DW0 Q . -5.86 43.65 16.38
N1 DW0 R . 0.49 47.50 4.48
C2 DW0 R . 0.11 47.88 5.81
O2 DW0 R . -1.09 47.94 6.14
N3 DW0 R . 1.13 48.14 6.78
C4 DW0 R . 2.47 48.04 6.37
C5 DW0 R . 2.83 47.70 5.07
C6 DW0 R . 1.87 47.41 4.12
O6 DW0 R . 2.19 47.11 2.97
N7 DW0 R . 4.15 47.69 5.04
C8 DW0 R . 4.59 48.03 6.25
N9 DW0 R . 3.57 48.24 7.07
N10 DW0 R . -0.27 44.93 6.16
CA0 DW0 R . -0.44 44.84 4.64
CAA DW0 R . 5.08 47.39 3.85
CAB DW0 R . 3.84 44.90 8.26
CAC DW0 R . 0.86 48.54 8.22
CAD DW0 R . -2.17 45.14 9.56
OAF DW0 R . 2.07 44.84 5.96
OAH DW0 R . -2.53 45.00 6.74
CAJ DW0 R . 2.11 45.04 10.12
CAK DW0 R . -0.53 47.18 3.42
CAL DW0 R . -1.31 45.91 3.91
NAN DW0 R . 0.79 45.09 10.24
CAP DW0 R . 1.07 44.91 6.70
CAR DW0 R . -1.35 45.01 7.11
CAT DW0 R . 0.25 45.06 9.00
CAV DW0 R . 1.31 44.98 8.08
NAX DW0 R . 2.43 44.97 8.81
NAZ DW0 R . -1.07 45.08 8.53
C1 GOL S . -19.32 -9.05 -48.58
O1 GOL S . -19.23 -8.00 -49.52
C2 GOL S . -17.96 -9.52 -48.09
O2 GOL S . -17.38 -10.55 -48.92
C3 GOL S . -18.27 -10.06 -46.66
O3 GOL S . -19.55 -9.67 -46.14
N1 DW0 T . -20.41 -14.64 -45.81
C2 DW0 T . -19.18 -14.08 -45.32
O2 DW0 T . -19.10 -12.89 -45.02
N3 DW0 T . -18.02 -14.90 -45.21
C4 DW0 T . -18.09 -16.26 -45.59
C5 DW0 T . -19.32 -16.83 -46.03
C6 DW0 T . -20.46 -16.01 -46.12
O6 DW0 T . -21.55 -16.40 -46.49
N7 DW0 T . -19.02 -18.15 -46.28
C8 DW0 T . -17.71 -18.39 -46.03
N9 DW0 T . -17.17 -17.24 -45.58
N10 DW0 T . -23.29 -11.21 -48.26
CA0 DW0 T . -22.81 -11.88 -46.99
CAA DW0 T . -19.94 -19.22 -46.78
CAB DW0 T . -25.79 -12.97 -51.68
CAC DW0 T . -16.73 -14.33 -44.76
CAD DW0 T . -23.15 -7.70 -49.96
OAF DW0 T . -24.37 -13.11 -49.07
OAH DW0 T . -22.33 -9.22 -47.61
CAJ DW0 T . -25.35 -10.55 -52.25
CAK DW0 T . -21.69 -13.86 -45.93
CAL DW0 T . -21.74 -12.97 -47.18
NAN DW0 T . -24.71 -9.48 -51.73
CAP DW0 T . -24.07 -11.91 -49.22
CAR DW0 T . -22.97 -9.84 -48.48
CAT DW0 T . -24.18 -9.88 -50.57
CAV DW0 T . -24.49 -11.23 -50.36
NAX DW0 T . -25.21 -11.60 -51.41
NAZ DW0 T . -23.42 -9.16 -49.66
N1 DW0 U . -20.63 -12.87 -36.26
C2 DW0 U . -20.64 -11.84 -37.22
O2 DW0 U . -19.94 -12.00 -38.23
N3 DW0 U . -21.44 -10.68 -37.05
C4 DW0 U . -22.19 -10.55 -35.90
C5 DW0 U . -22.19 -11.57 -34.95
C6 DW0 U . -21.42 -12.72 -35.11
O6 DW0 U . -21.42 -13.60 -34.26
N7 DW0 U . -23.01 -11.15 -34.00
C8 DW0 U . -23.53 -9.93 -34.33
N9 DW0 U . -23.00 -9.57 -35.51
N10 DW0 U . -22.46 -13.99 -38.50
CA0 DW0 U . -21.79 -15.16 -37.83
CAA DW0 U . -23.34 -11.95 -32.70
CAB DW0 U . -25.59 -11.17 -36.58
CAC DW0 U . -21.52 -9.54 -38.05
CAD DW0 U . -22.62 -12.03 -41.85
OAF DW0 U . -23.62 -13.56 -36.58
OAH DW0 U . -21.40 -14.19 -40.56
CAJ DW0 U . -25.20 -10.37 -38.93
CAK DW0 U . -19.80 -14.10 -36.46
CAL DW0 U . -20.26 -14.95 -37.68
NAN DW0 U . -24.47 -10.69 -40.02
CAP DW0 U . -23.39 -13.22 -37.75
CAR DW0 U . -22.20 -13.59 -39.85
CAT DW0 U . -23.77 -11.76 -39.69
CAV DW0 U . -24.03 -12.13 -38.35
NAX DW0 U . -24.93 -11.23 -37.93
NAZ DW0 U . -22.87 -12.47 -40.45
C1 GOL V . 3.00 -19.57 15.91
O1 GOL V . 2.63 -19.93 14.58
C2 GOL V . 2.21 -20.33 16.98
O2 GOL V . 0.87 -19.92 17.01
C3 GOL V . 2.82 -20.15 18.37
O3 GOL V . 3.80 -19.13 18.42
N1 DW0 W . 1.28 -15.88 20.89
C2 DW0 W . 1.30 -17.25 21.28
O2 DW0 W . 2.16 -18.06 20.97
N3 DW0 W . 0.29 -17.74 22.09
C4 DW0 W . -0.81 -16.90 22.52
C5 DW0 W . -0.87 -15.53 22.13
C6 DW0 W . 0.20 -15.01 21.32
O6 DW0 W . 0.23 -13.84 20.92
N7 DW0 W . -2.02 -15.07 22.74
C8 DW0 W . -2.62 -16.06 23.43
N9 DW0 W . -1.88 -17.17 23.30
N10 DW0 W . 2.80 -14.33 16.35
CA0 DW0 W . 3.06 -14.57 17.80
CAA DW0 W . -2.67 -13.72 22.73
CAB DW0 W . 0.51 -10.99 14.01
CAC DW0 W . 0.38 -19.17 22.46
CAD DW0 W . 3.89 -16.01 13.03
OAF DW0 W . 1.58 -12.40 16.75
OAH DW0 W . 4.09 -16.19 15.93
CAJ DW0 W . 1.52 -12.58 12.33
CAK DW0 W . 2.37 -15.33 20.03
CAL DW0 W . 1.87 -15.06 18.61
NAN DW0 W . 2.28 -13.69 12.30
CAP DW0 W . 2.05 -13.19 15.89
CAR DW0 W . 3.43 -15.24 15.45
CAT DW0 W . 2.54 -14.01 13.58
CAV DW0 W . 1.93 -13.08 14.47
NAX DW0 W . 1.31 -12.22 13.63
NAZ DW0 W . 3.28 -15.08 14.05
N1 DW0 X . 8.65 -16.92 26.56
C2 DW0 X . 8.73 -17.34 25.19
O2 DW0 X . 7.76 -17.82 24.61
N3 DW0 X . 9.93 -17.20 24.45
C4 DW0 X . 11.05 -16.66 25.09
C5 DW0 X . 10.97 -16.26 26.43
C6 DW0 X . 9.79 -16.39 27.18
O6 DW0 X . 9.73 -16.03 28.36
N7 DW0 X . 12.20 -15.80 26.73
C8 DW0 X . 13.00 -15.90 25.66
N9 DW0 X . 12.31 -16.44 24.64
N10 DW0 X . 7.30 -14.68 24.92
CA0 DW0 X . 6.74 -14.75 26.33
CAA DW0 X . 12.60 -15.26 28.09
CAB DW0 X . 11.64 -13.33 23.87
CAC DW0 X . 10.05 -17.62 23.01
CAD DW0 X . 6.49 -15.25 21.12
OAF DW0 X . 9.31 -13.93 25.76
OAH DW0 X . 5.37 -15.38 23.77
CAJ DW0 X . 10.52 -13.88 21.69
CAK DW0 X . 7.39 -17.03 27.38
CAL DW0 X . 6.27 -16.13 26.82
NAN DW0 X . 9.34 -14.31 21.25
CAP DW0 X . 8.66 -14.24 24.75
CAR DW0 X . 6.55 -15.01 23.71
CAT DW0 X . 8.54 -14.48 22.32
CAV DW0 X . 9.25 -14.17 23.47
NAX DW0 X . 10.47 -13.79 23.03
NAZ DW0 X . 7.19 -14.92 22.41
#